data_7MPN
#
_entry.id   7MPN
#
_cell.length_a   100.078
_cell.length_b   142.387
_cell.length_c   148.839
_cell.angle_alpha   90.000
_cell.angle_beta   90.000
_cell.angle_gamma   90.000
#
_symmetry.space_group_name_H-M   'P 21 21 21'
#
loop_
_entity.id
_entity.type
_entity.pdbx_description
1 polymer 'NanoRNase C'
2 polymer "5'-phosphorylated GC"
3 water water
#
loop_
_entity_poly.entity_id
_entity_poly.type
_entity_poly.pdbx_seq_one_letter_code
_entity_poly.pdbx_strand_id
1 'polypeptide(L)'
;SMTEIRVHQGDLPNLDNYRIDAVAVDTETLGLQPHRDRLCVVQLSSGDGTADVIQIAKGQKSAPNLVRLLSDRDITKIFH
FGRFDLAILAHTFGVMPDVVFCTKIASKLTRTYTDRHGLKEICGELLNVNISKQQQSSDWAAETLSRAQIEYAASDVLYL
HRLKDIFEERLKREERESVAKACFQFLPMRANLDLLGWSEIDIFAHS
;
A,C,E,G,I,K,M,O
2 'polyribonucleotide' GC B,D,F,H,J,L,N,P
#
# COMPACT_ATOMS: atom_id res chain seq x y z
N THR A 3 -42.61 -0.80 15.77
CA THR A 3 -43.85 -0.19 16.21
C THR A 3 -43.61 0.58 17.52
N GLU A 4 -43.74 -0.10 18.66
CA GLU A 4 -43.59 0.55 19.95
C GLU A 4 -42.13 0.62 20.36
N ILE A 5 -41.65 1.83 20.65
CA ILE A 5 -40.32 2.02 21.22
C ILE A 5 -40.51 2.68 22.58
N ARG A 6 -40.08 2.00 23.64
CA ARG A 6 -40.14 2.51 25.00
C ARG A 6 -38.78 3.04 25.38
N VAL A 7 -38.73 4.30 25.81
CA VAL A 7 -37.48 4.98 26.15
C VAL A 7 -37.39 5.09 27.66
N HIS A 8 -36.24 4.73 28.23
CA HIS A 8 -36.04 4.73 29.67
C HIS A 8 -34.77 5.48 30.03
N GLN A 9 -34.72 5.98 31.26
CA GLN A 9 -33.52 6.58 31.82
C GLN A 9 -32.95 5.62 32.85
N GLY A 10 -31.69 5.23 32.68
CA GLY A 10 -31.03 4.46 33.71
C GLY A 10 -31.18 2.95 33.64
N ASP A 11 -32.41 2.47 33.55
CA ASP A 11 -32.67 1.04 33.62
C ASP A 11 -34.07 0.77 33.08
N LEU A 12 -34.32 -0.49 32.73
CA LEU A 12 -35.69 -0.93 32.58
C LEU A 12 -36.43 -0.75 33.92
N PRO A 13 -37.72 -0.44 33.89
CA PRO A 13 -38.46 -0.38 35.16
C PRO A 13 -38.67 -1.74 35.77
N ASN A 14 -38.73 -2.79 34.95
CA ASN A 14 -38.86 -4.17 35.42
C ASN A 14 -38.56 -5.07 34.24
N LEU A 15 -38.70 -6.38 34.44
CA LEU A 15 -38.45 -7.34 33.39
C LEU A 15 -39.73 -7.97 32.82
N ASP A 16 -40.88 -7.30 32.98
CA ASP A 16 -42.14 -7.91 32.55
C ASP A 16 -42.13 -8.29 31.07
N ASN A 17 -41.38 -7.57 30.24
CA ASN A 17 -41.37 -7.82 28.81
C ASN A 17 -40.24 -8.75 28.39
N TYR A 18 -39.52 -9.36 29.34
CA TYR A 18 -38.32 -10.13 29.01
C TYR A 18 -38.29 -11.48 29.73
N ARG A 19 -39.46 -12.06 30.00
CA ARG A 19 -39.53 -13.47 30.41
C ARG A 19 -39.50 -14.33 29.15
N ILE A 20 -38.30 -14.36 28.55
CA ILE A 20 -38.08 -14.96 27.24
C ILE A 20 -36.77 -15.74 27.30
N ASP A 21 -36.52 -16.55 26.28
CA ASP A 21 -35.30 -17.34 26.26
C ASP A 21 -34.18 -16.71 25.44
N ALA A 22 -34.42 -15.57 24.79
CA ALA A 22 -33.35 -14.88 24.09
C ALA A 22 -33.75 -13.42 23.93
N VAL A 23 -32.78 -12.53 24.09
CA VAL A 23 -33.02 -11.10 24.00
C VAL A 23 -32.03 -10.49 23.03
N ALA A 24 -32.52 -9.61 22.17
CA ALA A 24 -31.67 -8.87 21.24
C ALA A 24 -31.10 -7.64 21.93
N VAL A 25 -29.79 -7.43 21.80
CA VAL A 25 -29.08 -6.38 22.51
C VAL A 25 -28.19 -5.62 21.53
N ASP A 26 -28.15 -4.29 21.68
CA ASP A 26 -27.17 -3.44 21.02
C ASP A 26 -26.85 -2.27 21.95
N THR A 27 -25.77 -1.55 21.66
CA THR A 27 -25.40 -0.39 22.44
C THR A 27 -25.11 0.79 21.52
N GLU A 28 -25.12 1.99 22.11
CA GLU A 28 -24.59 3.19 21.46
C GLU A 28 -23.64 3.85 22.42
N THR A 29 -22.57 4.42 21.89
CA THR A 29 -21.52 5.04 22.68
C THR A 29 -21.08 6.34 22.00
N LEU A 30 -20.08 6.99 22.59
CA LEU A 30 -19.41 8.12 21.98
C LEU A 30 -18.30 7.72 21.02
N GLY A 31 -18.16 6.44 20.70
CA GLY A 31 -17.15 5.99 19.76
C GLY A 31 -16.69 4.58 20.08
N LEU A 32 -15.65 4.15 19.36
CA LEU A 32 -15.26 2.75 19.34
C LEU A 32 -14.29 2.35 20.45
N GLN A 33 -13.84 3.30 21.26
CA GLN A 33 -12.79 3.06 22.24
C GLN A 33 -13.36 3.00 23.66
N PRO A 34 -13.57 1.81 24.22
CA PRO A 34 -14.32 1.71 25.49
C PRO A 34 -13.69 2.46 26.66
N HIS A 35 -12.37 2.64 26.69
CA HIS A 35 -11.76 3.35 27.81
C HIS A 35 -11.93 4.86 27.69
N ARG A 36 -12.20 5.37 26.50
CA ARG A 36 -12.42 6.79 26.26
C ARG A 36 -13.89 7.14 26.05
N ASP A 37 -14.63 6.26 25.36
CA ASP A 37 -15.96 6.55 24.82
C ASP A 37 -17.01 5.83 25.64
N ARG A 38 -17.75 6.59 26.44
CA ARG A 38 -18.63 6.00 27.45
C ARG A 38 -19.85 5.34 26.80
N LEU A 39 -20.45 4.43 27.55
CA LEU A 39 -21.70 3.84 27.14
C LEU A 39 -22.83 4.86 27.30
N CYS A 40 -23.66 5.01 26.25
CA CYS A 40 -24.69 6.04 26.23
C CYS A 40 -26.10 5.47 26.17
N VAL A 41 -26.29 4.39 25.43
CA VAL A 41 -27.59 3.78 25.22
C VAL A 41 -27.42 2.27 25.21
N VAL A 42 -28.39 1.56 25.79
CA VAL A 42 -28.51 0.11 25.61
C VAL A 42 -29.88 -0.16 25.03
N GLN A 43 -29.93 -0.89 23.91
CA GLN A 43 -31.20 -1.23 23.27
C GLN A 43 -31.50 -2.70 23.45
N LEU A 44 -32.79 -3.02 23.63
CA LEU A 44 -33.22 -4.39 23.82
C LEU A 44 -34.50 -4.65 23.03
N SER A 45 -34.68 -5.90 22.60
CA SER A 45 -35.94 -6.34 22.03
C SER A 45 -36.17 -7.80 22.34
N SER A 46 -37.41 -8.14 22.63
CA SER A 46 -37.85 -9.52 22.79
C SER A 46 -38.17 -10.20 21.45
N GLY A 47 -38.07 -9.47 20.34
CA GLY A 47 -38.45 -10.02 19.05
C GLY A 47 -39.90 -9.87 18.69
N ASP A 48 -40.70 -9.17 19.50
CA ASP A 48 -42.12 -9.00 19.22
C ASP A 48 -42.43 -7.73 18.44
N GLY A 49 -41.44 -7.11 17.82
CA GLY A 49 -41.66 -5.88 17.09
C GLY A 49 -41.62 -4.62 17.93
N THR A 50 -41.34 -4.74 19.23
CA THR A 50 -41.15 -3.59 20.10
C THR A 50 -39.72 -3.58 20.62
N ALA A 51 -39.28 -2.42 21.09
CA ALA A 51 -37.92 -2.26 21.56
C ALA A 51 -37.91 -1.36 22.78
N ASP A 52 -36.89 -1.55 23.62
CA ASP A 52 -36.62 -0.70 24.76
C ASP A 52 -35.29 0.00 24.50
N VAL A 53 -35.27 1.31 24.67
CA VAL A 53 -34.08 2.12 24.45
C VAL A 53 -33.77 2.79 25.78
N ILE A 54 -32.66 2.40 26.40
CA ILE A 54 -32.30 2.83 27.76
C ILE A 54 -31.12 3.78 27.66
N GLN A 55 -31.32 5.03 28.08
CA GLN A 55 -30.22 5.99 28.14
C GLN A 55 -29.39 5.75 29.39
N ILE A 56 -28.07 5.75 29.23
CA ILE A 56 -27.12 5.50 30.30
C ILE A 56 -26.39 6.81 30.61
N ALA A 57 -26.41 7.21 31.89
CA ALA A 57 -25.82 8.47 32.30
C ALA A 57 -24.31 8.37 32.37
N LYS A 58 -23.66 9.53 32.21
CA LYS A 58 -22.22 9.61 32.38
C LYS A 58 -21.84 9.10 33.76
N GLY A 59 -20.86 8.19 33.80
CA GLY A 59 -20.40 7.61 35.05
C GLY A 59 -21.30 6.55 35.66
N GLN A 60 -22.42 6.22 35.04
CA GLN A 60 -23.30 5.20 35.59
C GLN A 60 -22.66 3.83 35.48
N LYS A 61 -22.61 3.10 36.59
CA LYS A 61 -21.94 1.81 36.65
C LYS A 61 -22.87 0.66 37.02
N SER A 62 -24.18 0.93 37.12
CA SER A 62 -25.11 -0.10 37.51
C SER A 62 -26.44 0.12 36.78
N ALA A 63 -27.20 -0.96 36.69
CA ALA A 63 -28.50 -0.99 36.02
C ALA A 63 -29.07 -2.38 36.32
N PRO A 64 -29.61 -2.58 37.52
CA PRO A 64 -29.86 -3.95 37.99
C PRO A 64 -30.79 -4.77 37.11
N ASN A 65 -31.85 -4.19 36.56
CA ASN A 65 -32.75 -4.99 35.74
C ASN A 65 -32.08 -5.43 34.44
N LEU A 66 -31.47 -4.49 33.73
CA LEU A 66 -30.66 -4.84 32.56
C LEU A 66 -29.61 -5.89 32.91
N VAL A 67 -28.87 -5.67 34.00
CA VAL A 67 -27.76 -6.55 34.31
C VAL A 67 -28.25 -7.94 34.70
N ARG A 68 -29.44 -8.04 35.31
CA ARG A 68 -30.01 -9.36 35.58
C ARG A 68 -30.23 -10.15 34.29
N LEU A 69 -30.75 -9.49 33.25
CA LEU A 69 -30.90 -10.13 31.95
C LEU A 69 -29.55 -10.57 31.41
N LEU A 70 -28.57 -9.67 31.45
CA LEU A 70 -27.25 -9.95 30.90
C LEU A 70 -26.55 -11.10 31.63
N SER A 71 -26.84 -11.27 32.92
CA SER A 71 -26.20 -12.32 33.71
C SER A 71 -26.97 -13.64 33.67
N ASP A 72 -28.16 -13.66 33.05
CA ASP A 72 -29.06 -14.81 33.14
C ASP A 72 -28.62 -15.89 32.16
N ARG A 73 -27.99 -16.95 32.68
CA ARG A 73 -27.49 -18.02 31.81
C ARG A 73 -28.60 -18.73 31.05
N ASP A 74 -29.87 -18.56 31.45
CA ASP A 74 -30.97 -19.19 30.75
C ASP A 74 -31.49 -18.38 29.58
N ILE A 75 -30.93 -17.19 29.33
CA ILE A 75 -31.38 -16.31 28.26
C ILE A 75 -30.20 -16.04 27.34
N THR A 76 -30.36 -16.39 26.06
CA THR A 76 -29.32 -16.08 25.09
C THR A 76 -29.36 -14.60 24.74
N LYS A 77 -28.20 -13.94 24.80
CA LYS A 77 -28.09 -12.58 24.32
C LYS A 77 -27.69 -12.60 22.85
N ILE A 78 -28.54 -12.05 22.00
CA ILE A 78 -28.31 -11.96 20.57
C ILE A 78 -27.74 -10.59 20.25
N PHE A 79 -26.58 -10.56 19.59
CA PHE A 79 -25.96 -9.33 19.15
C PHE A 79 -25.70 -9.39 17.65
N HIS A 80 -25.50 -8.22 17.05
CA HIS A 80 -24.76 -8.11 15.80
C HIS A 80 -23.41 -7.48 16.11
N PHE A 81 -22.33 -8.25 15.88
CA PHE A 81 -20.98 -7.90 16.33
C PHE A 81 -20.94 -7.67 17.84
N GLY A 82 -21.27 -8.74 18.56
CA GLY A 82 -21.24 -8.73 20.02
C GLY A 82 -19.87 -8.46 20.59
N ARG A 83 -18.81 -8.65 19.79
CA ARG A 83 -17.47 -8.34 20.26
C ARG A 83 -17.41 -6.93 20.83
N PHE A 84 -18.11 -6.00 20.19
CA PHE A 84 -18.12 -4.62 20.69
C PHE A 84 -19.02 -4.47 21.90
N ASP A 85 -20.28 -4.90 21.79
CA ASP A 85 -21.21 -4.69 22.88
C ASP A 85 -20.75 -5.39 24.15
N LEU A 86 -20.23 -6.62 24.02
CA LEU A 86 -19.74 -7.32 25.20
C LEU A 86 -18.65 -6.54 25.92
N ALA A 87 -17.73 -5.93 25.16
CA ALA A 87 -16.66 -5.15 25.78
C ALA A 87 -17.22 -3.97 26.57
N ILE A 88 -18.10 -3.16 25.95
CA ILE A 88 -18.50 -1.94 26.63
C ILE A 88 -19.47 -2.25 27.76
N LEU A 89 -20.32 -3.28 27.61
CA LEU A 89 -21.19 -3.67 28.73
C LEU A 89 -20.38 -4.17 29.92
N ALA A 90 -19.41 -5.04 29.66
CA ALA A 90 -18.58 -5.55 30.75
C ALA A 90 -17.77 -4.44 31.38
N HIS A 91 -17.21 -3.55 30.54
CA HIS A 91 -16.43 -2.43 31.06
C HIS A 91 -17.28 -1.50 31.92
N THR A 92 -18.56 -1.32 31.57
CA THR A 92 -19.39 -0.34 32.26
C THR A 92 -20.04 -0.93 33.50
N PHE A 93 -20.58 -2.14 33.39
CA PHE A 93 -21.41 -2.73 34.44
C PHE A 93 -20.71 -3.82 35.23
N GLY A 94 -19.53 -4.26 34.82
CA GLY A 94 -18.81 -5.26 35.57
C GLY A 94 -19.26 -6.68 35.34
N VAL A 95 -20.08 -6.93 34.33
CA VAL A 95 -20.66 -8.25 34.08
C VAL A 95 -20.47 -8.59 32.62
N MET A 96 -19.95 -9.77 32.35
CA MET A 96 -19.68 -10.24 31.00
C MET A 96 -20.65 -11.37 30.66
N PRO A 97 -21.65 -11.13 29.81
CA PRO A 97 -22.54 -12.23 29.41
C PRO A 97 -21.75 -13.38 28.80
N ASP A 98 -22.22 -14.62 29.06
CA ASP A 98 -21.53 -15.80 28.55
C ASP A 98 -22.45 -16.76 27.76
N VAL A 99 -23.69 -16.37 27.47
CA VAL A 99 -24.55 -17.14 26.57
C VAL A 99 -24.95 -16.19 25.45
N VAL A 100 -24.34 -16.34 24.27
CA VAL A 100 -24.44 -15.33 23.24
C VAL A 100 -24.60 -15.95 21.86
N PHE A 101 -25.19 -15.16 20.96
CA PHE A 101 -25.25 -15.43 19.52
C PHE A 101 -24.89 -14.12 18.83
N CYS A 102 -24.00 -14.19 17.84
CA CYS A 102 -23.58 -13.02 17.07
C CYS A 102 -23.93 -13.23 15.60
N THR A 103 -24.77 -12.33 15.06
CA THR A 103 -25.15 -12.48 13.67
C THR A 103 -24.01 -12.13 12.71
N LYS A 104 -23.03 -11.33 13.13
CA LYS A 104 -21.91 -11.06 12.23
C LYS A 104 -21.07 -12.31 12.05
N ILE A 105 -20.71 -12.99 13.16
CA ILE A 105 -20.00 -14.26 13.05
C ILE A 105 -20.84 -15.27 12.27
N ALA A 106 -22.14 -15.37 12.57
CA ALA A 106 -22.99 -16.29 11.81
C ALA A 106 -22.93 -15.99 10.32
N SER A 107 -22.99 -14.71 9.94
CA SER A 107 -22.93 -14.32 8.53
C SER A 107 -21.62 -14.76 7.89
N LYS A 108 -20.50 -14.57 8.58
CA LYS A 108 -19.23 -15.00 8.00
C LYS A 108 -19.14 -16.51 7.82
N LEU A 109 -19.90 -17.27 8.62
CA LEU A 109 -19.91 -18.72 8.54
C LEU A 109 -20.92 -19.27 7.54
N THR A 110 -21.83 -18.44 7.00
CA THR A 110 -22.90 -18.90 6.12
C THR A 110 -23.01 -18.11 4.82
N ARG A 111 -22.84 -16.80 4.87
CA ARG A 111 -22.90 -15.98 3.65
C ARG A 111 -21.50 -15.93 3.04
N THR A 112 -21.10 -17.10 2.53
CA THR A 112 -19.75 -17.35 2.02
C THR A 112 -19.52 -16.77 0.63
N TYR A 113 -20.56 -16.17 0.04
CA TYR A 113 -20.51 -15.62 -1.31
C TYR A 113 -20.36 -14.11 -1.31
N THR A 114 -19.88 -13.53 -0.21
CA THR A 114 -19.78 -12.08 -0.09
C THR A 114 -18.81 -11.76 1.02
N ASP A 115 -18.27 -10.53 0.97
CA ASP A 115 -17.47 -10.00 2.06
C ASP A 115 -18.18 -8.87 2.79
N ARG A 116 -19.49 -8.67 2.54
CA ARG A 116 -20.25 -7.61 3.17
C ARG A 116 -21.13 -8.23 4.25
N HIS A 117 -20.70 -8.07 5.51
CA HIS A 117 -21.34 -8.68 6.67
C HIS A 117 -21.89 -7.66 7.66
N GLY A 118 -22.13 -6.43 7.22
CA GLY A 118 -22.72 -5.44 8.09
C GLY A 118 -24.22 -5.64 8.30
N LEU A 119 -24.74 -5.02 9.36
CA LEU A 119 -26.15 -5.21 9.72
C LEU A 119 -27.07 -4.77 8.60
N LYS A 120 -26.81 -3.60 8.01
CA LYS A 120 -27.61 -3.10 6.89
C LYS A 120 -27.65 -4.10 5.73
N GLU A 121 -26.48 -4.63 5.34
CA GLU A 121 -26.46 -5.56 4.21
C GLU A 121 -27.22 -6.84 4.53
N ILE A 122 -27.06 -7.36 5.75
CA ILE A 122 -27.73 -8.60 6.13
C ILE A 122 -29.23 -8.41 6.21
N CYS A 123 -29.70 -7.30 6.80
CA CYS A 123 -31.14 -7.06 6.87
C CYS A 123 -31.74 -6.92 5.48
N GLY A 124 -31.05 -6.22 4.58
CA GLY A 124 -31.56 -6.09 3.22
C GLY A 124 -31.70 -7.44 2.54
N GLU A 125 -30.65 -8.27 2.64
CA GLU A 125 -30.62 -9.53 1.90
C GLU A 125 -31.57 -10.55 2.50
N LEU A 126 -31.53 -10.73 3.82
CA LEU A 126 -32.30 -11.83 4.41
C LEU A 126 -33.75 -11.46 4.66
N LEU A 127 -34.04 -10.19 4.95
CA LEU A 127 -35.37 -9.79 5.37
C LEU A 127 -36.03 -8.75 4.48
N ASN A 128 -35.30 -8.18 3.52
CA ASN A 128 -35.80 -7.05 2.75
C ASN A 128 -36.17 -5.88 3.65
N VAL A 129 -35.38 -5.70 4.71
CA VAL A 129 -35.58 -4.61 5.67
C VAL A 129 -34.46 -3.61 5.46
N ASN A 130 -34.82 -2.34 5.32
CA ASN A 130 -33.83 -1.28 5.15
C ASN A 130 -33.45 -0.66 6.49
N ILE A 131 -32.16 -0.72 6.81
CA ILE A 131 -31.59 0.00 7.94
C ILE A 131 -30.98 1.28 7.40
N SER A 132 -31.34 2.42 7.98
CA SER A 132 -30.70 3.70 7.65
C SER A 132 -29.66 4.01 8.70
N LYS A 133 -28.43 4.27 8.28
CA LYS A 133 -27.33 4.48 9.21
C LYS A 133 -26.97 5.95 9.41
N GLN A 134 -27.83 6.88 8.99
CA GLN A 134 -27.48 8.29 9.08
C GLN A 134 -27.15 8.71 10.51
N GLN A 135 -27.88 8.19 11.49
CA GLN A 135 -27.69 8.59 12.89
C GLN A 135 -26.59 7.81 13.61
N GLN A 136 -25.92 6.87 12.94
CA GLN A 136 -24.80 6.18 13.58
C GLN A 136 -23.76 7.18 14.06
N SER A 137 -23.44 8.16 13.22
CA SER A 137 -22.58 9.29 13.60
C SER A 137 -23.47 10.40 14.12
N SER A 138 -23.72 10.38 15.43
CA SER A 138 -24.46 11.44 16.11
C SER A 138 -24.01 11.46 17.56
N ASP A 139 -24.48 12.46 18.30
CA ASP A 139 -24.05 12.60 19.69
C ASP A 139 -24.95 11.72 20.54
N TRP A 140 -24.54 10.47 20.71
CA TRP A 140 -25.32 9.56 21.53
C TRP A 140 -25.33 9.92 23.00
N ALA A 141 -24.51 10.90 23.42
CA ALA A 141 -24.50 11.32 24.82
C ALA A 141 -25.50 12.42 25.11
N ALA A 142 -26.22 12.90 24.09
CA ALA A 142 -27.23 13.93 24.25
C ALA A 142 -28.15 13.61 25.41
N GLU A 143 -28.46 14.64 26.21
CA GLU A 143 -29.43 14.49 27.29
C GLU A 143 -30.77 14.00 26.76
N THR A 144 -31.22 14.53 25.63
CA THR A 144 -32.45 14.11 24.98
C THR A 144 -32.13 13.65 23.56
N LEU A 145 -32.34 12.37 23.28
CA LEU A 145 -32.15 11.85 21.93
C LEU A 145 -33.25 12.34 20.99
N SER A 146 -32.90 12.48 19.72
CA SER A 146 -33.89 12.81 18.71
C SER A 146 -34.72 11.58 18.35
N ARG A 147 -35.88 11.83 17.76
CA ARG A 147 -36.69 10.71 17.29
CA ARG A 147 -36.69 10.70 17.29
C ARG A 147 -35.92 9.85 16.30
N ALA A 148 -35.14 10.48 15.42
CA ALA A 148 -34.38 9.71 14.44
C ALA A 148 -33.32 8.86 15.12
N GLN A 149 -32.66 9.40 16.15
CA GLN A 149 -31.73 8.59 16.93
C GLN A 149 -32.43 7.42 17.58
N ILE A 150 -33.58 7.68 18.21
CA ILE A 150 -34.30 6.63 18.93
C ILE A 150 -34.75 5.54 17.96
N GLU A 151 -35.28 5.93 16.80
CA GLU A 151 -35.76 4.93 15.84
C GLU A 151 -34.59 4.15 15.23
N TYR A 152 -33.49 4.83 14.93
CA TYR A 152 -32.31 4.11 14.46
C TYR A 152 -31.83 3.11 15.51
N ALA A 153 -31.68 3.56 16.75
CA ALA A 153 -31.21 2.69 17.81
C ALA A 153 -32.11 1.46 17.97
N ALA A 154 -33.42 1.67 17.91
CA ALA A 154 -34.36 0.55 17.98
C ALA A 154 -34.18 -0.41 16.82
N SER A 155 -33.91 0.12 15.62
CA SER A 155 -33.79 -0.73 14.44
C SER A 155 -32.62 -1.70 14.55
N ASP A 156 -31.66 -1.42 15.44
CA ASP A 156 -30.53 -2.33 15.61
C ASP A 156 -30.93 -3.62 16.33
N VAL A 157 -32.03 -3.64 17.07
CA VAL A 157 -32.43 -4.83 17.81
C VAL A 157 -33.75 -5.42 17.35
N LEU A 158 -34.53 -4.72 16.50
CA LEU A 158 -35.86 -5.19 16.15
C LEU A 158 -35.85 -6.45 15.28
N TYR A 159 -34.72 -6.76 14.63
CA TYR A 159 -34.69 -7.83 13.65
C TYR A 159 -33.71 -8.95 13.99
N LEU A 160 -33.05 -8.88 15.15
CA LEU A 160 -31.99 -9.86 15.43
C LEU A 160 -32.54 -11.25 15.69
N HIS A 161 -33.75 -11.37 16.25
CA HIS A 161 -34.37 -12.68 16.41
C HIS A 161 -34.60 -13.32 15.05
N ARG A 162 -35.20 -12.56 14.12
CA ARG A 162 -35.48 -13.11 12.79
C ARG A 162 -34.19 -13.49 12.06
N LEU A 163 -33.15 -12.67 12.18
CA LEU A 163 -31.87 -13.03 11.57
C LEU A 163 -31.29 -14.27 12.21
N LYS A 164 -31.37 -14.38 13.54
CA LYS A 164 -30.82 -15.55 14.21
C LYS A 164 -31.49 -16.83 13.72
N ASP A 165 -32.81 -16.78 13.53
CA ASP A 165 -33.53 -17.97 13.07
C ASP A 165 -33.06 -18.42 11.68
N ILE A 166 -32.87 -17.46 10.76
CA ILE A 166 -32.37 -17.84 9.44
C ILE A 166 -30.94 -18.38 9.52
N PHE A 167 -30.07 -17.71 10.29
CA PHE A 167 -28.68 -18.15 10.35
C PHE A 167 -28.58 -19.53 10.97
N GLU A 168 -29.39 -19.82 11.98
CA GLU A 168 -29.43 -21.16 12.55
C GLU A 168 -29.86 -22.21 11.51
N GLU A 169 -30.84 -21.87 10.65
CA GLU A 169 -31.18 -22.77 9.54
C GLU A 169 -29.97 -23.03 8.66
N ARG A 170 -29.24 -21.96 8.31
CA ARG A 170 -28.09 -22.11 7.42
C ARG A 170 -26.96 -22.88 8.08
N LEU A 171 -26.68 -22.61 9.35
CA LEU A 171 -25.62 -23.32 10.07
C LEU A 171 -25.91 -24.82 10.13
N LYS A 172 -27.18 -25.19 10.33
CA LYS A 172 -27.59 -26.59 10.28
C LYS A 172 -27.40 -27.15 8.88
N ARG A 173 -27.89 -26.44 7.87
CA ARG A 173 -27.83 -26.91 6.49
C ARG A 173 -26.40 -27.19 6.05
N GLU A 174 -25.45 -26.33 6.43
CA GLU A 174 -24.06 -26.52 6.01
C GLU A 174 -23.21 -27.22 7.07
N GLU A 175 -23.84 -27.66 8.17
CA GLU A 175 -23.19 -28.53 9.16
C GLU A 175 -22.06 -27.80 9.89
N ARG A 176 -22.35 -26.57 10.30
CA ARG A 176 -21.37 -25.73 10.98
C ARG A 176 -21.83 -25.30 12.38
N GLU A 177 -22.77 -26.04 12.98
CA GLU A 177 -23.27 -25.60 14.28
C GLU A 177 -22.20 -25.64 15.34
N SER A 178 -21.39 -26.71 15.36
CA SER A 178 -20.35 -26.80 16.38
C SER A 178 -19.30 -25.72 16.20
N VAL A 179 -19.01 -25.37 14.94
CA VAL A 179 -18.07 -24.29 14.66
C VAL A 179 -18.59 -22.98 15.24
N ALA A 180 -19.84 -22.64 14.93
CA ALA A 180 -20.41 -21.39 15.41
C ALA A 180 -20.46 -21.35 16.94
N LYS A 181 -20.84 -22.47 17.56
CA LYS A 181 -20.91 -22.53 19.02
C LYS A 181 -19.55 -22.23 19.65
N ALA A 182 -18.48 -22.79 19.07
CA ALA A 182 -17.14 -22.54 19.61
C ALA A 182 -16.74 -21.09 19.45
N CYS A 183 -17.12 -20.47 18.33
CA CYS A 183 -16.82 -19.05 18.15
C CYS A 183 -17.57 -18.21 19.17
N PHE A 184 -18.87 -18.47 19.34
CA PHE A 184 -19.65 -17.76 20.35
C PHE A 184 -19.08 -17.96 21.74
N GLN A 185 -18.56 -19.14 22.04
CA GLN A 185 -18.00 -19.38 23.37
C GLN A 185 -16.74 -18.57 23.62
N PHE A 186 -15.93 -18.34 22.59
CA PHE A 186 -14.72 -17.54 22.78
C PHE A 186 -15.00 -16.05 22.75
N LEU A 187 -16.13 -15.64 22.18
CA LEU A 187 -16.41 -14.21 21.98
C LEU A 187 -16.28 -13.35 23.24
N PRO A 188 -16.80 -13.75 24.41
CA PRO A 188 -16.57 -12.90 25.60
C PRO A 188 -15.10 -12.70 25.90
N MET A 189 -14.27 -13.72 25.68
CA MET A 189 -12.84 -13.55 25.95
C MET A 189 -12.16 -12.71 24.88
N ARG A 190 -12.66 -12.75 23.64
CA ARG A 190 -12.14 -11.85 22.62
C ARG A 190 -12.49 -10.41 22.97
N ALA A 191 -13.67 -10.17 23.55
CA ALA A 191 -14.01 -8.85 24.04
C ALA A 191 -13.11 -8.44 25.22
N ASN A 192 -12.87 -9.36 26.15
CA ASN A 192 -11.96 -9.07 27.25
CA ASN A 192 -11.94 -9.09 27.25
C ASN A 192 -10.56 -8.72 26.73
N LEU A 193 -10.08 -9.47 25.73
CA LEU A 193 -8.77 -9.18 25.13
C LEU A 193 -8.73 -7.75 24.59
N ASP A 194 -9.83 -7.29 24.00
CA ASP A 194 -9.87 -5.91 23.53
C ASP A 194 -9.68 -4.95 24.69
N LEU A 195 -10.40 -5.18 25.80
CA LEU A 195 -10.34 -4.29 26.95
C LEU A 195 -8.95 -4.25 27.56
N LEU A 196 -8.26 -5.39 27.56
CA LEU A 196 -6.95 -5.49 28.19
C LEU A 196 -5.82 -4.93 27.34
N GLY A 197 -6.09 -4.58 26.08
CA GLY A 197 -5.07 -3.96 25.25
C GLY A 197 -4.69 -4.70 23.96
N TRP A 198 -5.42 -5.73 23.58
CA TRP A 198 -5.14 -6.47 22.34
C TRP A 198 -6.16 -6.19 21.24
N SER A 199 -6.85 -5.04 21.28
CA SER A 199 -7.91 -4.76 20.31
C SER A 199 -7.41 -4.72 18.87
N GLU A 200 -6.11 -4.48 18.64
CA GLU A 200 -5.57 -4.41 17.28
C GLU A 200 -4.84 -5.69 16.87
N ILE A 201 -4.91 -6.73 17.68
CA ILE A 201 -4.15 -7.96 17.47
C ILE A 201 -5.10 -9.12 17.23
N ASP A 202 -4.92 -9.81 16.10
CA ASP A 202 -5.52 -11.13 15.90
C ASP A 202 -4.65 -12.11 16.68
N ILE A 203 -5.16 -12.51 17.85
CA ILE A 203 -4.34 -13.31 18.77
C ILE A 203 -3.96 -14.66 18.15
N PHE A 204 -4.70 -15.13 17.14
CA PHE A 204 -4.42 -16.43 16.52
C PHE A 204 -3.55 -16.34 15.27
N ALA A 205 -3.14 -15.15 14.86
CA ALA A 205 -2.36 -15.00 13.63
C ALA A 205 -0.90 -15.41 13.84
N HIS A 206 -0.27 -15.87 12.76
CA HIS A 206 1.15 -16.27 12.83
C HIS A 206 2.03 -15.06 13.07
N SER A 207 1.74 -13.95 12.41
CA SER A 207 2.47 -12.71 12.61
C SER A 207 1.53 -11.52 12.50
N MET C 2 -26.86 19.49 -34.17
CA MET C 2 -26.71 20.90 -34.53
C MET C 2 -25.23 21.26 -34.68
N THR C 3 -24.35 20.37 -34.24
CA THR C 3 -22.90 20.54 -34.39
C THR C 3 -22.48 19.92 -35.72
N GLU C 4 -21.87 20.71 -36.60
CA GLU C 4 -21.38 20.18 -37.87
C GLU C 4 -20.12 19.36 -37.62
N ILE C 5 -20.22 18.05 -37.84
CA ILE C 5 -19.09 17.15 -37.74
C ILE C 5 -18.92 16.50 -39.11
N ARG C 6 -17.82 16.81 -39.78
CA ARG C 6 -17.50 16.22 -41.07
C ARG C 6 -16.69 14.95 -40.83
N VAL C 7 -17.15 13.83 -41.35
CA VAL C 7 -16.47 12.54 -41.19
C VAL C 7 -15.76 12.18 -42.49
N HIS C 8 -14.48 11.82 -42.38
CA HIS C 8 -13.68 11.46 -43.54
C HIS C 8 -13.06 10.08 -43.33
N GLN C 9 -12.73 9.45 -44.45
CA GLN C 9 -11.98 8.19 -44.46
C GLN C 9 -10.58 8.49 -45.00
N GLY C 10 -9.55 8.11 -44.24
CA GLY C 10 -8.18 8.25 -44.70
C GLY C 10 -7.46 9.58 -44.44
N ASP C 11 -8.09 10.68 -44.86
CA ASP C 11 -7.44 11.98 -44.83
C ASP C 11 -8.52 13.04 -44.98
N LEU C 12 -8.17 14.27 -44.61
CA LEU C 12 -8.95 15.40 -45.08
C LEU C 12 -8.91 15.44 -46.61
N PRO C 13 -9.96 15.94 -47.25
CA PRO C 13 -9.89 16.11 -48.71
C PRO C 13 -9.02 17.28 -49.15
N ASN C 14 -8.88 18.28 -48.29
CA ASN C 14 -8.06 19.46 -48.56
C ASN C 14 -7.89 20.18 -47.23
N LEU C 15 -7.18 21.32 -47.27
CA LEU C 15 -6.95 22.11 -46.05
C LEU C 15 -7.76 23.40 -46.05
N ASP C 16 -8.84 23.49 -46.82
CA ASP C 16 -9.57 24.76 -46.94
C ASP C 16 -10.08 25.27 -45.61
N ASN C 17 -10.35 24.39 -44.66
CA ASN C 17 -10.87 24.81 -43.36
C ASN C 17 -9.76 25.03 -42.33
N TYR C 18 -8.50 24.93 -42.73
CA TYR C 18 -7.39 24.93 -41.78
C TYR C 18 -6.28 25.88 -42.21
N ARG C 19 -6.65 27.01 -42.83
CA ARG C 19 -5.74 28.13 -43.03
C ARG C 19 -5.81 29.03 -41.79
N ILE C 20 -5.29 28.50 -40.69
CA ILE C 20 -5.43 29.09 -39.36
C ILE C 20 -4.10 29.01 -38.64
N ASP C 21 -3.99 29.74 -37.53
CA ASP C 21 -2.75 29.80 -36.76
CA ASP C 21 -2.73 29.78 -36.79
C ASP C 21 -2.61 28.68 -35.73
N ALA C 22 -3.70 28.00 -35.40
CA ALA C 22 -3.64 26.94 -34.41
C ALA C 22 -4.80 25.98 -34.63
N VAL C 23 -4.52 24.67 -34.53
CA VAL C 23 -5.49 23.63 -34.79
C VAL C 23 -5.60 22.73 -33.57
N ALA C 24 -6.83 22.38 -33.19
CA ALA C 24 -7.05 21.45 -32.09
C ALA C 24 -7.04 20.02 -32.62
N VAL C 25 -6.29 19.15 -31.94
CA VAL C 25 -6.10 17.77 -32.38
C VAL C 25 -6.37 16.83 -31.20
N ASP C 26 -7.04 15.70 -31.49
CA ASP C 26 -7.08 14.55 -30.59
C ASP C 26 -7.02 13.28 -31.44
N THR C 27 -6.78 12.14 -30.79
CA THR C 27 -6.81 10.84 -31.45
C THR C 27 -7.71 9.87 -30.70
N GLU C 28 -8.14 8.82 -31.41
CA GLU C 28 -8.74 7.65 -30.80
C GLU C 28 -8.01 6.42 -31.32
N THR C 29 -7.82 5.44 -30.43
CA THR C 29 -7.06 4.23 -30.73
C THR C 29 -7.78 3.03 -30.14
N LEU C 30 -7.19 1.85 -30.33
CA LEU C 30 -7.63 0.64 -29.62
C LEU C 30 -7.06 0.53 -28.20
N GLY C 31 -6.34 1.52 -27.71
CA GLY C 31 -5.85 1.48 -26.34
C GLY C 31 -4.63 2.36 -26.14
N LEU C 32 -4.08 2.28 -24.93
CA LEU C 32 -3.02 3.18 -24.51
C LEU C 32 -1.62 2.75 -24.97
N GLN C 33 -1.47 1.59 -25.62
CA GLN C 33 -0.14 1.09 -25.96
C GLN C 33 0.13 1.23 -27.46
N PRO C 34 0.93 2.22 -27.88
CA PRO C 34 1.03 2.52 -29.33
C PRO C 34 1.61 1.40 -30.17
N HIS C 35 2.42 0.51 -29.61
CA HIS C 35 2.95 -0.59 -30.42
C HIS C 35 1.94 -1.73 -30.58
N ARG C 36 0.93 -1.81 -29.72
CA ARG C 36 -0.10 -2.81 -29.84
C ARG C 36 -1.41 -2.28 -30.39
N ASP C 37 -1.75 -1.02 -30.06
CA ASP C 37 -3.09 -0.44 -30.21
C ASP C 37 -3.05 0.64 -31.30
N ARG C 38 -3.62 0.31 -32.47
CA ARG C 38 -3.41 1.14 -33.65
C ARG C 38 -4.20 2.46 -33.58
N LEU C 39 -3.72 3.44 -34.34
CA LEU C 39 -4.46 4.67 -34.53
C LEU C 39 -5.74 4.39 -35.31
N CYS C 40 -6.87 4.85 -34.78
CA CYS C 40 -8.15 4.60 -35.40
C CYS C 40 -8.81 5.86 -35.92
N VAL C 41 -8.67 6.97 -35.21
CA VAL C 41 -9.36 8.21 -35.57
C VAL C 41 -8.41 9.36 -35.26
N VAL C 42 -8.43 10.39 -36.11
CA VAL C 42 -7.81 11.67 -35.79
C VAL C 42 -8.88 12.75 -35.90
N GLN C 43 -9.03 13.55 -34.85
CA GLN C 43 -10.02 14.62 -34.83
C GLN C 43 -9.34 15.98 -34.89
N LEU C 44 -9.98 16.91 -35.61
CA LEU C 44 -9.46 18.25 -35.76
C LEU C 44 -10.61 19.25 -35.62
N SER C 45 -10.29 20.42 -35.07
CA SER C 45 -11.20 21.54 -35.11
C SER C 45 -10.40 22.81 -35.32
N SER C 46 -10.99 23.76 -36.04
CA SER C 46 -10.40 25.07 -36.22
C SER C 46 -10.75 26.03 -35.09
N GLY C 47 -11.56 25.59 -34.13
CA GLY C 47 -12.10 26.49 -33.13
C GLY C 47 -13.41 27.18 -33.49
N ASP C 48 -14.02 26.82 -34.61
CA ASP C 48 -15.21 27.53 -35.10
C ASP C 48 -16.51 26.82 -34.76
N GLY C 49 -16.49 25.87 -33.83
CA GLY C 49 -17.70 25.13 -33.52
C GLY C 49 -17.97 23.95 -34.41
N THR C 50 -17.10 23.64 -35.37
CA THR C 50 -17.21 22.47 -36.22
C THR C 50 -15.96 21.60 -36.06
N ALA C 51 -16.09 20.33 -36.43
CA ALA C 51 -14.99 19.39 -36.27
C ALA C 51 -14.92 18.47 -37.48
N ASP C 52 -13.72 17.93 -37.70
CA ASP C 52 -13.44 16.92 -38.70
C ASP C 52 -13.01 15.65 -37.98
N VAL C 53 -13.65 14.53 -38.32
CA VAL C 53 -13.37 13.25 -37.71
C VAL C 53 -12.87 12.34 -38.82
N ILE C 54 -11.60 11.92 -38.74
CA ILE C 54 -10.93 11.18 -39.80
C ILE C 54 -10.68 9.76 -39.35
N GLN C 55 -11.30 8.80 -40.03
CA GLN C 55 -11.02 7.40 -39.72
C GLN C 55 -9.73 6.96 -40.39
N ILE C 56 -8.85 6.32 -39.62
CA ILE C 56 -7.56 5.83 -40.08
C ILE C 56 -7.66 4.32 -40.19
N ALA C 57 -7.31 3.79 -41.36
CA ALA C 57 -7.47 2.36 -41.58
C ALA C 57 -6.33 1.58 -40.93
N LYS C 58 -6.60 0.31 -40.67
CA LYS C 58 -5.58 -0.61 -40.19
C LYS C 58 -4.39 -0.62 -41.15
N GLY C 59 -3.20 -0.39 -40.60
CA GLY C 59 -1.99 -0.39 -41.39
C GLY C 59 -1.71 0.88 -42.18
N GLN C 60 -2.58 1.89 -42.10
CA GLN C 60 -2.39 3.13 -42.84
C GLN C 60 -1.20 3.89 -42.28
N LYS C 61 -0.28 4.29 -43.15
CA LYS C 61 0.95 4.96 -42.74
C LYS C 61 1.07 6.39 -43.27
N SER C 62 0.06 6.88 -43.97
CA SER C 62 0.15 8.19 -44.59
C SER C 62 -1.22 8.82 -44.60
N ALA C 63 -1.22 10.14 -44.71
CA ALA C 63 -2.38 11.01 -44.65
C ALA C 63 -1.90 12.41 -45.01
N PRO C 64 -1.63 12.67 -46.30
CA PRO C 64 -0.80 13.84 -46.63
C PRO C 64 -1.36 15.18 -46.17
N ASN C 65 -2.68 15.38 -46.22
CA ASN C 65 -3.22 16.68 -45.83
C ASN C 65 -3.12 16.86 -44.31
N LEU C 66 -3.56 15.85 -43.54
CA LEU C 66 -3.37 15.88 -42.11
C LEU C 66 -1.90 16.11 -41.75
N VAL C 67 -0.99 15.38 -42.41
CA VAL C 67 0.42 15.43 -42.03
C VAL C 67 1.05 16.76 -42.41
N ARG C 68 0.58 17.39 -43.49
CA ARG C 68 1.03 18.76 -43.78
C ARG C 68 0.70 19.70 -42.61
N LEU C 69 -0.52 19.62 -42.07
CA LEU C 69 -0.89 20.42 -40.91
C LEU C 69 0.02 20.11 -39.73
N LEU C 70 0.22 18.82 -39.46
CA LEU C 70 1.01 18.40 -38.30
C LEU C 70 2.46 18.84 -38.42
N SER C 71 2.95 19.01 -39.65
CA SER C 71 4.33 19.40 -39.88
C SER C 71 4.50 20.91 -40.03
N ASP C 72 3.41 21.66 -40.11
CA ASP C 72 3.48 23.09 -40.41
C ASP C 72 3.91 23.84 -39.15
N ARG C 73 5.15 24.35 -39.13
CA ARG C 73 5.64 25.04 -37.94
C ARG C 73 4.97 26.39 -37.72
N ASP C 74 4.24 26.90 -38.70
CA ASP C 74 3.49 28.14 -38.51
C ASP C 74 2.13 27.90 -37.85
N ILE C 75 1.79 26.66 -37.51
CA ILE C 75 0.49 26.34 -36.94
C ILE C 75 0.70 25.59 -35.64
N THR C 76 0.20 26.14 -34.53
CA THR C 76 0.29 25.46 -33.26
C THR C 76 -0.73 24.32 -33.21
N LYS C 77 -0.28 23.14 -32.80
CA LYS C 77 -1.17 22.03 -32.57
C LYS C 77 -1.57 22.04 -31.11
N ILE C 78 -2.86 22.23 -30.85
CA ILE C 78 -3.38 22.25 -29.49
C ILE C 78 -3.87 20.86 -29.14
N PHE C 79 -3.40 20.33 -28.01
CA PHE C 79 -3.81 19.03 -27.53
C PHE C 79 -4.30 19.15 -26.09
N HIS C 80 -5.08 18.16 -25.67
CA HIS C 80 -5.21 17.85 -24.26
C HIS C 80 -4.50 16.53 -23.99
N PHE C 81 -3.42 16.58 -23.21
CA PHE C 81 -2.47 15.47 -23.03
C PHE C 81 -1.89 15.02 -24.37
N GLY C 82 -1.18 15.96 -24.99
CA GLY C 82 -0.52 15.72 -26.26
C GLY C 82 0.57 14.67 -26.16
N ARG C 83 1.04 14.38 -24.94
CA ARG C 83 2.03 13.32 -24.76
C ARG C 83 1.57 12.03 -25.43
N PHE C 84 0.27 11.73 -25.32
CA PHE C 84 -0.25 10.52 -25.95
C PHE C 84 -0.44 10.72 -27.45
N ASP C 85 -1.07 11.82 -27.85
CA ASP C 85 -1.37 12.02 -29.27
C ASP C 85 -0.08 12.15 -30.08
N LEU C 86 0.92 12.86 -29.53
CA LEU C 86 2.18 13.00 -30.26
C LEU C 86 2.85 11.65 -30.50
N ALA C 87 2.73 10.74 -29.54
CA ALA C 87 3.33 9.41 -29.70
C ALA C 87 2.64 8.62 -30.80
N ILE C 88 1.31 8.52 -30.75
CA ILE C 88 0.65 7.64 -31.72
C ILE C 88 0.73 8.25 -33.11
N LEU C 89 0.67 9.59 -33.21
CA LEU C 89 0.80 10.23 -34.52
C LEU C 89 2.21 10.05 -35.10
N ALA C 90 3.24 10.25 -34.30
CA ALA C 90 4.58 10.05 -34.82
C ALA C 90 4.81 8.58 -35.15
N HIS C 91 4.35 7.68 -34.28
CA HIS C 91 4.49 6.26 -34.54
C HIS C 91 3.79 5.86 -35.83
N THR C 92 2.64 6.47 -36.13
CA THR C 92 1.83 6.01 -37.27
C THR C 92 2.25 6.66 -38.57
N PHE C 93 2.52 7.96 -38.56
CA PHE C 93 2.78 8.72 -39.76
C PHE C 93 4.23 9.14 -39.95
N GLY C 94 5.10 8.91 -38.98
CA GLY C 94 6.51 9.22 -39.14
C GLY C 94 6.88 10.67 -38.94
N VAL C 95 5.97 11.51 -38.47
CA VAL C 95 6.20 12.94 -38.26
C VAL C 95 5.87 13.29 -36.83
N MET C 96 6.78 13.99 -36.17
CA MET C 96 6.57 14.45 -34.80
C MET C 96 6.34 15.95 -34.81
N PRO C 97 5.12 16.42 -34.55
CA PRO C 97 4.89 17.87 -34.45
C PRO C 97 5.79 18.49 -33.39
N ASP C 98 6.21 19.75 -33.63
CA ASP C 98 7.11 20.42 -32.71
C ASP C 98 6.67 21.84 -32.32
N VAL C 99 5.45 22.24 -32.64
CA VAL C 99 4.86 23.50 -32.18
C VAL C 99 3.54 23.13 -31.54
N VAL C 100 3.51 23.07 -30.20
CA VAL C 100 2.40 22.43 -29.50
C VAL C 100 2.00 23.22 -28.26
N PHE C 101 0.73 23.06 -27.88
CA PHE C 101 0.16 23.55 -26.62
C PHE C 101 -0.62 22.39 -26.01
N CYS C 102 -0.39 22.12 -24.72
CA CYS C 102 -1.08 21.04 -24.01
C CYS C 102 -1.89 21.62 -22.87
N THR C 103 -3.23 21.45 -22.94
CA THR C 103 -4.10 21.95 -21.88
C THR C 103 -3.97 21.17 -20.58
N LYS C 104 -3.53 19.91 -20.61
CA LYS C 104 -3.29 19.20 -19.35
C LYS C 104 -2.09 19.78 -18.60
N ILE C 105 -0.97 19.97 -19.30
CA ILE C 105 0.17 20.63 -18.67
C ILE C 105 -0.20 22.04 -18.21
N ALA C 106 -0.92 22.78 -19.04
CA ALA C 106 -1.32 24.14 -18.67
C ALA C 106 -2.18 24.14 -17.41
N SER C 107 -3.11 23.19 -17.32
CA SER C 107 -3.93 23.06 -16.13
C SER C 107 -3.09 22.76 -14.90
N LYS C 108 -2.12 21.85 -15.00
CA LYS C 108 -1.27 21.54 -13.85
C LYS C 108 -0.46 22.76 -13.42
N LEU C 109 -0.20 23.69 -14.34
CA LEU C 109 0.57 24.88 -14.02
C LEU C 109 -0.27 26.07 -13.59
N THR C 110 -1.60 25.98 -13.70
CA THR C 110 -2.48 27.09 -13.35
C THR C 110 -3.56 26.73 -12.35
N ARG C 111 -4.17 25.56 -12.51
CA ARG C 111 -5.24 25.13 -11.60
C ARG C 111 -4.61 24.41 -10.41
N THR C 112 -3.91 25.21 -9.61
CA THR C 112 -3.07 24.76 -8.51
C THR C 112 -3.87 24.34 -7.28
N TYR C 113 -5.20 24.47 -7.35
CA TYR C 113 -6.09 24.16 -6.25
C TYR C 113 -6.79 22.81 -6.40
N THR C 114 -6.25 21.92 -7.22
CA THR C 114 -6.97 20.69 -7.54
C THR C 114 -5.97 19.70 -8.12
N ASP C 115 -6.25 18.41 -7.93
CA ASP C 115 -5.50 17.36 -8.61
C ASP C 115 -6.30 16.75 -9.77
N ARG C 116 -7.43 17.35 -10.14
CA ARG C 116 -8.28 16.84 -11.22
C ARG C 116 -8.04 17.70 -12.46
N HIS C 117 -7.22 17.15 -13.38
CA HIS C 117 -6.80 17.83 -14.60
C HIS C 117 -7.28 17.11 -15.86
N GLY C 118 -8.34 16.33 -15.77
CA GLY C 118 -8.88 15.69 -16.96
C GLY C 118 -9.69 16.65 -17.81
N LEU C 119 -9.91 16.23 -19.07
CA LEU C 119 -10.58 17.14 -20.01
C LEU C 119 -12.00 17.45 -19.58
N LYS C 120 -12.73 16.45 -19.06
CA LYS C 120 -14.10 16.69 -18.61
C LYS C 120 -14.14 17.68 -17.44
N GLU C 121 -13.29 17.48 -16.43
CA GLU C 121 -13.29 18.40 -15.30
C GLU C 121 -12.97 19.82 -15.72
N ILE C 122 -12.01 19.98 -16.64
CA ILE C 122 -11.59 21.31 -17.08
C ILE C 122 -12.66 21.97 -17.92
N CYS C 123 -13.30 21.22 -18.82
CA CYS C 123 -14.39 21.79 -19.61
C CYS C 123 -15.54 22.25 -18.72
N GLY C 124 -15.91 21.43 -17.73
CA GLY C 124 -16.95 21.84 -16.81
C GLY C 124 -16.59 23.09 -16.04
N GLU C 125 -15.37 23.14 -15.53
CA GLU C 125 -14.97 24.24 -14.64
C GLU C 125 -14.77 25.54 -15.41
N LEU C 126 -14.05 25.49 -16.53
CA LEU C 126 -13.72 26.74 -17.21
C LEU C 126 -14.80 27.21 -18.17
N LEU C 127 -15.58 26.28 -18.74
CA LEU C 127 -16.54 26.62 -19.78
C LEU C 127 -17.98 26.27 -19.44
N ASN C 128 -18.21 25.54 -18.35
CA ASN C 128 -19.55 25.00 -18.05
C ASN C 128 -20.04 24.12 -19.20
N VAL C 129 -19.12 23.33 -19.74
CA VAL C 129 -19.41 22.44 -20.86
C VAL C 129 -19.28 21.01 -20.37
N ASN C 130 -20.29 20.20 -20.68
CA ASN C 130 -20.34 18.83 -20.21
C ASN C 130 -19.77 17.89 -21.29
N ILE C 131 -18.67 17.21 -20.95
CA ILE C 131 -18.09 16.15 -21.76
C ILE C 131 -18.63 14.82 -21.24
N SER C 132 -19.25 14.02 -22.10
CA SER C 132 -19.74 12.71 -21.72
C SER C 132 -18.74 11.66 -22.19
N LYS C 133 -18.15 10.92 -21.25
CA LYS C 133 -17.07 9.98 -21.55
C LYS C 133 -17.56 8.57 -21.86
N GLN C 134 -18.88 8.35 -21.98
CA GLN C 134 -19.41 7.00 -22.15
C GLN C 134 -18.71 6.24 -23.29
N GLN C 135 -18.47 6.92 -24.42
CA GLN C 135 -17.92 6.25 -25.60
C GLN C 135 -16.39 6.13 -25.59
N GLN C 136 -15.71 6.65 -24.57
CA GLN C 136 -14.24 6.50 -24.53
C GLN C 136 -13.84 5.04 -24.57
N SER C 137 -14.59 4.19 -23.88
CA SER C 137 -14.41 2.73 -23.94
C SER C 137 -15.39 2.18 -24.98
N SER C 138 -14.96 2.16 -26.24
CA SER C 138 -15.74 1.60 -27.34
C SER C 138 -14.78 1.15 -28.41
N ASP C 139 -15.31 0.49 -29.44
CA ASP C 139 -14.46 -0.05 -30.51
C ASP C 139 -14.20 1.04 -31.55
N TRP C 140 -13.12 1.80 -31.34
CA TRP C 140 -12.74 2.85 -32.27
C TRP C 140 -12.24 2.33 -33.62
N ALA C 141 -11.99 1.04 -33.74
CA ALA C 141 -11.62 0.47 -35.03
C ALA C 141 -12.83 0.06 -35.85
N ALA C 142 -14.03 0.23 -35.32
CA ALA C 142 -15.26 -0.11 -36.05
C ALA C 142 -15.22 0.50 -37.45
N GLU C 143 -15.69 -0.27 -38.43
CA GLU C 143 -15.69 0.21 -39.80
C GLU C 143 -16.55 1.46 -39.93
N THR C 144 -17.73 1.44 -39.33
CA THR C 144 -18.61 2.59 -39.24
C THR C 144 -18.76 2.96 -37.78
N LEU C 145 -18.36 4.17 -37.41
CA LEU C 145 -18.55 4.66 -36.05
C LEU C 145 -20.01 5.01 -35.83
N SER C 146 -20.45 4.84 -34.58
CA SER C 146 -21.80 5.26 -34.21
C SER C 146 -21.88 6.78 -34.10
N ARG C 147 -23.11 7.31 -34.16
CA ARG C 147 -23.28 8.74 -33.98
C ARG C 147 -22.75 9.18 -32.61
N ALA C 148 -22.98 8.37 -31.58
CA ALA C 148 -22.47 8.71 -30.26
C ALA C 148 -20.94 8.76 -30.25
N GLN C 149 -20.29 7.78 -30.87
CA GLN C 149 -18.83 7.79 -30.97
C GLN C 149 -18.35 9.05 -31.70
N ILE C 150 -19.01 9.37 -32.82
CA ILE C 150 -18.59 10.51 -33.61
C ILE C 150 -18.75 11.79 -32.82
N GLU C 151 -19.87 11.94 -32.12
CA GLU C 151 -20.09 13.18 -31.36
C GLU C 151 -19.11 13.29 -30.20
N TYR C 152 -18.81 12.18 -29.55
CA TYR C 152 -17.83 12.20 -28.46
C TYR C 152 -16.46 12.61 -28.98
N ALA C 153 -15.98 11.93 -30.02
CA ALA C 153 -14.68 12.26 -30.60
C ALA C 153 -14.59 13.74 -30.96
N ALA C 154 -15.65 14.28 -31.59
CA ALA C 154 -15.68 15.70 -31.92
C ALA C 154 -15.59 16.56 -30.67
N SER C 155 -16.22 16.11 -29.59
CA SER C 155 -16.21 16.92 -28.36
C SER C 155 -14.82 17.05 -27.76
N ASP C 156 -13.91 16.14 -28.11
CA ASP C 156 -12.55 16.23 -27.59
C ASP C 156 -11.80 17.41 -28.18
N VAL C 157 -12.22 17.92 -29.34
CA VAL C 157 -11.49 19.00 -30.01
C VAL C 157 -12.31 20.28 -30.14
N LEU C 158 -13.60 20.28 -29.80
CA LEU C 158 -14.40 21.47 -30.08
C LEU C 158 -14.05 22.64 -29.17
N TYR C 159 -13.42 22.40 -28.02
CA TYR C 159 -13.27 23.43 -27.01
C TYR C 159 -11.82 23.78 -26.70
N LEU C 160 -10.85 23.16 -27.38
CA LEU C 160 -9.46 23.33 -26.98
C LEU C 160 -8.96 24.74 -27.26
N HIS C 161 -9.46 25.40 -28.30
CA HIS C 161 -9.09 26.80 -28.53
C HIS C 161 -9.51 27.66 -27.34
N ARG C 162 -10.75 27.49 -26.88
CA ARG C 162 -11.24 28.30 -25.77
C ARG C 162 -10.49 28.00 -24.48
N LEU C 163 -10.20 26.72 -24.22
CA LEU C 163 -9.38 26.36 -23.08
C LEU C 163 -8.02 27.01 -23.19
N LYS C 164 -7.42 26.93 -24.38
CA LYS C 164 -6.09 27.49 -24.58
C LYS C 164 -6.07 28.97 -24.24
N ASP C 165 -7.08 29.71 -24.68
CA ASP C 165 -7.09 31.16 -24.44
C ASP C 165 -7.18 31.48 -22.95
N ILE C 166 -7.97 30.72 -22.20
CA ILE C 166 -8.08 30.96 -20.75
C ILE C 166 -6.77 30.61 -20.07
N PHE C 167 -6.21 29.44 -20.39
CA PHE C 167 -4.97 29.02 -19.73
C PHE C 167 -3.84 29.99 -20.03
N GLU C 168 -3.81 30.54 -21.26
CA GLU C 168 -2.83 31.56 -21.58
C GLU C 168 -3.00 32.80 -20.71
N GLU C 169 -4.25 33.24 -20.48
CA GLU C 169 -4.49 34.35 -19.56
C GLU C 169 -3.89 34.06 -18.19
N ARG C 170 -4.11 32.84 -17.69
CA ARG C 170 -3.67 32.49 -16.34
C ARG C 170 -2.15 32.33 -16.27
N LEU C 171 -1.54 31.76 -17.32
CA LEU C 171 -0.07 31.64 -17.35
C LEU C 171 0.58 33.02 -17.32
N LYS C 172 0.00 33.99 -18.04
CA LYS C 172 0.48 35.36 -17.96
C LYS C 172 0.31 35.93 -16.56
N ARG C 173 -0.89 35.80 -16.00
CA ARG C 173 -1.21 36.38 -14.70
C ARG C 173 -0.27 35.88 -13.61
N GLU C 174 -0.04 34.58 -13.56
CA GLU C 174 0.84 33.99 -12.56
C GLU C 174 2.32 33.97 -12.99
N GLU C 175 2.63 34.51 -14.17
CA GLU C 175 4.01 34.69 -14.63
C GLU C 175 4.72 33.35 -14.80
N ARG C 176 4.06 32.43 -15.50
CA ARG C 176 4.61 31.11 -15.75
C ARG C 176 4.71 30.79 -17.24
N GLU C 177 4.70 31.81 -18.10
CA GLU C 177 4.69 31.55 -19.54
C GLU C 177 5.96 30.84 -19.98
N SER C 178 7.12 31.25 -19.45
CA SER C 178 8.35 30.59 -19.87
C SER C 178 8.42 29.16 -19.35
N VAL C 179 7.80 28.90 -18.19
CA VAL C 179 7.73 27.53 -17.68
C VAL C 179 6.94 26.66 -18.64
N ALA C 180 5.73 27.11 -18.99
CA ALA C 180 4.88 26.34 -19.88
C ALA C 180 5.57 26.09 -21.22
N LYS C 181 6.24 27.13 -21.75
CA LYS C 181 6.91 27.03 -23.03
C LYS C 181 8.01 25.96 -23.02
N ALA C 182 8.80 25.90 -21.94
CA ALA C 182 9.81 24.85 -21.84
C ALA C 182 9.17 23.46 -21.71
N CYS C 183 8.04 23.38 -21.01
CA CYS C 183 7.35 22.09 -20.93
C CYS C 183 6.86 21.64 -22.30
N PHE C 184 6.15 22.51 -23.02
CA PHE C 184 5.72 22.20 -24.39
C PHE C 184 6.91 21.84 -25.28
N GLN C 185 8.04 22.52 -25.10
CA GLN C 185 9.21 22.24 -25.92
C GLN C 185 9.74 20.82 -25.70
N PHE C 186 9.67 20.30 -24.47
CA PHE C 186 10.16 18.96 -24.23
C PHE C 186 9.13 17.87 -24.56
N LEU C 187 7.86 18.25 -24.68
CA LEU C 187 6.80 17.25 -24.81
C LEU C 187 6.97 16.30 -26.00
N PRO C 188 7.38 16.73 -27.19
CA PRO C 188 7.62 15.75 -28.26
C PRO C 188 8.68 14.73 -27.90
N MET C 189 9.74 15.16 -27.21
CA MET C 189 10.77 14.20 -26.77
C MET C 189 10.24 13.30 -25.66
N ARG C 190 9.33 13.82 -24.82
CA ARG C 190 8.74 12.95 -23.81
C ARG C 190 7.85 11.89 -24.46
N ALA C 191 7.16 12.27 -25.55
CA ALA C 191 6.43 11.28 -26.33
C ALA C 191 7.37 10.27 -26.97
N ASN C 192 8.49 10.74 -27.51
CA ASN C 192 9.48 9.85 -28.10
CA ASN C 192 9.47 9.84 -28.10
C ASN C 192 9.99 8.86 -27.06
N LEU C 193 10.31 9.34 -25.86
CA LEU C 193 10.76 8.46 -24.79
C LEU C 193 9.76 7.34 -24.54
N ASP C 194 8.47 7.67 -24.55
CA ASP C 194 7.43 6.66 -24.40
C ASP C 194 7.55 5.59 -25.49
N LEU C 195 7.65 6.02 -26.75
CA LEU C 195 7.76 5.08 -27.86
C LEU C 195 9.01 4.21 -27.75
N LEU C 196 10.10 4.78 -27.24
CA LEU C 196 11.37 4.06 -27.18
C LEU C 196 11.45 3.08 -26.03
N GLY C 197 10.51 3.16 -25.08
CA GLY C 197 10.50 2.17 -24.01
C GLY C 197 10.57 2.73 -22.60
N TRP C 198 10.49 4.05 -22.44
CA TRP C 198 10.50 4.66 -21.11
C TRP C 198 9.12 5.14 -20.67
N SER C 199 8.06 4.54 -21.20
CA SER C 199 6.72 5.07 -20.93
C SER C 199 6.32 4.98 -19.45
N GLU C 200 6.96 4.12 -18.67
CA GLU C 200 6.67 3.99 -17.24
C GLU C 200 7.67 4.71 -16.35
N ILE C 201 8.60 5.47 -16.94
CA ILE C 201 9.69 6.07 -16.19
C ILE C 201 9.54 7.59 -16.25
N ASP C 202 9.55 8.23 -15.08
CA ASP C 202 9.78 9.66 -14.98
C ASP C 202 11.28 9.88 -15.10
N ILE C 203 11.73 10.31 -16.29
CA ILE C 203 13.15 10.36 -16.57
C ILE C 203 13.87 11.36 -15.66
N PHE C 204 13.16 12.31 -15.05
CA PHE C 204 13.77 13.33 -14.19
C PHE C 204 13.77 12.97 -12.70
N ALA C 205 13.14 11.87 -12.32
CA ALA C 205 13.01 11.54 -10.90
C ALA C 205 14.32 11.01 -10.33
N HIS C 206 14.49 11.19 -9.01
CA HIS C 206 15.69 10.68 -8.34
C HIS C 206 15.71 9.16 -8.35
N SER C 207 14.55 8.54 -8.20
CA SER C 207 14.44 7.10 -8.28
C SER C 207 13.04 6.68 -8.71
N THR E 3 -29.24 36.52 2.59
CA THR E 3 -28.01 36.56 3.36
C THR E 3 -27.15 37.75 2.93
N GLU E 4 -26.93 38.69 3.83
CA GLU E 4 -26.15 39.87 3.49
C GLU E 4 -24.67 39.50 3.47
N ILE E 5 -24.05 39.67 2.31
CA ILE E 5 -22.61 39.46 2.15
C ILE E 5 -22.04 40.75 1.60
N ARG E 6 -21.12 41.35 2.33
CA ARG E 6 -20.48 42.59 1.92
C ARG E 6 -19.14 42.27 1.29
N VAL E 7 -18.92 42.72 0.06
CA VAL E 7 -17.72 42.42 -0.69
C VAL E 7 -16.84 43.67 -0.72
N HIS E 8 -15.58 43.51 -0.30
CA HIS E 8 -14.63 44.62 -0.20
C HIS E 8 -13.38 44.34 -1.04
N GLN E 9 -12.72 45.43 -1.44
CA GLN E 9 -11.43 45.34 -2.13
C GLN E 9 -10.32 45.67 -1.14
N GLY E 10 -9.45 44.72 -0.89
CA GLY E 10 -8.25 44.97 -0.10
C GLY E 10 -8.33 44.86 1.41
N ASP E 11 -9.34 45.46 2.02
CA ASP E 11 -9.43 45.52 3.47
C ASP E 11 -10.87 45.83 3.87
N LEU E 12 -11.19 45.61 5.14
CA LEU E 12 -12.41 46.19 5.68
C LEU E 12 -12.33 47.71 5.56
N PRO E 13 -13.46 48.39 5.32
CA PRO E 13 -13.43 49.85 5.35
C PRO E 13 -13.32 50.40 6.75
N ASN E 14 -13.80 49.67 7.75
CA ASN E 14 -13.70 50.06 9.14
C ASN E 14 -14.07 48.85 10.00
N LEU E 15 -13.88 48.99 11.30
CA LEU E 15 -14.13 47.89 12.24
C LEU E 15 -15.51 47.99 12.90
N ASP E 16 -16.46 48.68 12.27
CA ASP E 16 -17.73 48.97 12.94
C ASP E 16 -18.53 47.70 13.22
N ASN E 17 -18.43 46.69 12.36
CA ASN E 17 -19.15 45.44 12.57
C ASN E 17 -18.38 44.44 13.43
N TYR E 18 -17.20 44.80 13.93
CA TYR E 18 -16.36 43.82 14.62
C TYR E 18 -15.90 44.35 15.97
N ARG E 19 -16.79 45.06 16.68
CA ARG E 19 -16.53 45.43 18.08
C ARG E 19 -17.06 44.30 18.97
N ILE E 20 -16.41 43.15 18.83
CA ILE E 20 -16.89 41.88 19.35
C ILE E 20 -15.73 41.14 19.99
N ASP E 21 -16.06 40.12 20.79
CA ASP E 21 -15.07 39.31 21.48
CA ASP E 21 -15.03 39.34 21.46
C ASP E 21 -14.49 38.19 20.62
N ALA E 22 -15.20 37.77 19.56
CA ALA E 22 -14.74 36.67 18.73
C ALA E 22 -15.18 36.89 17.29
N VAL E 23 -14.30 36.56 16.34
CA VAL E 23 -14.59 36.73 14.92
C VAL E 23 -14.27 35.44 14.18
N ALA E 24 -15.17 35.05 13.28
CA ALA E 24 -14.99 33.89 12.43
C ALA E 24 -14.21 34.28 11.19
N VAL E 25 -13.23 33.47 10.82
CA VAL E 25 -12.26 33.81 9.78
C VAL E 25 -12.03 32.60 8.89
N ASP E 26 -11.95 32.84 7.57
CA ASP E 26 -11.51 31.84 6.60
C ASP E 26 -10.80 32.57 5.46
N THR E 27 -10.08 31.80 4.64
CA THR E 27 -9.41 32.35 3.47
C THR E 27 -9.71 31.50 2.24
N GLU E 28 -9.49 32.09 1.07
CA GLU E 28 -9.38 31.34 -0.18
C GLU E 28 -8.07 31.72 -0.83
N THR E 29 -7.47 30.73 -1.51
CA THR E 29 -6.18 30.90 -2.14
C THR E 29 -6.23 30.26 -3.52
N LEU E 30 -5.09 30.28 -4.20
CA LEU E 30 -4.86 29.52 -5.42
C LEU E 30 -4.42 28.09 -5.15
N GLY E 31 -4.38 27.67 -3.91
CA GLY E 31 -3.97 26.29 -3.61
C GLY E 31 -3.45 26.16 -2.19
N LEU E 32 -3.02 24.94 -1.89
CA LEU E 32 -2.61 24.59 -0.53
C LEU E 32 -1.17 24.96 -0.20
N GLN E 33 -0.41 25.54 -1.13
CA GLN E 33 1.01 25.80 -0.89
C GLN E 33 1.29 27.29 -0.71
N PRO E 34 1.44 27.77 0.53
CA PRO E 34 1.46 29.23 0.76
C PRO E 34 2.61 29.95 0.07
N HIS E 35 3.75 29.29 -0.17
CA HIS E 35 4.83 29.96 -0.89
C HIS E 35 4.59 30.02 -2.39
N ARG E 36 3.64 29.25 -2.91
CA ARG E 36 3.33 29.31 -4.35
C ARG E 36 1.98 29.93 -4.62
N ASP E 37 1.00 29.69 -3.76
CA ASP E 37 -0.42 29.95 -4.02
C ASP E 37 -0.86 31.12 -3.16
N ARG E 38 -1.09 32.27 -3.80
CA ARG E 38 -1.27 33.53 -3.08
C ARG E 38 -2.61 33.58 -2.37
N LEU E 39 -2.66 34.42 -1.36
CA LEU E 39 -3.92 34.75 -0.71
C LEU E 39 -4.78 35.55 -1.66
N CYS E 40 -6.04 35.11 -1.83
CA CYS E 40 -6.98 35.70 -2.77
C CYS E 40 -8.17 36.35 -2.09
N VAL E 41 -8.70 35.73 -1.04
CA VAL E 41 -9.92 36.19 -0.37
C VAL E 41 -9.73 36.00 1.13
N VAL E 42 -10.26 36.91 1.92
CA VAL E 42 -10.35 36.72 3.36
C VAL E 42 -11.81 36.93 3.73
N GLN E 43 -12.39 35.98 4.46
CA GLN E 43 -13.80 36.05 4.84
C GLN E 43 -13.92 36.25 6.35
N LEU E 44 -14.93 37.01 6.76
CA LEU E 44 -15.14 37.32 8.16
C LEU E 44 -16.63 37.37 8.46
N SER E 45 -16.99 36.96 9.68
CA SER E 45 -18.34 37.15 10.19
C SER E 45 -18.28 37.42 11.67
N SER E 46 -19.20 38.26 12.14
CA SER E 46 -19.39 38.48 13.56
C SER E 46 -20.33 37.45 14.19
N GLY E 47 -20.94 36.59 13.39
CA GLY E 47 -21.92 35.65 13.88
C GLY E 47 -23.35 36.13 13.84
N ASP E 48 -23.60 37.31 13.25
CA ASP E 48 -24.95 37.86 13.16
C ASP E 48 -25.68 37.42 11.89
N GLY E 49 -25.22 36.38 11.24
CA GLY E 49 -25.86 35.95 10.02
C GLY E 49 -25.43 36.66 8.76
N THR E 50 -24.47 37.58 8.85
CA THR E 50 -23.92 38.28 7.70
C THR E 50 -22.41 38.05 7.65
N ALA E 51 -21.82 38.28 6.48
CA ALA E 51 -20.41 38.04 6.26
C ALA E 51 -19.77 39.15 5.44
N ASP E 52 -18.46 39.31 5.62
CA ASP E 52 -17.64 40.21 4.81
C ASP E 52 -16.70 39.37 3.97
N VAL E 53 -16.60 39.71 2.68
CA VAL E 53 -15.75 38.98 1.75
C VAL E 53 -14.73 39.99 1.22
N ILE E 54 -13.46 39.78 1.56
CA ILE E 54 -12.39 40.74 1.24
C ILE E 54 -11.51 40.15 0.16
N GLN E 55 -11.57 40.72 -1.04
CA GLN E 55 -10.67 40.32 -2.13
C GLN E 55 -9.29 40.92 -1.89
N ILE E 56 -8.28 40.06 -1.87
CA ILE E 56 -6.89 40.43 -1.66
C ILE E 56 -6.19 40.42 -3.00
N ALA E 57 -5.44 41.47 -3.31
CA ALA E 57 -4.86 41.62 -4.63
C ALA E 57 -3.52 40.91 -4.72
N LYS E 58 -3.12 40.60 -5.96
CA LYS E 58 -1.79 40.04 -6.17
C LYS E 58 -0.74 41.04 -5.72
N GLY E 59 0.20 40.58 -4.90
CA GLY E 59 1.24 41.44 -4.39
C GLY E 59 0.83 42.32 -3.23
N GLN E 60 -0.40 42.18 -2.72
CA GLN E 60 -0.86 43.07 -1.67
C GLN E 60 -0.12 42.73 -0.37
N LYS E 61 0.46 43.76 0.25
CA LYS E 61 1.32 43.57 1.42
C LYS E 61 0.66 43.99 2.72
N SER E 62 -0.43 44.73 2.65
CA SER E 62 -0.99 45.39 3.82
C SER E 62 -2.50 45.24 3.80
N ALA E 63 -3.09 45.18 5.00
CA ALA E 63 -4.54 45.17 5.20
C ALA E 63 -4.84 45.60 6.63
N PRO E 64 -4.66 46.88 6.96
CA PRO E 64 -4.56 47.28 8.37
C PRO E 64 -5.79 47.02 9.21
N ASN E 65 -6.99 47.09 8.66
CA ASN E 65 -8.16 46.83 9.49
C ASN E 65 -8.27 45.34 9.81
N LEU E 66 -8.08 44.49 8.81
CA LEU E 66 -8.04 43.05 9.05
C LEU E 66 -6.94 42.67 10.04
N VAL E 67 -5.75 43.23 9.85
CA VAL E 67 -4.62 42.88 10.70
C VAL E 67 -4.84 43.37 12.13
N ARG E 68 -5.60 44.45 12.31
CA ARG E 68 -5.93 44.89 13.67
CA ARG E 68 -5.95 44.91 13.65
C ARG E 68 -6.70 43.82 14.41
N LEU E 69 -7.69 43.20 13.74
CA LEU E 69 -8.43 42.10 14.38
C LEU E 69 -7.52 40.90 14.63
N LEU E 70 -6.69 40.57 13.65
CA LEU E 70 -5.83 39.40 13.78
C LEU E 70 -4.88 39.54 14.96
N SER E 71 -4.44 40.76 15.27
CA SER E 71 -3.50 41.04 16.34
CA SER E 71 -3.50 40.98 16.35
C SER E 71 -4.16 41.35 17.68
N ASP E 72 -5.48 41.55 17.69
CA ASP E 72 -6.17 42.01 18.90
C ASP E 72 -6.36 40.84 19.86
N ARG E 73 -5.61 40.82 20.97
CA ARG E 73 -5.68 39.67 21.87
C ARG E 73 -6.96 39.61 22.68
N ASP E 74 -7.80 40.64 22.64
CA ASP E 74 -9.13 40.56 23.22
C ASP E 74 -10.14 39.89 22.31
N ILE E 75 -9.76 39.49 21.10
CA ILE E 75 -10.70 38.92 20.13
C ILE E 75 -10.21 37.53 19.75
N THR E 76 -11.03 36.50 20.03
CA THR E 76 -10.70 35.15 19.61
C THR E 76 -10.99 34.98 18.12
N LYS E 77 -9.99 34.54 17.36
CA LYS E 77 -10.15 34.23 15.94
C LYS E 77 -10.61 32.79 15.81
N ILE E 78 -11.84 32.60 15.33
CA ILE E 78 -12.42 31.27 15.12
C ILE E 78 -12.13 30.82 13.69
N PHE E 79 -11.53 29.64 13.56
CA PHE E 79 -11.26 29.02 12.26
C PHE E 79 -11.86 27.63 12.22
N HIS E 80 -12.09 27.13 10.99
CA HIS E 80 -12.16 25.70 10.73
C HIS E 80 -10.86 25.31 10.03
N PHE E 81 -10.02 24.55 10.72
CA PHE E 81 -8.66 24.23 10.27
C PHE E 81 -7.81 25.49 10.17
N GLY E 82 -7.67 26.18 11.31
CA GLY E 82 -6.83 27.35 11.40
C GLY E 82 -5.38 27.09 11.06
N ARG E 83 -4.94 25.84 11.12
CA ARG E 83 -3.57 25.54 10.70
C ARG E 83 -3.28 26.15 9.34
N PHE E 84 -4.20 26.02 8.40
CA PHE E 84 -3.96 26.58 7.08
C PHE E 84 -4.10 28.09 7.06
N ASP E 85 -5.22 28.60 7.59
CA ASP E 85 -5.48 30.05 7.51
C ASP E 85 -4.39 30.84 8.23
N LEU E 86 -3.98 30.39 9.41
CA LEU E 86 -2.90 31.08 10.12
C LEU E 86 -1.63 31.16 9.27
N ALA E 87 -1.29 30.11 8.53
CA ALA E 87 -0.07 30.12 7.75
C ALA E 87 -0.15 31.15 6.63
N ILE E 88 -1.23 31.13 5.84
CA ILE E 88 -1.29 32.06 4.72
C ILE E 88 -1.49 33.49 5.19
N LEU E 89 -2.21 33.69 6.29
CA LEU E 89 -2.37 35.05 6.80
C LEU E 89 -1.04 35.60 7.29
N ALA E 90 -0.32 34.83 8.12
CA ALA E 90 0.97 35.30 8.61
C ALA E 90 1.96 35.46 7.47
N HIS E 91 1.93 34.54 6.50
CA HIS E 91 2.84 34.64 5.35
C HIS E 91 2.58 35.93 4.58
N THR E 92 1.31 36.31 4.44
CA THR E 92 0.96 37.42 3.56
C THR E 92 1.13 38.78 4.21
N PHE E 93 0.64 38.94 5.45
CA PHE E 93 0.63 40.24 6.11
C PHE E 93 1.61 40.35 7.28
N GLY E 94 2.36 39.29 7.59
CA GLY E 94 3.42 39.37 8.59
C GLY E 94 3.00 39.24 10.04
N VAL E 95 1.73 38.94 10.31
CA VAL E 95 1.20 38.88 11.68
C VAL E 95 0.52 37.53 11.93
N MET E 96 1.00 36.81 12.96
CA MET E 96 0.43 35.54 13.38
C MET E 96 -0.53 35.73 14.56
N PRO E 97 -1.84 35.50 14.42
CA PRO E 97 -2.73 35.52 15.59
C PRO E 97 -2.30 34.52 16.65
N ASP E 98 -2.51 34.87 17.93
CA ASP E 98 -2.21 33.97 19.03
C ASP E 98 -3.39 33.76 19.99
N VAL E 99 -4.60 34.18 19.63
CA VAL E 99 -5.81 33.87 20.40
C VAL E 99 -6.78 33.23 19.41
N VAL E 100 -6.89 31.89 19.43
CA VAL E 100 -7.60 31.18 18.36
C VAL E 100 -8.45 30.05 18.93
N PHE E 101 -9.44 29.64 18.12
CA PHE E 101 -10.25 28.45 18.33
C PHE E 101 -10.40 27.77 16.96
N CYS E 102 -10.20 26.46 16.90
CA CYS E 102 -10.30 25.69 15.66
C CYS E 102 -11.39 24.64 15.79
N THR E 103 -12.42 24.73 14.94
CA THR E 103 -13.51 23.78 14.99
C THR E 103 -13.12 22.39 14.49
N LYS E 104 -12.08 22.28 13.67
CA LYS E 104 -11.63 20.94 13.26
C LYS E 104 -10.94 20.22 14.43
N ILE E 105 -10.03 20.91 15.12
CA ILE E 105 -9.42 20.34 16.32
C ILE E 105 -10.49 20.00 17.35
N ALA E 106 -11.43 20.93 17.59
CA ALA E 106 -12.51 20.67 18.53
C ALA E 106 -13.35 19.46 18.10
N SER E 107 -13.56 19.30 16.79
CA SER E 107 -14.29 18.14 16.32
C SER E 107 -13.52 16.86 16.60
N LYS E 108 -12.21 16.88 16.37
CA LYS E 108 -11.42 15.67 16.62
C LYS E 108 -11.41 15.31 18.10
N LEU E 109 -11.61 16.29 18.98
CA LEU E 109 -11.63 16.05 20.42
C LEU E 109 -13.00 15.70 20.96
N THR E 110 -14.04 15.84 20.21
CA THR E 110 -15.39 15.65 20.74
C THR E 110 -16.23 14.70 19.91
N ARG E 111 -16.13 14.76 18.57
CA ARG E 111 -16.88 13.85 17.72
C ARG E 111 -16.06 12.57 17.53
N THR E 112 -15.92 11.85 18.64
CA THR E 112 -15.07 10.68 18.75
C THR E 112 -15.66 9.48 18.04
N TYR E 113 -16.86 9.60 17.48
CA TYR E 113 -17.60 8.52 16.85
C TYR E 113 -17.45 8.54 15.33
N THR E 114 -16.47 9.24 14.80
CA THR E 114 -16.33 9.39 13.35
C THR E 114 -14.93 9.86 13.04
N ASP E 115 -14.51 9.61 11.80
CA ASP E 115 -13.27 10.18 11.28
C ASP E 115 -13.53 11.26 10.23
N ARG E 116 -14.78 11.74 10.13
CA ARG E 116 -15.16 12.77 9.17
C ARG E 116 -15.28 14.10 9.93
N HIS E 117 -14.27 14.95 9.78
CA HIS E 117 -14.20 16.21 10.50
C HIS E 117 -14.16 17.41 9.56
N GLY E 118 -14.59 17.25 8.31
CA GLY E 118 -14.69 18.38 7.41
C GLY E 118 -15.82 19.32 7.78
N LEU E 119 -15.70 20.57 7.32
CA LEU E 119 -16.71 21.58 7.67
C LEU E 119 -18.10 21.17 7.21
N LYS E 120 -18.20 20.65 5.99
CA LYS E 120 -19.51 20.24 5.48
C LYS E 120 -20.15 19.20 6.41
N GLU E 121 -19.38 18.17 6.77
CA GLU E 121 -19.88 17.13 7.66
C GLU E 121 -20.33 17.70 9.00
N ILE E 122 -19.52 18.58 9.58
CA ILE E 122 -19.81 19.14 10.91
C ILE E 122 -21.05 20.03 10.87
N CYS E 123 -21.15 20.90 9.86
CA CYS E 123 -22.32 21.79 9.78
C CYS E 123 -23.61 21.00 9.64
N GLY E 124 -23.58 19.94 8.84
CA GLY E 124 -24.80 19.16 8.65
C GLY E 124 -25.21 18.45 9.92
N GLU E 125 -24.25 17.83 10.61
CA GLU E 125 -24.58 17.07 11.81
C GLU E 125 -24.98 17.99 12.95
N LEU E 126 -24.22 19.06 13.18
CA LEU E 126 -24.47 19.89 14.36
C LEU E 126 -25.57 20.92 14.13
N LEU E 127 -25.73 21.43 12.90
CA LEU E 127 -26.65 22.53 12.63
C LEU E 127 -27.69 22.23 11.58
N ASN E 128 -27.65 21.05 10.96
CA ASN E 128 -28.54 20.73 9.85
C ASN E 128 -28.44 21.77 8.74
N VAL E 129 -27.22 22.30 8.55
CA VAL E 129 -26.91 23.28 7.53
C VAL E 129 -26.08 22.60 6.45
N ASN E 130 -26.44 22.83 5.19
CA ASN E 130 -25.83 22.16 4.06
C ASN E 130 -24.79 23.08 3.42
N ILE E 131 -23.53 22.70 3.51
CA ILE E 131 -22.44 23.41 2.84
C ILE E 131 -22.27 22.81 1.46
N SER E 132 -22.25 23.65 0.43
CA SER E 132 -22.02 23.20 -0.94
C SER E 132 -20.56 23.50 -1.32
N LYS E 133 -19.80 22.46 -1.68
CA LYS E 133 -18.37 22.60 -1.93
C LYS E 133 -18.01 22.78 -3.41
N GLN E 134 -19.00 22.96 -4.29
CA GLN E 134 -18.74 23.00 -5.72
C GLN E 134 -17.70 24.06 -6.09
N GLN E 135 -17.68 25.20 -5.40
CA GLN E 135 -16.80 26.30 -5.75
C GLN E 135 -15.43 26.24 -5.10
N GLN E 136 -15.17 25.27 -4.22
CA GLN E 136 -13.84 25.15 -3.61
C GLN E 136 -12.76 25.05 -4.67
N SER E 137 -13.00 24.24 -5.72
CA SER E 137 -12.12 24.18 -6.88
C SER E 137 -12.60 25.21 -7.91
N SER E 138 -12.16 26.45 -7.71
CA SER E 138 -12.45 27.53 -8.65
C SER E 138 -11.28 28.49 -8.66
N ASP E 139 -11.31 29.42 -9.62
CA ASP E 139 -10.29 30.46 -9.74
C ASP E 139 -10.57 31.55 -8.70
N TRP E 140 -9.96 31.41 -7.53
CA TRP E 140 -10.18 32.41 -6.48
C TRP E 140 -9.43 33.71 -6.76
N ALA E 141 -8.57 33.74 -7.76
CA ALA E 141 -7.83 34.95 -8.12
C ALA E 141 -8.58 35.81 -9.13
N ALA E 142 -9.78 35.41 -9.53
CA ALA E 142 -10.56 36.17 -10.51
C ALA E 142 -10.77 37.60 -10.05
N GLU E 143 -10.67 38.55 -10.99
CA GLU E 143 -10.91 39.94 -10.63
C GLU E 143 -12.33 40.13 -10.07
N THR E 144 -13.30 39.48 -10.68
CA THR E 144 -14.68 39.49 -10.19
C THR E 144 -15.05 38.05 -9.84
N LEU E 145 -15.26 37.80 -8.54
CA LEU E 145 -15.77 36.51 -8.12
C LEU E 145 -17.22 36.35 -8.54
N SER E 146 -17.60 35.12 -8.88
CA SER E 146 -18.99 34.86 -9.24
C SER E 146 -19.87 34.88 -7.99
N ARG E 147 -21.18 34.97 -8.21
CA ARG E 147 -22.10 34.93 -7.07
C ARG E 147 -21.99 33.62 -6.32
N ALA E 148 -21.84 32.50 -7.05
CA ALA E 148 -21.66 31.20 -6.41
C ALA E 148 -20.40 31.18 -5.55
N GLN E 149 -19.33 31.82 -6.02
CA GLN E 149 -18.09 31.87 -5.23
C GLN E 149 -18.30 32.67 -3.95
N ILE E 150 -18.98 33.81 -4.06
CA ILE E 150 -19.13 34.72 -2.92
C ILE E 150 -20.04 34.10 -1.86
N GLU E 151 -21.08 33.40 -2.29
CA GLU E 151 -21.95 32.70 -1.33
C GLU E 151 -21.22 31.55 -0.67
N TYR E 152 -20.43 30.81 -1.45
CA TYR E 152 -19.64 29.71 -0.86
C TYR E 152 -18.61 30.24 0.12
N ALA E 153 -17.90 31.31 -0.24
CA ALA E 153 -16.90 31.85 0.68
C ALA E 153 -17.54 32.37 1.96
N ALA E 154 -18.70 33.01 1.85
CA ALA E 154 -19.41 33.49 3.05
C ALA E 154 -19.84 32.34 3.95
N SER E 155 -20.30 31.24 3.35
CA SER E 155 -20.77 30.10 4.13
C SER E 155 -19.67 29.48 4.98
N ASP E 156 -18.40 29.67 4.62
CA ASP E 156 -17.31 29.15 5.44
C ASP E 156 -17.17 29.85 6.78
N VAL E 157 -17.67 31.08 6.92
CA VAL E 157 -17.57 31.82 8.18
C VAL E 157 -18.92 32.08 8.84
N LEU E 158 -20.03 31.88 8.14
CA LEU E 158 -21.35 32.22 8.67
C LEU E 158 -21.74 31.40 9.90
N TYR E 159 -21.17 30.20 10.09
CA TYR E 159 -21.67 29.29 11.11
C TYR E 159 -20.65 28.93 12.19
N LEU E 160 -19.44 29.52 12.14
CA LEU E 160 -18.39 29.09 13.05
C LEU E 160 -18.67 29.48 14.49
N HIS E 161 -19.29 30.63 14.73
CA HIS E 161 -19.72 30.96 16.09
C HIS E 161 -20.64 29.87 16.64
N ARG E 162 -21.68 29.52 15.89
CA ARG E 162 -22.61 28.50 16.38
C ARG E 162 -21.90 27.17 16.61
N LEU E 163 -20.95 26.82 15.75
CA LEU E 163 -20.20 25.59 15.94
C LEU E 163 -19.34 25.66 17.20
N LYS E 164 -18.68 26.79 17.41
CA LYS E 164 -17.82 26.95 18.59
C LYS E 164 -18.63 26.80 19.89
N ASP E 165 -19.83 27.37 19.93
CA ASP E 165 -20.67 27.25 21.13
CA ASP E 165 -20.67 27.25 21.12
C ASP E 165 -20.95 25.79 21.44
N ILE E 166 -21.33 25.01 20.42
CA ILE E 166 -21.63 23.59 20.64
C ILE E 166 -20.36 22.86 21.08
N PHE E 167 -19.25 23.09 20.37
CA PHE E 167 -18.02 22.38 20.71
C PHE E 167 -17.55 22.74 22.11
N GLU E 168 -17.68 24.01 22.50
CA GLU E 168 -17.34 24.38 23.87
C GLU E 168 -18.20 23.60 24.87
N GLU E 169 -19.50 23.46 24.59
CA GLU E 169 -20.35 22.63 25.46
C GLU E 169 -19.87 21.19 25.50
N ARG E 170 -19.50 20.61 24.35
CA ARG E 170 -19.00 19.23 24.34
C ARG E 170 -17.69 19.10 25.10
N LEU E 171 -16.78 20.06 24.90
CA LEU E 171 -15.49 20.01 25.60
C LEU E 171 -15.67 20.08 27.12
N LYS E 172 -16.62 20.89 27.58
CA LYS E 172 -16.92 20.91 29.01
C LYS E 172 -17.47 19.57 29.47
N ARG E 173 -18.45 19.04 28.72
CA ARG E 173 -19.13 17.81 29.12
C ARG E 173 -18.14 16.66 29.25
N GLU E 174 -17.23 16.55 28.30
CA GLU E 174 -16.27 15.47 28.29
C GLU E 174 -14.99 15.83 29.05
N GLU E 175 -14.96 17.00 29.70
CA GLU E 175 -13.84 17.45 30.52
C GLU E 175 -12.54 17.51 29.72
N ARG E 176 -12.60 18.10 28.53
CA ARG E 176 -11.42 18.22 27.67
C ARG E 176 -11.04 19.66 27.38
N GLU E 177 -11.45 20.61 28.23
CA GLU E 177 -11.20 22.02 27.94
C GLU E 177 -9.72 22.34 27.96
N SER E 178 -8.97 21.84 28.96
CA SER E 178 -7.55 22.13 29.03
C SER E 178 -6.78 21.48 27.89
N VAL E 179 -7.20 20.29 27.43
CA VAL E 179 -6.61 19.69 26.24
C VAL E 179 -6.76 20.61 25.04
N ALA E 180 -8.00 21.03 24.76
CA ALA E 180 -8.25 21.88 23.60
C ALA E 180 -7.46 23.17 23.68
N LYS E 181 -7.42 23.78 24.87
CA LYS E 181 -6.67 25.03 25.07
C LYS E 181 -5.20 24.86 24.68
N ALA E 182 -4.58 23.76 25.10
CA ALA E 182 -3.18 23.51 24.74
C ALA E 182 -3.02 23.34 23.24
N CYS E 183 -3.95 22.64 22.58
CA CYS E 183 -3.87 22.49 21.12
C CYS E 183 -3.98 23.85 20.42
N PHE E 184 -4.94 24.68 20.84
CA PHE E 184 -5.07 26.01 20.23
C PHE E 184 -3.86 26.89 20.52
N GLN E 185 -3.21 26.70 21.68
CA GLN E 185 -2.01 27.47 22.00
C GLN E 185 -0.86 27.12 21.07
N PHE E 186 -0.73 25.86 20.66
CA PHE E 186 0.37 25.46 19.79
C PHE E 186 0.03 25.66 18.32
N LEU E 187 -1.25 25.78 17.96
CA LEU E 187 -1.64 25.91 16.56
C LEU E 187 -0.85 26.96 15.79
N PRO E 188 -0.65 28.20 16.27
CA PRO E 188 0.16 29.16 15.50
C PRO E 188 1.57 28.66 15.21
N MET E 189 2.20 27.98 16.16
CA MET E 189 3.52 27.43 15.87
C MET E 189 3.46 26.26 14.89
N ARG E 190 2.39 25.47 14.94
CA ARG E 190 2.20 24.44 13.93
C ARG E 190 2.07 25.05 12.54
N ALA E 191 1.41 26.21 12.44
CA ALA E 191 1.34 26.95 11.18
C ALA E 191 2.72 27.46 10.77
N ASN E 192 3.47 28.04 11.72
CA ASN E 192 4.82 28.49 11.43
CA ASN E 192 4.82 28.50 11.42
C ASN E 192 5.71 27.34 10.98
N LEU E 193 5.60 26.18 11.64
CA LEU E 193 6.34 24.99 11.22
C LEU E 193 6.05 24.64 9.76
N ASP E 194 4.79 24.77 9.35
CA ASP E 194 4.47 24.52 7.95
C ASP E 194 5.21 25.50 7.02
N LEU E 195 5.20 26.78 7.39
CA LEU E 195 5.86 27.79 6.55
C LEU E 195 7.37 27.58 6.51
N LEU E 196 7.96 27.12 7.61
CA LEU E 196 9.41 26.95 7.67
C LEU E 196 9.90 25.70 6.96
N GLY E 197 9.01 24.77 6.60
CA GLY E 197 9.40 23.61 5.80
C GLY E 197 9.12 22.25 6.41
N TRP E 198 8.29 22.19 7.45
CA TRP E 198 7.91 20.94 8.09
C TRP E 198 6.46 20.55 7.82
N SER E 199 5.88 21.02 6.71
CA SER E 199 4.44 20.81 6.49
C SER E 199 4.09 19.33 6.35
N GLU E 200 5.03 18.51 5.89
CA GLU E 200 4.75 17.08 5.72
C GLU E 200 5.17 16.24 6.93
N ILE E 201 5.53 16.88 8.04
CA ILE E 201 6.11 16.20 9.20
C ILE E 201 5.21 16.40 10.41
N ASP E 202 4.80 15.30 11.03
CA ASP E 202 4.21 15.33 12.37
C ASP E 202 5.37 15.43 13.34
N ILE E 203 5.59 16.63 13.89
CA ILE E 203 6.80 16.89 14.66
C ILE E 203 6.85 16.03 15.92
N PHE E 204 5.70 15.51 16.36
CA PHE E 204 5.63 14.74 17.60
C PHE E 204 5.68 13.24 17.38
N ALA E 205 5.72 12.76 16.14
CA ALA E 205 5.64 11.33 15.89
C ALA E 205 6.97 10.65 16.19
N HIS E 206 6.89 9.38 16.60
CA HIS E 206 8.12 8.61 16.81
C HIS E 206 8.90 8.48 15.51
N SER E 207 8.21 8.28 14.39
CA SER E 207 8.89 8.27 13.10
C SER E 207 7.93 8.69 12.01
N THR G 3 -39.41 -14.17 -21.53
CA THR G 3 -38.16 -14.92 -21.63
C THR G 3 -38.31 -16.31 -21.01
N GLU G 4 -38.17 -17.35 -21.84
CA GLU G 4 -38.44 -18.71 -21.41
C GLU G 4 -37.25 -19.32 -20.69
N ILE G 5 -37.44 -19.64 -19.40
CA ILE G 5 -36.41 -20.27 -18.59
C ILE G 5 -37.02 -21.56 -18.07
N ARG G 6 -36.40 -22.68 -18.39
CA ARG G 6 -36.85 -23.99 -17.91
C ARG G 6 -36.02 -24.34 -16.68
N VAL G 7 -36.69 -24.71 -15.59
CA VAL G 7 -36.03 -25.00 -14.32
C VAL G 7 -36.11 -26.49 -14.04
N HIS G 8 -34.96 -27.10 -13.77
CA HIS G 8 -34.86 -28.55 -13.60
C HIS G 8 -34.23 -28.88 -12.25
N GLN G 9 -34.55 -30.07 -11.75
CA GLN G 9 -33.95 -30.60 -10.54
C GLN G 9 -32.90 -31.65 -10.92
N GLY G 10 -31.65 -31.39 -10.60
CA GLY G 10 -30.61 -32.38 -10.78
C GLY G 10 -29.91 -32.42 -12.11
N ASP G 11 -30.66 -32.47 -13.21
CA ASP G 11 -30.09 -32.66 -14.53
C ASP G 11 -31.10 -32.22 -15.57
N LEU G 12 -30.63 -32.02 -16.80
CA LEU G 12 -31.53 -31.89 -17.93
C LEU G 12 -32.35 -33.17 -18.07
N PRO G 13 -33.62 -33.07 -18.47
CA PRO G 13 -34.39 -34.31 -18.72
C PRO G 13 -33.90 -35.06 -19.94
N ASN G 14 -33.28 -34.37 -20.89
CA ASN G 14 -32.83 -34.94 -22.15
C ASN G 14 -32.03 -33.87 -22.87
N LEU G 15 -31.43 -34.25 -24.00
CA LEU G 15 -30.57 -33.34 -24.76
C LEU G 15 -31.25 -32.78 -26.00
N ASP G 16 -32.59 -32.79 -26.07
CA ASP G 16 -33.27 -32.39 -27.29
C ASP G 16 -32.99 -30.92 -27.65
N ASN G 17 -32.76 -30.08 -26.66
CA ASN G 17 -32.46 -28.67 -26.93
C ASN G 17 -30.99 -28.40 -27.17
N TYR G 18 -30.13 -29.43 -27.12
CA TYR G 18 -28.69 -29.21 -27.17
C TYR G 18 -28.02 -30.12 -28.18
N ARG G 19 -28.70 -30.36 -29.31
CA ARG G 19 -28.06 -30.96 -30.48
C ARG G 19 -27.38 -29.85 -31.31
N ILE G 20 -26.37 -29.23 -30.71
CA ILE G 20 -25.79 -28.00 -31.22
C ILE G 20 -24.27 -28.11 -31.19
N ASP G 21 -23.61 -27.18 -31.86
CA ASP G 21 -22.15 -27.14 -31.92
CA ASP G 21 -22.15 -27.18 -31.89
C ASP G 21 -21.52 -26.39 -30.75
N ALA G 22 -22.30 -25.57 -30.03
CA ALA G 22 -21.74 -24.80 -28.93
C ALA G 22 -22.83 -24.53 -27.90
N VAL G 23 -22.49 -24.66 -26.63
CA VAL G 23 -23.44 -24.38 -25.55
C VAL G 23 -22.83 -23.36 -24.61
N ALA G 24 -23.66 -22.42 -24.16
CA ALA G 24 -23.27 -21.45 -23.16
C ALA G 24 -23.54 -22.05 -21.79
N VAL G 25 -22.56 -21.93 -20.88
CA VAL G 25 -22.62 -22.55 -19.57
C VAL G 25 -22.23 -21.54 -18.50
N ASP G 26 -22.92 -21.55 -17.36
CA ASP G 26 -22.51 -20.82 -16.17
C ASP G 26 -22.89 -21.65 -14.94
N THR G 27 -22.34 -21.28 -13.78
CA THR G 27 -22.69 -21.96 -12.53
C THR G 27 -23.02 -20.93 -11.45
N GLU G 28 -23.77 -21.39 -10.45
CA GLU G 28 -23.96 -20.65 -9.21
C GLU G 28 -23.59 -21.56 -8.05
N THR G 29 -22.94 -20.98 -7.04
CA THR G 29 -22.42 -21.73 -5.90
C THR G 29 -22.68 -20.94 -4.62
N LEU G 30 -22.25 -21.50 -3.48
CA LEU G 30 -22.27 -20.75 -2.24
C LEU G 30 -21.03 -19.86 -2.05
N GLY G 31 -20.15 -19.77 -3.05
CA GLY G 31 -19.01 -18.89 -2.94
C GLY G 31 -17.88 -19.28 -3.88
N LEU G 32 -16.77 -18.56 -3.75
CA LEU G 32 -15.65 -18.70 -4.69
C LEU G 32 -14.71 -19.84 -4.35
N GLN G 33 -15.00 -20.65 -3.34
CA GLN G 33 -14.03 -21.65 -2.90
C GLN G 33 -14.56 -23.06 -3.13
N PRO G 34 -14.13 -23.73 -4.21
CA PRO G 34 -14.80 -24.98 -4.62
C PRO G 34 -14.73 -26.08 -3.58
N HIS G 35 -13.68 -26.11 -2.76
CA HIS G 35 -13.62 -27.13 -1.72
C HIS G 35 -14.50 -26.81 -0.53
N ARG G 36 -15.02 -25.59 -0.42
CA ARG G 36 -15.94 -25.25 0.66
C ARG G 36 -17.34 -24.98 0.17
N ASP G 37 -17.49 -24.36 -0.99
CA ASP G 37 -18.73 -23.75 -1.45
C ASP G 37 -19.32 -24.61 -2.57
N ARG G 38 -20.41 -25.32 -2.27
CA ARG G 38 -20.91 -26.34 -3.16
C ARG G 38 -21.51 -25.75 -4.44
N LEU G 39 -21.48 -26.56 -5.50
CA LEU G 39 -22.21 -26.24 -6.71
C LEU G 39 -23.71 -26.28 -6.41
N CYS G 40 -24.41 -25.18 -6.71
CA CYS G 40 -25.84 -25.07 -6.45
C CYS G 40 -26.69 -25.05 -7.71
N VAL G 41 -26.23 -24.40 -8.78
CA VAL G 41 -27.00 -24.19 -10.00
C VAL G 41 -26.05 -24.33 -11.19
N VAL G 42 -26.54 -24.92 -12.27
CA VAL G 42 -25.87 -24.92 -13.57
C VAL G 42 -26.84 -24.34 -14.59
N GLN G 43 -26.41 -23.32 -15.32
CA GLN G 43 -27.24 -22.68 -16.34
C GLN G 43 -26.70 -23.01 -17.73
N LEU G 44 -27.62 -23.20 -18.68
CA LEU G 44 -27.27 -23.56 -20.05
C LEU G 44 -28.20 -22.82 -21.01
N SER G 45 -27.66 -22.54 -22.21
CA SER G 45 -28.45 -21.97 -23.28
C SER G 45 -27.86 -22.41 -24.60
N SER G 46 -28.73 -22.63 -25.58
CA SER G 46 -28.34 -22.92 -26.95
C SER G 46 -28.15 -21.66 -27.78
N GLY G 47 -28.41 -20.48 -27.20
CA GLY G 47 -28.39 -19.25 -27.95
C GLY G 47 -29.69 -18.88 -28.63
N ASP G 48 -30.76 -19.66 -28.44
CA ASP G 48 -32.05 -19.34 -29.02
C ASP G 48 -32.89 -18.40 -28.17
N GLY G 49 -32.30 -17.74 -27.18
CA GLY G 49 -33.06 -16.84 -26.33
C GLY G 49 -33.76 -17.49 -25.17
N THR G 50 -33.62 -18.79 -24.98
CA THR G 50 -34.16 -19.50 -23.84
C THR G 50 -33.01 -20.09 -23.03
N ALA G 51 -33.31 -20.51 -21.80
CA ALA G 51 -32.25 -21.07 -20.99
C ALA G 51 -32.80 -22.18 -20.11
N ASP G 52 -31.89 -23.02 -19.63
CA ASP G 52 -32.19 -24.09 -18.70
C ASP G 52 -31.43 -23.80 -17.41
N VAL G 53 -32.14 -23.83 -16.29
CA VAL G 53 -31.55 -23.59 -14.97
C VAL G 53 -31.71 -24.87 -14.18
N ILE G 54 -30.59 -25.50 -13.82
CA ILE G 54 -30.57 -26.84 -13.22
C ILE G 54 -30.11 -26.70 -11.77
N GLN G 55 -31.01 -26.94 -10.82
CA GLN G 55 -30.63 -26.94 -9.41
C GLN G 55 -29.92 -28.24 -9.06
N ILE G 56 -28.72 -28.12 -8.49
CA ILE G 56 -27.91 -29.23 -8.03
C ILE G 56 -28.08 -29.37 -6.52
N ALA G 57 -28.46 -30.56 -6.08
CA ALA G 57 -28.69 -30.81 -4.66
C ALA G 57 -27.36 -30.95 -3.92
N LYS G 58 -27.42 -30.70 -2.61
CA LYS G 58 -26.28 -30.96 -1.74
C LYS G 58 -25.85 -32.42 -1.84
N GLY G 59 -24.55 -32.63 -2.03
CA GLY G 59 -24.05 -33.98 -2.13
C GLY G 59 -24.33 -34.68 -3.44
N GLN G 60 -24.87 -33.99 -4.44
CA GLN G 60 -25.16 -34.62 -5.72
C GLN G 60 -23.86 -34.95 -6.44
N LYS G 61 -23.70 -36.20 -6.87
CA LYS G 61 -22.45 -36.65 -7.47
C LYS G 61 -22.57 -36.90 -8.96
N SER G 62 -23.77 -36.86 -9.51
CA SER G 62 -24.01 -37.30 -10.88
C SER G 62 -24.97 -36.34 -11.56
N ALA G 63 -24.76 -36.12 -12.86
CA ALA G 63 -25.70 -35.38 -13.69
C ALA G 63 -25.49 -35.79 -15.14
N PRO G 64 -25.94 -37.00 -15.52
CA PRO G 64 -25.43 -37.62 -16.76
C PRO G 64 -25.68 -36.82 -18.03
N ASN G 65 -26.84 -36.15 -18.17
CA ASN G 65 -27.08 -35.42 -19.41
C ASN G 65 -26.19 -34.19 -19.52
N LEU G 66 -26.11 -33.39 -18.45
CA LEU G 66 -25.19 -32.25 -18.43
C LEU G 66 -23.75 -32.71 -18.65
N VAL G 67 -23.37 -33.84 -18.07
CA VAL G 67 -22.00 -34.30 -18.19
C VAL G 67 -21.71 -34.79 -19.61
N ARG G 68 -22.72 -35.35 -20.29
CA ARG G 68 -22.51 -35.73 -21.69
CA ARG G 68 -22.54 -35.72 -21.70
C ARG G 68 -22.15 -34.52 -22.54
N LEU G 69 -22.78 -33.37 -22.30
CA LEU G 69 -22.42 -32.18 -23.05
C LEU G 69 -21.03 -31.70 -22.69
N LEU G 70 -20.71 -31.66 -21.38
CA LEU G 70 -19.39 -31.22 -20.96
C LEU G 70 -18.28 -32.07 -21.56
N SER G 71 -18.55 -33.37 -21.75
CA SER G 71 -17.59 -34.32 -22.30
CA SER G 71 -17.54 -34.27 -22.31
C SER G 71 -17.58 -34.37 -23.83
N ASP G 72 -18.60 -33.80 -24.48
CA ASP G 72 -18.74 -33.95 -25.93
C ASP G 72 -17.72 -33.07 -26.63
N ARG G 73 -16.70 -33.67 -27.25
CA ARG G 73 -15.67 -32.87 -27.89
C ARG G 73 -16.17 -32.14 -29.13
N ASP G 74 -17.29 -32.58 -29.71
CA ASP G 74 -17.90 -31.86 -30.82
C ASP G 74 -18.67 -30.62 -30.38
N ILE G 75 -18.75 -30.32 -29.09
CA ILE G 75 -19.50 -29.17 -28.61
C ILE G 75 -18.56 -28.25 -27.84
N THR G 76 -18.45 -27.02 -28.30
CA THR G 76 -17.66 -26.01 -27.59
C THR G 76 -18.46 -25.51 -26.39
N LYS G 77 -17.85 -25.54 -25.21
CA LYS G 77 -18.47 -24.96 -24.02
C LYS G 77 -18.03 -23.50 -23.89
N ILE G 78 -19.00 -22.59 -23.97
CA ILE G 78 -18.76 -21.15 -23.89
C ILE G 78 -19.01 -20.71 -22.46
N PHE G 79 -18.01 -20.10 -21.84
CA PHE G 79 -18.12 -19.53 -20.51
C PHE G 79 -17.79 -18.05 -20.56
N HIS G 80 -18.26 -17.33 -19.56
CA HIS G 80 -17.62 -16.07 -19.16
C HIS G 80 -16.83 -16.34 -17.89
N PHE G 81 -15.50 -16.21 -17.97
CA PHE G 81 -14.58 -16.66 -16.91
C PHE G 81 -14.79 -18.13 -16.60
N GLY G 82 -14.52 -18.97 -17.60
CA GLY G 82 -14.62 -20.40 -17.41
C GLY G 82 -13.64 -20.96 -16.40
N ARG G 83 -12.57 -20.23 -16.09
CA ARG G 83 -11.65 -20.70 -15.07
C ARG G 83 -12.41 -21.14 -13.83
N PHE G 84 -13.45 -20.41 -13.47
CA PHE G 84 -14.20 -20.78 -12.27
C PHE G 84 -15.12 -21.96 -12.54
N ASP G 85 -15.96 -21.85 -13.57
CA ASP G 85 -16.95 -22.90 -13.84
C ASP G 85 -16.28 -24.26 -14.09
N LEU G 86 -15.22 -24.27 -14.88
CA LEU G 86 -14.50 -25.53 -15.12
C LEU G 86 -14.05 -26.17 -13.81
N ALA G 87 -13.53 -25.38 -12.88
CA ALA G 87 -13.06 -25.94 -11.61
C ALA G 87 -14.21 -26.55 -10.82
N ILE G 88 -15.29 -25.80 -10.63
CA ILE G 88 -16.35 -26.34 -9.79
C ILE G 88 -17.07 -27.48 -10.50
N LEU G 89 -17.19 -27.43 -11.83
CA LEU G 89 -17.86 -28.52 -12.54
C LEU G 89 -17.02 -29.79 -12.47
N ALA G 90 -15.72 -29.68 -12.74
CA ALA G 90 -14.85 -30.84 -12.63
C ALA G 90 -14.77 -31.34 -11.19
N HIS G 91 -14.75 -30.42 -10.23
CA HIS G 91 -14.69 -30.84 -8.83
C HIS G 91 -15.94 -31.62 -8.44
N THR G 92 -17.10 -31.22 -8.96
CA THR G 92 -18.37 -31.80 -8.52
C THR G 92 -18.72 -33.09 -9.25
N PHE G 93 -18.58 -33.10 -10.58
CA PHE G 93 -19.01 -34.26 -11.35
C PHE G 93 -17.87 -35.08 -11.92
N GLY G 94 -16.63 -34.61 -11.84
CA GLY G 94 -15.48 -35.42 -12.20
C GLY G 94 -15.03 -35.35 -13.64
N VAL G 95 -15.61 -34.46 -14.46
CA VAL G 95 -15.27 -34.36 -15.87
C VAL G 95 -14.81 -32.93 -16.14
N MET G 96 -13.61 -32.79 -16.72
CA MET G 96 -13.08 -31.50 -17.11
C MET G 96 -13.32 -31.29 -18.60
N PRO G 97 -14.14 -30.31 -19.00
CA PRO G 97 -14.26 -30.00 -20.43
C PRO G 97 -12.92 -29.57 -21.00
N ASP G 98 -12.70 -29.91 -22.28
CA ASP G 98 -11.47 -29.52 -22.95
C ASP G 98 -11.72 -28.87 -24.31
N VAL G 99 -12.95 -28.47 -24.61
CA VAL G 99 -13.26 -27.69 -25.81
C VAL G 99 -14.02 -26.46 -25.32
N VAL G 100 -13.32 -25.33 -25.16
CA VAL G 100 -13.88 -24.17 -24.47
C VAL G 100 -13.60 -22.87 -25.21
N PHE G 101 -14.48 -21.89 -24.96
CA PHE G 101 -14.28 -20.48 -25.31
C PHE G 101 -14.63 -19.68 -24.06
N CYS G 102 -13.78 -18.70 -23.72
CA CYS G 102 -14.02 -17.84 -22.54
C CYS G 102 -14.16 -16.40 -23.00
N THR G 103 -15.31 -15.78 -22.71
CA THR G 103 -15.52 -14.40 -23.14
C THR G 103 -14.68 -13.42 -22.32
N LYS G 104 -14.28 -13.77 -21.10
CA LYS G 104 -13.42 -12.86 -20.34
C LYS G 104 -12.02 -12.80 -20.96
N ILE G 105 -11.43 -13.98 -21.24
CA ILE G 105 -10.14 -14.01 -21.92
C ILE G 105 -10.24 -13.33 -23.28
N ALA G 106 -11.32 -13.60 -24.03
CA ALA G 106 -11.51 -12.93 -25.32
C ALA G 106 -11.58 -11.42 -25.15
N SER G 107 -12.26 -10.95 -24.10
CA SER G 107 -12.32 -9.51 -23.84
C SER G 107 -10.92 -8.96 -23.54
N LYS G 108 -10.14 -9.66 -22.72
CA LYS G 108 -8.82 -9.17 -22.40
C LYS G 108 -7.94 -9.08 -23.64
N LEU G 109 -8.20 -9.92 -24.65
CA LEU G 109 -7.41 -9.94 -25.87
C LEU G 109 -7.93 -9.02 -26.97
N THR G 110 -9.09 -8.40 -26.78
CA THR G 110 -9.67 -7.57 -27.85
C THR G 110 -10.08 -6.18 -27.36
N ARG G 111 -10.62 -6.09 -26.16
CA ARG G 111 -11.07 -4.80 -25.62
C ARG G 111 -9.91 -4.16 -24.87
N THR G 112 -8.90 -3.80 -25.66
CA THR G 112 -7.61 -3.32 -25.16
C THR G 112 -7.67 -1.89 -24.64
N TYR G 113 -8.82 -1.24 -24.74
CA TYR G 113 -9.01 0.15 -24.33
C TYR G 113 -9.61 0.28 -22.94
N THR G 114 -9.63 -0.80 -22.16
CA THR G 114 -10.30 -0.78 -20.86
C THR G 114 -9.71 -1.88 -20.00
N ASP G 115 -9.88 -1.72 -18.69
CA ASP G 115 -9.57 -2.78 -17.74
C ASP G 115 -10.82 -3.37 -17.12
N ARG G 116 -11.99 -3.07 -17.66
CA ARG G 116 -13.27 -3.57 -17.15
C ARG G 116 -13.74 -4.69 -18.07
N HIS G 117 -13.53 -5.94 -17.65
CA HIS G 117 -13.87 -7.12 -18.43
C HIS G 117 -14.92 -8.00 -17.75
N GLY G 118 -15.73 -7.43 -16.89
CA GLY G 118 -16.83 -8.18 -16.31
C GLY G 118 -17.95 -8.40 -17.30
N LEU G 119 -18.83 -9.35 -16.98
CA LEU G 119 -19.89 -9.71 -17.93
C LEU G 119 -20.86 -8.55 -18.12
N LYS G 120 -21.17 -7.84 -17.04
CA LYS G 120 -22.08 -6.70 -17.15
C LYS G 120 -21.51 -5.63 -18.07
N GLU G 121 -20.21 -5.32 -17.93
CA GLU G 121 -19.59 -4.34 -18.80
C GLU G 121 -19.61 -4.78 -20.25
N ILE G 122 -19.27 -6.04 -20.52
CA ILE G 122 -19.20 -6.53 -21.89
C ILE G 122 -20.57 -6.54 -22.53
N CYS G 123 -21.59 -7.02 -21.81
CA CYS G 123 -22.94 -7.07 -22.38
C CYS G 123 -23.47 -5.67 -22.68
N GLY G 124 -23.18 -4.69 -21.82
CA GLY G 124 -23.64 -3.34 -22.09
C GLY G 124 -22.99 -2.76 -23.33
N GLU G 125 -21.67 -2.91 -23.43
CA GLU G 125 -20.92 -2.28 -24.51
C GLU G 125 -21.17 -2.98 -25.84
N LEU G 126 -21.12 -4.31 -25.86
CA LEU G 126 -21.19 -5.04 -27.13
C LEU G 126 -22.62 -5.23 -27.61
N LEU G 127 -23.59 -5.37 -26.69
CA LEU G 127 -24.94 -5.74 -27.06
C LEU G 127 -26.00 -4.74 -26.62
N ASN G 128 -25.63 -3.73 -25.84
CA ASN G 128 -26.61 -2.81 -25.25
C ASN G 128 -27.62 -3.55 -24.38
N VAL G 129 -27.16 -4.63 -23.74
CA VAL G 129 -27.99 -5.45 -22.85
C VAL G 129 -27.54 -5.17 -21.43
N ASN G 130 -28.51 -5.02 -20.53
CA ASN G 130 -28.27 -4.63 -19.14
C ASN G 130 -28.37 -5.86 -18.26
N ILE G 131 -27.23 -6.28 -17.71
CA ILE G 131 -27.16 -7.32 -16.68
C ILE G 131 -27.32 -6.65 -15.32
N SER G 132 -28.23 -7.17 -14.51
CA SER G 132 -28.43 -6.69 -13.14
C SER G 132 -27.83 -7.72 -12.19
N LYS G 133 -26.84 -7.31 -11.39
CA LYS G 133 -26.11 -8.25 -10.53
C LYS G 133 -26.64 -8.31 -9.09
N GLN G 134 -27.84 -7.75 -8.83
CA GLN G 134 -28.30 -7.68 -7.45
C GLN G 134 -28.33 -9.06 -6.79
N GLN G 135 -28.74 -10.09 -7.52
CA GLN G 135 -28.85 -11.43 -6.95
C GLN G 135 -27.54 -12.22 -6.95
N GLN G 136 -26.43 -11.65 -7.43
CA GLN G 136 -25.16 -12.38 -7.38
C GLN G 136 -24.82 -12.79 -5.95
N SER G 137 -25.00 -11.86 -5.00
CA SER G 137 -24.91 -12.16 -3.58
C SER G 137 -26.29 -12.57 -3.09
N SER G 138 -26.56 -13.87 -3.16
CA SER G 138 -27.81 -14.41 -2.65
C SER G 138 -27.59 -15.85 -2.27
N ASP G 139 -28.55 -16.44 -1.56
CA ASP G 139 -28.46 -17.83 -1.15
C ASP G 139 -28.78 -18.74 -2.33
N TRP G 140 -27.75 -19.20 -3.02
CA TRP G 140 -27.97 -20.05 -4.19
C TRP G 140 -28.26 -21.49 -3.82
N ALA G 141 -28.10 -21.87 -2.56
CA ALA G 141 -28.47 -23.20 -2.09
C ALA G 141 -29.93 -23.31 -1.72
N ALA G 142 -30.72 -22.27 -1.92
CA ALA G 142 -32.13 -22.29 -1.52
C ALA G 142 -32.88 -23.38 -2.27
N GLU G 143 -33.75 -24.10 -1.55
CA GLU G 143 -34.53 -25.15 -2.19
C GLU G 143 -35.37 -24.61 -3.34
N THR G 144 -35.97 -23.44 -3.14
CA THR G 144 -36.76 -22.76 -4.16
C THR G 144 -36.13 -21.42 -4.46
N LEU G 145 -35.58 -21.27 -5.67
CA LEU G 145 -34.99 -20.00 -6.08
C LEU G 145 -36.07 -18.97 -6.37
N SER G 146 -35.76 -17.71 -6.06
CA SER G 146 -36.69 -16.63 -6.38
C SER G 146 -36.68 -16.36 -7.89
N ARG G 147 -37.79 -15.77 -8.36
CA ARG G 147 -37.87 -15.39 -9.77
C ARG G 147 -36.71 -14.48 -10.16
N ALA G 148 -36.35 -13.54 -9.28
CA ALA G 148 -35.18 -12.68 -9.55
C ALA G 148 -33.92 -13.51 -9.69
N GLN G 149 -33.74 -14.51 -8.82
CA GLN G 149 -32.57 -15.39 -8.90
C GLN G 149 -32.56 -16.16 -10.20
N ILE G 150 -33.72 -16.68 -10.61
CA ILE G 150 -33.78 -17.54 -11.79
C ILE G 150 -33.53 -16.72 -13.05
N GLU G 151 -34.12 -15.52 -13.12
CA GLU G 151 -33.90 -14.63 -14.26
C GLU G 151 -32.46 -14.15 -14.33
N TYR G 152 -31.85 -13.82 -13.19
CA TYR G 152 -30.45 -13.41 -13.19
C TYR G 152 -29.56 -14.56 -13.63
N ALA G 153 -29.77 -15.76 -13.08
CA ALA G 153 -28.96 -16.90 -13.47
C ALA G 153 -29.06 -17.15 -14.98
N ALA G 154 -30.26 -17.02 -15.54
CA ALA G 154 -30.44 -17.23 -16.97
C ALA G 154 -29.70 -16.17 -17.78
N SER G 155 -29.69 -14.91 -17.30
CA SER G 155 -29.03 -13.84 -18.02
C SER G 155 -27.54 -14.12 -18.20
N ASP G 156 -26.94 -14.90 -17.30
CA ASP G 156 -25.52 -15.23 -17.43
C ASP G 156 -25.22 -16.09 -18.66
N VAL G 157 -26.21 -16.79 -19.22
CA VAL G 157 -25.97 -17.65 -20.38
C VAL G 157 -26.70 -17.21 -21.62
N LEU G 158 -27.67 -16.29 -21.51
CA LEU G 158 -28.51 -15.96 -22.65
C LEU G 158 -27.76 -15.25 -23.77
N TYR G 159 -26.58 -14.68 -23.50
CA TYR G 159 -25.93 -13.82 -24.49
C TYR G 159 -24.52 -14.28 -24.87
N LEU G 160 -24.07 -15.43 -24.37
CA LEU G 160 -22.68 -15.82 -24.60
C LEU G 160 -22.40 -16.19 -26.05
N HIS G 161 -23.39 -16.73 -26.77
CA HIS G 161 -23.21 -16.99 -28.21
C HIS G 161 -22.99 -15.69 -28.97
N ARG G 162 -23.81 -14.68 -28.68
CA ARG G 162 -23.67 -13.40 -29.38
C ARG G 162 -22.35 -12.74 -29.03
N LEU G 163 -21.94 -12.80 -27.76
CA LEU G 163 -20.63 -12.27 -27.39
C LEU G 163 -19.52 -13.03 -28.11
N LYS G 164 -19.62 -14.36 -28.14
CA LYS G 164 -18.60 -15.16 -28.80
C LYS G 164 -18.45 -14.78 -30.27
N ASP G 165 -19.57 -14.58 -30.97
CA ASP G 165 -19.49 -14.20 -32.38
C ASP G 165 -18.74 -12.88 -32.56
N ILE G 166 -19.04 -11.90 -31.72
CA ILE G 166 -18.39 -10.60 -31.86
C ILE G 166 -16.91 -10.72 -31.54
N PHE G 167 -16.59 -11.39 -30.43
CA PHE G 167 -15.19 -11.57 -30.05
C PHE G 167 -14.42 -12.31 -31.13
N GLU G 168 -15.04 -13.34 -31.74
CA GLU G 168 -14.39 -14.05 -32.84
C GLU G 168 -14.07 -13.11 -33.99
N GLU G 169 -14.98 -12.19 -34.31
CA GLU G 169 -14.71 -11.21 -35.36
C GLU G 169 -13.53 -10.31 -34.98
N ARG G 170 -13.47 -9.86 -33.73
CA ARG G 170 -12.38 -8.98 -33.29
C ARG G 170 -11.05 -9.73 -33.24
N LEU G 171 -11.05 -10.97 -32.76
CA LEU G 171 -9.82 -11.76 -32.77
C LEU G 171 -9.29 -11.96 -34.18
N LYS G 172 -10.19 -12.17 -35.15
CA LYS G 172 -9.74 -12.25 -36.54
C LYS G 172 -9.17 -10.92 -37.01
N ARG G 173 -9.91 -9.83 -36.80
CA ARG G 173 -9.52 -8.51 -37.27
C ARG G 173 -8.15 -8.10 -36.75
N GLU G 174 -7.86 -8.40 -35.47
CA GLU G 174 -6.59 -8.04 -34.87
C GLU G 174 -5.55 -9.14 -34.94
N GLU G 175 -5.86 -10.24 -35.65
CA GLU G 175 -4.92 -11.34 -35.91
C GLU G 175 -4.44 -12.00 -34.62
N ARG G 176 -5.37 -12.34 -33.73
CA ARG G 176 -5.02 -12.94 -32.45
C ARG G 176 -5.70 -14.28 -32.22
N GLU G 177 -6.11 -14.96 -33.29
CA GLU G 177 -6.87 -16.19 -33.13
C GLU G 177 -6.04 -17.30 -32.49
N SER G 178 -4.79 -17.47 -32.94
CA SER G 178 -3.96 -18.53 -32.37
C SER G 178 -3.58 -18.22 -30.93
N VAL G 179 -3.48 -16.94 -30.57
CA VAL G 179 -3.22 -16.58 -29.17
C VAL G 179 -4.39 -17.01 -28.29
N ALA G 180 -5.61 -16.63 -28.68
CA ALA G 180 -6.78 -17.03 -27.91
C ALA G 180 -6.90 -18.55 -27.85
N LYS G 181 -6.64 -19.24 -28.95
CA LYS G 181 -6.74 -20.70 -28.98
C LYS G 181 -5.84 -21.35 -27.94
N ALA G 182 -4.58 -20.88 -27.85
CA ALA G 182 -3.67 -21.39 -26.83
C ALA G 182 -4.16 -21.09 -25.42
N CYS G 183 -4.73 -19.89 -25.19
CA CYS G 183 -5.25 -19.58 -23.87
C CYS G 183 -6.40 -20.51 -23.50
N PHE G 184 -7.32 -20.76 -24.45
CA PHE G 184 -8.43 -21.68 -24.19
C PHE G 184 -7.93 -23.10 -23.97
N GLN G 185 -6.89 -23.51 -24.69
CA GLN G 185 -6.32 -24.85 -24.49
C GLN G 185 -5.76 -25.02 -23.08
N PHE G 186 -5.18 -23.96 -22.52
CA PHE G 186 -4.58 -24.08 -21.19
C PHE G 186 -5.61 -23.89 -20.08
N LEU G 187 -6.76 -23.30 -20.39
CA LEU G 187 -7.73 -22.98 -19.35
C LEU G 187 -8.14 -24.18 -18.48
N PRO G 188 -8.37 -25.39 -19.02
CA PRO G 188 -8.68 -26.52 -18.13
C PRO G 188 -7.59 -26.78 -17.11
N MET G 189 -6.33 -26.64 -17.51
CA MET G 189 -5.24 -26.85 -16.56
C MET G 189 -5.16 -25.71 -15.55
N ARG G 190 -5.45 -24.47 -15.98
CA ARG G 190 -5.52 -23.37 -15.02
C ARG G 190 -6.60 -23.64 -13.98
N ALA G 191 -7.75 -24.16 -14.42
CA ALA G 191 -8.80 -24.55 -13.48
C ALA G 191 -8.31 -25.69 -12.58
N ASN G 192 -7.58 -26.64 -13.15
CA ASN G 192 -7.04 -27.74 -12.36
C ASN G 192 -6.04 -27.23 -11.33
N LEU G 193 -5.09 -26.38 -11.77
CA LEU G 193 -4.15 -25.77 -10.84
C LEU G 193 -4.85 -25.12 -9.65
N ASP G 194 -6.00 -24.48 -9.91
CA ASP G 194 -6.78 -23.89 -8.83
C ASP G 194 -7.22 -24.96 -7.82
N LEU G 195 -7.75 -26.08 -8.31
CA LEU G 195 -8.23 -27.11 -7.40
C LEU G 195 -7.08 -27.77 -6.63
N LEU G 196 -5.92 -27.91 -7.26
CA LEU G 196 -4.78 -28.55 -6.62
C LEU G 196 -4.12 -27.69 -5.55
N GLY G 197 -4.38 -26.37 -5.54
CA GLY G 197 -3.82 -25.53 -4.49
C GLY G 197 -3.01 -24.32 -4.93
N TRP G 198 -3.03 -23.98 -6.23
CA TRP G 198 -2.31 -22.82 -6.73
C TRP G 198 -3.25 -21.68 -7.11
N SER G 199 -4.45 -21.63 -6.52
CA SER G 199 -5.43 -20.63 -6.94
C SER G 199 -4.93 -19.20 -6.77
N GLU G 200 -4.00 -18.94 -5.83
CA GLU G 200 -3.50 -17.59 -5.60
C GLU G 200 -2.18 -17.32 -6.31
N ILE G 201 -1.73 -18.22 -7.19
CA ILE G 201 -0.41 -18.16 -7.81
C ILE G 201 -0.58 -18.04 -9.32
N ASP G 202 0.02 -16.99 -9.89
CA ASP G 202 0.23 -16.89 -11.34
C ASP G 202 1.42 -17.78 -11.67
N ILE G 203 1.16 -18.96 -12.23
CA ILE G 203 2.21 -19.95 -12.41
C ILE G 203 3.30 -19.46 -13.35
N PHE G 204 2.99 -18.46 -14.18
CA PHE G 204 3.93 -17.96 -15.18
C PHE G 204 4.68 -16.71 -14.74
N ALA G 205 4.43 -16.16 -13.55
CA ALA G 205 5.06 -14.91 -13.15
C ALA G 205 6.49 -15.13 -12.69
N HIS G 206 7.32 -14.10 -12.84
CA HIS G 206 8.69 -14.18 -12.34
C HIS G 206 8.70 -14.33 -10.82
N SER G 207 7.78 -13.68 -10.13
CA SER G 207 7.62 -13.85 -8.70
C SER G 207 6.21 -13.50 -8.26
N MET I 2 46.00 11.52 -0.51
CA MET I 2 46.91 11.71 -1.63
C MET I 2 46.24 12.48 -2.76
N THR I 3 44.93 12.28 -2.92
CA THR I 3 44.14 13.20 -3.72
C THR I 3 44.29 14.61 -3.16
N GLU I 4 44.77 15.54 -3.99
CA GLU I 4 44.87 16.93 -3.58
C GLU I 4 43.49 17.57 -3.56
N ILE I 5 43.08 18.08 -2.40
CA ILE I 5 41.80 18.75 -2.24
C ILE I 5 42.07 20.14 -1.68
N ARG I 6 41.65 21.17 -2.40
CA ARG I 6 41.83 22.55 -1.99
C ARG I 6 40.52 23.04 -1.40
N VAL I 7 40.56 23.48 -0.14
CA VAL I 7 39.38 23.95 0.58
C VAL I 7 39.40 25.48 0.60
N HIS I 8 38.28 26.08 0.22
CA HIS I 8 38.15 27.53 0.17
C HIS I 8 36.97 27.98 1.01
N GLN I 9 37.03 29.24 1.46
CA GLN I 9 35.91 29.90 2.11
C GLN I 9 35.24 30.83 1.11
N GLY I 10 33.96 30.63 0.88
CA GLY I 10 33.19 31.60 0.11
C GLY I 10 33.22 31.47 -1.40
N ASP I 11 34.42 31.38 -1.99
CA ASP I 11 34.53 31.37 -3.44
C ASP I 11 35.89 30.80 -3.83
N LEU I 12 35.99 30.38 -5.09
CA LEU I 12 37.31 30.14 -5.65
C LEU I 12 38.13 31.44 -5.63
N PRO I 13 39.42 31.39 -5.27
CA PRO I 13 40.24 32.62 -5.39
C PRO I 13 40.42 33.10 -6.82
N ASN I 14 40.42 32.20 -7.79
CA ASN I 14 40.54 32.56 -9.19
C ASN I 14 40.11 31.36 -10.02
N LEU I 15 40.15 31.50 -11.34
CA LEU I 15 39.73 30.43 -12.24
C LEU I 15 40.90 29.75 -12.92
N ASP I 16 42.10 29.84 -12.34
CA ASP I 16 43.29 29.31 -13.01
C ASP I 16 43.16 27.82 -13.28
N ASN I 17 42.46 27.10 -12.42
CA ASN I 17 42.33 25.65 -12.58
C ASN I 17 41.12 25.25 -13.40
N TYR I 18 40.37 26.22 -13.93
CA TYR I 18 39.13 25.91 -14.62
C TYR I 18 39.04 26.66 -15.93
N ARG I 19 40.16 26.78 -16.64
CA ARG I 19 40.14 27.21 -18.04
C ARG I 19 40.02 25.96 -18.92
N ILE I 20 38.83 25.35 -18.84
CA ILE I 20 38.54 24.03 -19.38
C ILE I 20 37.15 24.03 -20.03
N ASP I 21 36.85 22.94 -20.75
CA ASP I 21 35.61 22.81 -21.51
C ASP I 21 34.44 22.29 -20.69
N ALA I 22 34.71 21.61 -19.58
CA ALA I 22 33.65 21.01 -18.78
C ALA I 22 34.13 20.93 -17.34
N VAL I 23 33.24 21.22 -16.40
CA VAL I 23 33.57 21.22 -14.98
C VAL I 23 32.59 20.30 -14.27
N ALA I 24 33.11 19.47 -13.37
CA ALA I 24 32.30 18.60 -12.51
C ALA I 24 31.87 19.37 -11.27
N VAL I 25 30.58 19.28 -10.94
CA VAL I 25 29.96 20.11 -9.90
C VAL I 25 29.10 19.24 -8.98
N ASP I 26 29.16 19.52 -7.68
CA ASP I 26 28.21 18.92 -6.74
C ASP I 26 28.08 19.89 -5.57
N THR I 27 27.09 19.65 -4.71
CA THR I 27 26.86 20.51 -3.57
C THR I 27 26.58 19.66 -2.34
N GLU I 28 26.74 20.30 -1.17
CA GLU I 28 26.27 19.76 0.09
C GLU I 28 25.41 20.83 0.75
N THR I 29 24.36 20.38 1.43
CA THR I 29 23.38 21.25 2.05
C THR I 29 22.99 20.71 3.40
N LEU I 30 22.09 21.41 4.10
CA LEU I 30 21.51 20.88 5.32
C LEU I 30 20.31 19.96 5.05
N GLY I 31 20.04 19.63 3.80
CA GLY I 31 18.94 18.74 3.50
C GLY I 31 18.39 18.99 2.10
N LEU I 32 17.33 18.26 1.79
CA LEU I 32 16.81 18.18 0.43
C LEU I 32 15.84 19.31 0.05
N GLN I 33 15.50 20.20 0.97
CA GLN I 33 14.50 21.23 0.71
C GLN I 33 15.15 22.61 0.59
N PRO I 34 15.32 23.14 -0.63
CA PRO I 34 16.14 24.35 -0.80
C PRO I 34 15.62 25.58 -0.09
N HIS I 35 14.32 25.68 0.17
CA HIS I 35 13.81 26.86 0.86
C HIS I 35 14.05 26.81 2.36
N ARG I 36 14.40 25.65 2.91
CA ARG I 36 14.70 25.49 4.32
C ARG I 36 16.16 25.19 4.59
N ASP I 37 16.79 24.43 3.69
CA ASP I 37 18.10 23.81 3.91
C ASP I 37 19.16 24.54 3.08
N ARG I 38 20.03 25.28 3.75
CA ARG I 38 20.93 26.19 3.05
C ARG I 38 22.06 25.45 2.34
N LEU I 39 22.56 26.09 1.28
CA LEU I 39 23.77 25.63 0.59
C LEU I 39 24.96 25.75 1.52
N CYS I 40 25.67 24.65 1.72
CA CYS I 40 26.79 24.61 2.64
C CYS I 40 28.14 24.45 1.95
N VAL I 41 28.20 23.66 0.88
CA VAL I 41 29.45 23.36 0.19
C VAL I 41 29.19 23.32 -1.30
N VAL I 42 30.14 23.81 -2.09
CA VAL I 42 30.15 23.57 -3.53
C VAL I 42 31.48 22.90 -3.87
N GLN I 43 31.41 21.78 -4.57
CA GLN I 43 32.60 21.04 -4.96
C GLN I 43 32.79 21.13 -6.47
N LEU I 44 34.05 21.27 -6.88
CA LEU I 44 34.41 21.37 -8.27
C LEU I 44 35.58 20.46 -8.56
N SER I 45 35.62 19.92 -9.78
CA SER I 45 36.82 19.25 -10.25
C SER I 45 36.97 19.49 -11.74
N SER I 46 38.21 19.65 -12.18
CA SER I 46 38.52 19.78 -13.60
C SER I 46 38.68 18.43 -14.28
N GLY I 47 38.57 17.34 -13.52
CA GLY I 47 38.84 16.03 -14.06
C GLY I 47 40.26 15.55 -13.90
N ASP I 48 41.14 16.36 -13.32
CA ASP I 48 42.56 16.04 -13.24
C ASP I 48 42.93 15.27 -11.98
N GLY I 49 41.95 14.72 -11.27
CA GLY I 49 42.25 14.04 -10.04
C GLY I 49 42.34 14.94 -8.82
N THR I 50 42.19 16.25 -9.00
CA THR I 50 42.12 17.20 -7.90
C THR I 50 40.72 17.79 -7.84
N ALA I 51 40.37 18.32 -6.67
CA ALA I 51 39.05 18.89 -6.45
C ALA I 51 39.16 20.15 -5.59
N ASP I 52 38.19 21.06 -5.77
CA ASP I 52 38.05 22.25 -4.94
C ASP I 52 36.78 22.15 -4.12
N VAL I 53 36.89 22.36 -2.81
CA VAL I 53 35.77 22.25 -1.87
C VAL I 53 35.55 23.63 -1.27
N ILE I 54 34.44 24.28 -1.64
CA ILE I 54 34.17 25.66 -1.29
C ILE I 54 33.08 25.69 -0.22
N GLN I 55 33.42 26.17 0.98
CA GLN I 55 32.43 26.32 2.03
C GLN I 55 31.65 27.62 1.84
N ILE I 56 30.33 27.51 1.85
CA ILE I 56 29.43 28.63 1.65
C ILE I 56 28.88 29.04 3.01
N ALA I 57 28.96 30.33 3.32
CA ALA I 57 28.52 30.82 4.62
C ALA I 57 27.01 30.95 4.65
N LYS I 58 26.45 30.94 5.85
CA LYS I 58 25.04 31.20 6.01
C LYS I 58 24.73 32.62 5.57
N GLY I 59 23.71 32.77 4.72
CA GLY I 59 23.37 34.07 4.19
C GLY I 59 24.25 34.56 3.07
N GLN I 60 25.23 33.78 2.61
CA GLN I 60 26.04 34.19 1.48
C GLN I 60 25.19 34.23 0.21
N LYS I 61 25.28 35.33 -0.53
CA LYS I 61 24.48 35.48 -1.73
C LYS I 61 25.28 35.57 -3.03
N SER I 62 26.60 35.67 -2.97
CA SER I 62 27.42 35.86 -4.17
C SER I 62 28.68 35.02 -4.05
N ALA I 63 29.18 34.59 -5.20
CA ALA I 63 30.48 33.95 -5.28
C ALA I 63 30.94 34.12 -6.72
N PRO I 64 31.47 35.30 -7.07
CA PRO I 64 31.51 35.68 -8.50
C PRO I 64 32.37 34.76 -9.36
N ASN I 65 33.44 34.17 -8.80
CA ASN I 65 34.25 33.28 -9.62
C ASN I 65 33.54 31.96 -9.88
N LEU I 66 32.97 31.37 -8.84
CA LEU I 66 32.17 30.16 -9.05
C LEU I 66 31.00 30.44 -9.98
N VAL I 67 30.33 31.57 -9.78
CA VAL I 67 29.13 31.84 -10.56
C VAL I 67 29.48 32.13 -12.02
N ARG I 68 30.64 32.72 -12.28
CA ARG I 68 31.10 32.88 -13.65
C ARG I 68 31.17 31.52 -14.35
N LEU I 69 31.78 30.53 -13.68
CA LEU I 69 31.79 29.16 -14.22
C LEU I 69 30.38 28.67 -14.52
N LEU I 70 29.46 28.85 -13.59
CA LEU I 70 28.11 28.36 -13.77
C LEU I 70 27.36 29.11 -14.87
N SER I 71 27.76 30.33 -15.18
CA SER I 71 27.11 31.13 -16.23
C SER I 71 27.80 31.03 -17.58
N ASP I 72 28.98 30.42 -17.64
CA ASP I 72 29.79 30.44 -18.87
C ASP I 72 29.26 29.38 -19.83
N ARG I 73 28.61 29.83 -20.91
CA ARG I 73 28.01 28.88 -21.85
C ARG I 73 29.04 28.08 -22.64
N ASP I 74 30.32 28.45 -22.60
CA ASP I 74 31.33 27.62 -23.24
C ASP I 74 31.81 26.48 -22.35
N ILE I 75 31.27 26.34 -21.14
CA ILE I 75 31.68 25.30 -20.21
C ILE I 75 30.48 24.46 -19.85
N THR I 76 30.52 23.17 -20.18
CA THR I 76 29.50 22.25 -19.73
C THR I 76 29.69 21.96 -18.26
N LYS I 77 28.62 22.09 -17.49
CA LYS I 77 28.64 21.70 -16.10
C LYS I 77 28.15 20.26 -16.01
N ILE I 78 28.98 19.39 -15.46
CA ILE I 78 28.63 17.99 -15.30
C ILE I 78 28.11 17.79 -13.89
N PHE I 79 26.94 17.16 -13.77
CA PHE I 79 26.34 16.83 -12.50
C PHE I 79 26.02 15.35 -12.43
N HIS I 80 25.92 14.84 -11.21
CA HIS I 80 25.16 13.63 -10.95
C HIS I 80 23.89 14.05 -10.25
N PHE I 81 22.75 13.84 -10.91
CA PHE I 81 21.45 14.36 -10.48
C PHE I 81 21.49 15.89 -10.37
N GLY I 82 21.75 16.52 -11.51
CA GLY I 82 21.80 17.97 -11.56
C GLY I 82 20.51 18.63 -11.15
N ARG I 83 19.38 17.92 -11.25
CA ARG I 83 18.10 18.47 -10.82
C ARG I 83 18.21 19.12 -9.45
N PHE I 84 18.91 18.48 -8.53
CA PHE I 84 19.02 19.07 -7.20
C PHE I 84 20.03 20.21 -7.18
N ASP I 85 21.26 19.96 -7.64
CA ASP I 85 22.29 21.00 -7.58
C ASP I 85 21.84 22.27 -8.27
N LEU I 86 21.25 22.14 -9.45
CA LEU I 86 20.81 23.31 -10.20
C LEU I 86 19.83 24.14 -9.38
N ALA I 87 18.95 23.48 -8.62
CA ALA I 87 17.93 24.22 -7.88
C ALA I 87 18.55 24.98 -6.70
N ILE I 88 19.40 24.32 -5.91
CA ILE I 88 19.98 25.00 -4.76
C ILE I 88 20.94 26.11 -5.22
N LEU I 89 21.68 25.86 -6.31
CA LEU I 89 22.61 26.87 -6.80
C LEU I 89 21.86 28.09 -7.33
N ALA I 90 20.78 27.86 -8.07
CA ALA I 90 19.96 28.95 -8.57
C ALA I 90 19.30 29.69 -7.42
N HIS I 91 18.80 28.94 -6.43
CA HIS I 91 18.16 29.58 -5.29
C HIS I 91 19.15 30.45 -4.51
N THR I 92 20.38 30.01 -4.36
CA THR I 92 21.34 30.71 -3.52
C THR I 92 21.96 31.91 -4.23
N PHE I 93 22.45 31.70 -5.45
CA PHE I 93 23.20 32.74 -6.15
C PHE I 93 22.39 33.44 -7.24
N GLY I 94 21.20 32.96 -7.57
CA GLY I 94 20.35 33.64 -8.51
C GLY I 94 20.65 33.39 -9.98
N VAL I 95 21.49 32.42 -10.28
CA VAL I 95 21.86 32.09 -11.65
C VAL I 95 21.57 30.63 -11.90
N MET I 96 20.87 30.35 -12.99
CA MET I 96 20.57 28.98 -13.35
C MET I 96 21.51 28.57 -14.47
N PRO I 97 22.44 27.64 -14.25
CA PRO I 97 23.25 27.13 -15.36
C PRO I 97 22.37 26.56 -16.46
N ASP I 98 22.84 26.67 -17.71
CA ASP I 98 22.03 26.23 -18.84
C ASP I 98 22.77 25.36 -19.86
N VAL I 99 24.02 24.98 -19.59
CA VAL I 99 24.75 24.02 -20.42
C VAL I 99 25.18 22.90 -19.48
N VAL I 100 24.46 21.77 -19.50
CA VAL I 100 24.60 20.76 -18.45
C VAL I 100 24.66 19.35 -19.03
N PHE I 101 25.31 18.46 -18.27
CA PHE I 101 25.25 17.02 -18.46
C PHE I 101 24.98 16.39 -17.09
N CYS I 102 24.09 15.39 -17.07
CA CYS I 102 23.70 14.73 -15.83
C CYS I 102 23.95 13.24 -15.98
N THR I 103 24.76 12.68 -15.08
CA THR I 103 25.07 11.28 -15.19
C THR I 103 23.93 10.40 -14.70
N LYS I 104 22.99 10.93 -13.90
CA LYS I 104 21.86 10.11 -13.51
C LYS I 104 20.89 9.93 -14.68
N ILE I 105 20.53 11.02 -15.34
CA ILE I 105 19.73 10.89 -16.56
C ILE I 105 20.44 10.01 -17.59
N ALA I 106 21.75 10.23 -17.77
CA ALA I 106 22.56 9.42 -18.69
C ALA I 106 22.46 7.95 -18.35
N SER I 107 22.56 7.63 -17.07
CA SER I 107 22.46 6.25 -16.60
C SER I 107 21.08 5.66 -16.89
N LYS I 108 20.02 6.41 -16.58
CA LYS I 108 18.66 5.92 -16.84
C LYS I 108 18.43 5.63 -18.33
N LEU I 109 19.16 6.29 -19.22
CA LEU I 109 19.01 6.11 -20.65
C LEU I 109 19.99 5.08 -21.23
N THR I 110 20.92 4.58 -20.44
CA THR I 110 21.91 3.62 -20.95
C THR I 110 22.02 2.35 -20.13
N ARG I 111 21.92 2.44 -18.80
CA ARG I 111 21.97 1.26 -17.96
C ARG I 111 20.54 0.74 -17.78
N THR I 112 20.03 0.19 -18.87
CA THR I 112 18.65 -0.25 -18.95
C THR I 112 18.39 -1.56 -18.22
N TYR I 113 19.43 -2.19 -17.68
CA TYR I 113 19.33 -3.48 -17.03
C TYR I 113 19.29 -3.37 -15.51
N THR I 114 19.00 -2.19 -14.98
CA THR I 114 18.99 -1.98 -13.53
C THR I 114 18.06 -0.83 -13.19
N ASP I 115 17.59 -0.81 -11.95
CA ASP I 115 16.89 0.36 -11.42
C ASP I 115 17.73 1.12 -10.40
N ARG I 116 19.00 0.75 -10.24
CA ARG I 116 19.91 1.38 -9.30
C ARG I 116 20.81 2.33 -10.08
N HIS I 117 20.53 3.63 -9.96
CA HIS I 117 21.17 4.71 -10.70
C HIS I 117 21.85 5.72 -9.77
N GLY I 118 22.25 5.27 -8.57
CA GLY I 118 22.96 6.14 -7.66
C GLY I 118 24.41 6.27 -8.03
N LEU I 119 25.06 7.33 -7.51
CA LEU I 119 26.45 7.57 -7.87
C LEU I 119 27.35 6.44 -7.40
N LYS I 120 27.14 5.99 -6.16
CA LYS I 120 27.89 4.84 -5.65
C LYS I 120 27.76 3.65 -6.58
N GLU I 121 26.53 3.29 -6.95
CA GLU I 121 26.33 2.15 -7.83
C GLU I 121 27.03 2.36 -9.17
N ILE I 122 26.93 3.57 -9.72
CA ILE I 122 27.46 3.84 -11.06
C ILE I 122 28.98 3.78 -11.04
N CYS I 123 29.62 4.40 -10.04
CA CYS I 123 31.08 4.40 -9.97
C CYS I 123 31.62 2.99 -9.81
N GLY I 124 30.95 2.16 -9.00
CA GLY I 124 31.42 0.79 -8.81
C GLY I 124 31.37 0.00 -10.10
N GLU I 125 30.28 0.13 -10.84
CA GLU I 125 30.10 -0.68 -12.05
C GLU I 125 30.95 -0.16 -13.20
N LEU I 126 30.99 1.16 -13.41
CA LEU I 126 31.66 1.69 -14.59
C LEU I 126 33.16 1.89 -14.38
N LEU I 127 33.59 2.12 -13.14
CA LEU I 127 34.98 2.49 -12.86
C LEU I 127 35.65 1.60 -11.84
N ASN I 128 34.93 0.69 -11.20
CA ASN I 128 35.45 -0.05 -10.05
C ASN I 128 35.98 0.90 -8.98
N VAL I 129 35.26 1.99 -8.76
CA VAL I 129 35.60 2.99 -7.77
C VAL I 129 34.57 2.91 -6.64
N ASN I 130 35.06 2.82 -5.41
CA ASN I 130 34.20 2.67 -4.23
C ASN I 130 33.91 4.05 -3.65
N ILE I 131 32.65 4.48 -3.73
CA ILE I 131 32.18 5.69 -3.03
C ILE I 131 31.65 5.28 -1.66
N SER I 132 32.14 5.93 -0.61
CA SER I 132 31.66 5.70 0.75
C SER I 132 30.69 6.82 1.12
N LYS I 133 29.46 6.44 1.50
CA LYS I 133 28.39 7.41 1.75
C LYS I 133 28.20 7.74 3.23
N GLN I 134 29.15 7.35 4.09
CA GLN I 134 28.96 7.56 5.53
C GLN I 134 28.71 9.02 5.87
N GLN I 135 29.41 9.94 5.23
CA GLN I 135 29.29 11.35 5.60
C GLN I 135 28.14 12.07 4.90
N GLN I 136 27.41 11.42 4.00
CA GLN I 136 26.30 12.08 3.32
C GLN I 136 25.33 12.69 4.33
N SER I 137 25.00 11.93 5.37
CA SER I 137 24.21 12.42 6.51
C SER I 137 25.15 12.95 7.58
N SER I 138 25.58 14.20 7.41
CA SER I 138 26.44 14.84 8.40
C SER I 138 26.10 16.32 8.45
N ASP I 139 26.67 17.01 9.45
CA ASP I 139 26.45 18.45 9.59
C ASP I 139 27.32 19.20 8.58
N TRP I 140 26.76 19.42 7.39
CA TRP I 140 27.51 20.10 6.34
C TRP I 140 27.67 21.59 6.59
N ALA I 141 26.96 22.14 7.58
CA ALA I 141 27.11 23.55 7.94
C ALA I 141 28.20 23.79 8.96
N ALA I 142 28.91 22.75 9.40
CA ALA I 142 29.97 22.93 10.39
C ALA I 142 31.01 23.93 9.90
N GLU I 143 31.54 24.72 10.84
CA GLU I 143 32.54 25.72 10.47
C GLU I 143 33.78 25.06 9.90
N THR I 144 34.26 24.01 10.53
CA THR I 144 35.35 23.18 10.03
C THR I 144 34.80 21.81 9.69
N LEU I 145 34.87 21.45 8.42
CA LEU I 145 34.53 20.09 8.00
C LEU I 145 35.64 19.13 8.39
N SER I 146 35.27 17.91 8.73
CA SER I 146 36.26 16.89 9.04
C SER I 146 36.93 16.40 7.75
N ARG I 147 38.07 15.72 7.91
CA ARG I 147 38.74 15.16 6.74
C ARG I 147 37.84 14.18 6.01
N ALA I 148 37.04 13.39 6.76
CA ALA I 148 36.11 12.46 6.14
C ALA I 148 35.09 13.18 5.27
N GLN I 149 34.49 14.25 5.80
CA GLN I 149 33.54 15.03 5.01
C GLN I 149 34.19 15.62 3.78
N ILE I 150 35.42 16.13 3.93
CA ILE I 150 36.09 16.77 2.81
C ILE I 150 36.42 15.75 1.72
N GLU I 151 36.94 14.58 2.10
CA GLU I 151 37.25 13.56 1.11
C GLU I 151 35.98 13.02 0.46
N TYR I 152 34.90 12.90 1.23
CA TYR I 152 33.63 12.46 0.64
C TYR I 152 33.11 13.48 -0.36
N ALA I 153 33.11 14.76 0.02
CA ALA I 153 32.66 15.81 -0.88
C ALA I 153 33.49 15.81 -2.17
N ALA I 154 34.81 15.70 -2.04
CA ALA I 154 35.64 15.64 -3.24
C ALA I 154 35.30 14.42 -4.10
N SER I 155 34.93 13.30 -3.47
CA SER I 155 34.69 12.09 -4.26
C SER I 155 33.46 12.24 -5.15
N ASP I 156 32.55 13.14 -4.79
CA ASP I 156 31.37 13.35 -5.61
C ASP I 156 31.71 13.93 -6.98
N VAL I 157 32.85 14.62 -7.12
CA VAL I 157 33.21 15.28 -8.36
C VAL I 157 34.44 14.70 -9.04
N LEU I 158 35.26 13.90 -8.36
CA LEU I 158 36.51 13.44 -8.96
C LEU I 158 36.31 12.55 -10.18
N TYR I 159 35.15 11.90 -10.31
CA TYR I 159 34.97 10.87 -11.33
C TYR I 159 33.92 11.21 -12.38
N LEU I 160 33.37 12.43 -12.37
CA LEU I 160 32.23 12.68 -13.25
C LEU I 160 32.64 12.87 -14.70
N HIS I 161 33.86 13.38 -14.94
CA HIS I 161 34.35 13.44 -16.32
C HIS I 161 34.47 12.02 -16.90
N ARG I 162 35.03 11.09 -16.12
CA ARG I 162 35.18 9.73 -16.60
C ARG I 162 33.83 9.08 -16.85
N LEU I 163 32.87 9.29 -15.94
CA LEU I 163 31.53 8.75 -16.16
C LEU I 163 30.90 9.32 -17.41
N LYS I 164 31.04 10.64 -17.61
CA LYS I 164 30.45 11.28 -18.78
C LYS I 164 31.02 10.72 -20.07
N ASP I 165 32.33 10.50 -20.12
CA ASP I 165 32.92 9.89 -21.32
C ASP I 165 32.27 8.54 -21.64
N ILE I 166 32.14 7.68 -20.63
CA ILE I 166 31.57 6.35 -20.86
C ILE I 166 30.11 6.46 -21.27
N PHE I 167 29.34 7.31 -20.58
CA PHE I 167 27.93 7.46 -20.91
C PHE I 167 27.74 8.02 -22.32
N GLU I 168 28.61 8.95 -22.72
CA GLU I 168 28.55 9.46 -24.09
C GLU I 168 28.80 8.35 -25.11
N GLU I 169 29.76 7.46 -24.82
CA GLU I 169 29.96 6.28 -25.67
C GLU I 169 28.70 5.44 -25.76
N ARG I 170 28.07 5.18 -24.62
CA ARG I 170 26.88 4.33 -24.60
C ARG I 170 25.70 5.01 -25.29
N LEU I 171 25.56 6.32 -25.11
CA LEU I 171 24.46 7.04 -25.74
C LEU I 171 24.61 7.05 -27.26
N LYS I 172 25.84 7.14 -27.76
CA LYS I 172 26.08 6.98 -29.20
C LYS I 172 25.78 5.56 -29.65
N ARG I 173 26.27 4.56 -28.90
CA ARG I 173 26.08 3.17 -29.30
C ARG I 173 24.59 2.82 -29.42
N GLU I 174 23.79 3.25 -28.45
CA GLU I 174 22.37 2.95 -28.46
C GLU I 174 21.55 3.98 -29.21
N GLU I 175 22.20 4.97 -29.82
CA GLU I 175 21.55 5.93 -30.71
C GLU I 175 20.55 6.79 -29.96
N ARG I 176 20.94 7.25 -28.77
CA ARG I 176 20.04 8.05 -27.92
C ARG I 176 20.64 9.42 -27.58
N GLU I 177 21.56 9.93 -28.40
CA GLU I 177 22.19 11.20 -28.09
C GLU I 177 21.20 12.35 -28.10
N SER I 178 20.26 12.36 -29.06
CA SER I 178 19.34 13.48 -29.16
C SER I 178 18.33 13.46 -28.01
N VAL I 179 17.94 12.27 -27.56
CA VAL I 179 17.07 12.16 -26.41
C VAL I 179 17.75 12.77 -25.18
N ALA I 180 18.97 12.33 -24.90
CA ALA I 180 19.71 12.84 -23.76
C ALA I 180 19.84 14.36 -23.85
N LYS I 181 20.18 14.87 -25.03
CA LYS I 181 20.32 16.32 -25.21
C LYS I 181 19.04 17.06 -24.83
N ALA I 182 17.88 16.55 -25.26
CA ALA I 182 16.63 17.19 -24.90
C ALA I 182 16.38 17.13 -23.39
N CYS I 183 16.75 16.03 -22.73
CA CYS I 183 16.53 15.95 -21.29
C CYS I 183 17.39 16.98 -20.57
N PHE I 184 18.64 17.09 -20.99
CA PHE I 184 19.55 18.06 -20.40
C PHE I 184 19.03 19.48 -20.60
N GLN I 185 18.53 19.79 -21.81
CA GLN I 185 18.00 21.12 -22.08
CA GLN I 185 18.01 21.13 -22.07
C GLN I 185 16.86 21.48 -21.13
N PHE I 186 16.01 20.51 -20.81
CA PHE I 186 14.88 20.79 -19.93
C PHE I 186 15.27 20.79 -18.46
N LEU I 187 16.39 20.14 -18.10
CA LEU I 187 16.72 19.99 -16.69
C LEU I 187 16.71 21.30 -15.90
N PRO I 188 17.20 22.43 -16.40
CA PRO I 188 17.12 23.67 -15.57
C PRO I 188 15.69 24.09 -15.29
N MET I 189 14.80 23.89 -16.25
CA MET I 189 13.40 24.20 -15.99
C MET I 189 12.76 23.20 -15.03
N ARG I 190 13.19 21.93 -15.07
CA ARG I 190 12.73 20.98 -14.07
C ARG I 190 13.17 21.42 -12.68
N ALA I 191 14.40 21.93 -12.57
CA ALA I 191 14.86 22.46 -11.29
C ALA I 191 14.08 23.70 -10.89
N ASN I 192 13.83 24.59 -11.86
CA ASN I 192 13.04 25.78 -11.54
C ASN I 192 11.64 25.41 -11.08
N LEU I 193 11.01 24.43 -11.75
CA LEU I 193 9.71 23.92 -11.32
C LEU I 193 9.73 23.47 -9.87
N ASP I 194 10.80 22.78 -9.46
CA ASP I 194 10.93 22.40 -8.06
C ASP I 194 10.91 23.62 -7.15
N LEU I 195 11.73 24.64 -7.46
CA LEU I 195 11.77 25.81 -6.59
C LEU I 195 10.43 26.53 -6.56
N LEU I 196 9.68 26.48 -7.66
CA LEU I 196 8.42 27.22 -7.73
C LEU I 196 7.27 26.50 -7.03
N GLY I 197 7.42 25.22 -6.69
CA GLY I 197 6.39 24.53 -5.94
C GLY I 197 5.88 23.24 -6.53
N TRP I 198 6.50 22.75 -7.59
CA TRP I 198 6.08 21.51 -8.24
C TRP I 198 7.09 20.38 -7.99
N SER I 199 7.85 20.45 -6.90
CA SER I 199 8.90 19.47 -6.66
C SER I 199 8.35 18.05 -6.53
N GLU I 200 7.09 17.90 -6.08
CA GLU I 200 6.49 16.57 -5.94
C GLU I 200 5.61 16.18 -7.13
N ILE I 201 5.67 16.91 -8.24
CA ILE I 201 4.77 16.67 -9.36
C ILE I 201 5.59 16.32 -10.58
N ASP I 202 5.29 15.16 -11.18
CA ASP I 202 5.76 14.84 -12.53
C ASP I 202 4.90 15.63 -13.50
N ILE I 203 5.41 16.78 -13.96
CA ILE I 203 4.58 17.68 -14.76
C ILE I 203 4.07 17.00 -16.05
N PHE I 204 4.71 15.92 -16.50
CA PHE I 204 4.31 15.26 -17.75
C PHE I 204 3.37 14.08 -17.56
N ALA I 205 2.98 13.75 -16.33
CA ALA I 205 2.19 12.55 -16.11
C ALA I 205 0.72 12.82 -16.38
N HIS I 206 0.01 11.76 -16.78
CA HIS I 206 -1.43 11.89 -17.02
C HIS I 206 -2.16 12.24 -15.73
N SER I 207 -1.79 11.59 -14.62
CA SER I 207 -2.48 11.82 -13.35
C SER I 207 -1.51 11.94 -12.17
N GLU K 4 19.83 -37.42 22.73
CA GLU K 4 19.89 -38.05 21.42
C GLU K 4 18.56 -37.98 20.68
N ILE K 5 18.57 -38.40 19.41
CA ILE K 5 17.41 -38.32 18.53
C ILE K 5 17.12 -39.71 17.99
N ARG K 6 15.91 -40.20 18.23
CA ARG K 6 15.45 -41.50 17.74
C ARG K 6 14.58 -41.28 16.51
N VAL K 7 14.95 -41.90 15.39
CA VAL K 7 14.23 -41.74 14.14
C VAL K 7 13.40 -42.99 13.89
N HIS K 8 12.13 -42.79 13.54
CA HIS K 8 11.18 -43.88 13.31
C HIS K 8 10.52 -43.69 11.95
N GLN K 9 10.08 -44.81 11.36
CA GLN K 9 9.23 -44.79 10.18
C GLN K 9 7.78 -45.08 10.59
N GLY K 10 6.87 -44.19 10.22
CA GLY K 10 5.42 -44.41 10.39
C GLY K 10 4.81 -44.04 11.73
N ASP K 11 5.38 -44.55 12.82
CA ASP K 11 4.77 -44.40 14.15
C ASP K 11 5.87 -44.58 15.19
N LEU K 12 5.59 -44.19 16.43
CA LEU K 12 6.38 -44.66 17.54
C LEU K 12 6.21 -46.17 17.70
N PRO K 13 7.26 -46.89 18.10
CA PRO K 13 7.06 -48.34 18.37
C PRO K 13 6.21 -48.60 19.59
N ASN K 14 6.28 -47.73 20.61
CA ASN K 14 5.47 -47.84 21.81
C ASN K 14 5.47 -46.47 22.50
N LEU K 15 4.81 -46.38 23.65
CA LEU K 15 4.74 -45.13 24.40
C LEU K 15 5.61 -45.15 25.66
N ASP K 16 6.63 -46.00 25.71
CA ASP K 16 7.44 -46.13 26.91
C ASP K 16 8.02 -44.78 27.36
N ASN K 17 8.37 -43.91 26.41
CA ASN K 17 8.97 -42.62 26.70
C ASN K 17 7.96 -41.51 26.88
N TYR K 18 6.66 -41.80 26.84
CA TYR K 18 5.65 -40.75 26.91
C TYR K 18 4.58 -41.05 27.97
N ARG K 19 4.95 -41.70 29.07
CA ARG K 19 4.07 -41.80 30.24
C ARG K 19 4.29 -40.55 31.09
N ILE K 20 3.82 -39.42 30.55
CA ILE K 20 4.09 -38.09 31.10
C ILE K 20 2.82 -37.26 30.96
N ASP K 21 2.81 -36.10 31.62
CA ASP K 21 1.62 -35.24 31.65
CA ASP K 21 1.61 -35.27 31.61
C ASP K 21 1.60 -34.20 30.53
N ALA K 22 2.70 -34.00 29.82
CA ALA K 22 2.73 -33.03 28.73
C ALA K 22 3.82 -33.42 27.73
N VAL K 23 3.51 -33.30 26.44
CA VAL K 23 4.44 -33.70 25.39
C VAL K 23 4.60 -32.57 24.39
N ALA K 24 5.84 -32.31 23.98
CA ALA K 24 6.12 -31.31 22.94
C ALA K 24 6.00 -31.91 21.55
N VAL K 25 5.31 -31.22 20.65
CA VAL K 25 4.96 -31.72 19.32
C VAL K 25 5.27 -30.64 18.29
N ASP K 26 5.83 -31.04 17.15
CA ASP K 26 5.93 -30.18 15.98
C ASP K 26 5.80 -31.07 14.74
N THR K 27 5.60 -30.45 13.58
CA THR K 27 5.48 -31.20 12.34
C THR K 27 6.34 -30.58 11.25
N GLU K 28 6.71 -31.40 10.27
CA GLU K 28 7.29 -30.92 9.01
C GLU K 28 6.43 -31.42 7.85
N THR K 29 6.29 -30.58 6.83
CA THR K 29 5.38 -30.81 5.73
C THR K 29 6.04 -30.35 4.44
N LEU K 30 5.34 -30.51 3.31
CA LEU K 30 5.82 -29.94 2.06
C LEU K 30 5.37 -28.49 1.83
N GLY K 31 4.81 -27.84 2.85
CA GLY K 31 4.38 -26.46 2.72
C GLY K 31 3.21 -26.16 3.64
N LEU K 32 2.68 -24.95 3.49
CA LEU K 32 1.75 -24.38 4.45
C LEU K 32 0.30 -24.69 4.15
N GLN K 33 0.02 -25.44 3.10
CA GLN K 33 -1.37 -25.65 2.67
C GLN K 33 -1.75 -27.11 2.87
N PRO K 34 -2.45 -27.44 3.96
CA PRO K 34 -2.64 -28.86 4.31
C PRO K 34 -3.34 -29.68 3.24
N HIS K 35 -4.21 -29.08 2.43
CA HIS K 35 -4.89 -29.86 1.39
C HIS K 35 -3.99 -30.15 0.20
N ARG K 36 -2.85 -29.48 0.09
CA ARG K 36 -1.89 -29.73 -0.98
C ARG K 36 -0.58 -30.35 -0.50
N ASP K 37 -0.14 -29.98 0.69
CA ASP K 37 1.22 -30.22 1.16
C ASP K 37 1.15 -31.26 2.27
N ARG K 38 1.56 -32.48 1.97
CA ARG K 38 1.35 -33.58 2.90
C ARG K 38 2.23 -33.43 4.15
N LEU K 39 1.77 -34.10 5.20
CA LEU K 39 2.56 -34.26 6.41
C LEU K 39 3.70 -35.22 6.17
N CYS K 40 4.91 -34.79 6.49
CA CYS K 40 6.13 -35.54 6.23
C CYS K 40 6.81 -36.06 7.48
N VAL K 41 6.82 -35.26 8.56
CA VAL K 41 7.49 -35.63 9.80
C VAL K 41 6.64 -35.18 10.99
N VAL K 42 6.68 -35.96 12.06
CA VAL K 42 6.17 -35.53 13.35
C VAL K 42 7.28 -35.69 14.37
N GLN K 43 7.55 -34.63 15.11
CA GLN K 43 8.57 -34.64 16.16
C GLN K 43 7.93 -34.58 17.54
N LEU K 44 8.51 -35.31 18.48
CA LEU K 44 7.99 -35.40 19.84
C LEU K 44 9.15 -35.23 20.82
N SER K 45 8.85 -34.64 21.97
CA SER K 45 9.82 -34.65 23.06
C SER K 45 9.09 -34.72 24.40
N SER K 46 9.66 -35.46 25.34
CA SER K 46 9.17 -35.53 26.70
C SER K 46 9.69 -34.42 27.59
N GLY K 47 10.58 -33.56 27.08
CA GLY K 47 11.23 -32.57 27.90
C GLY K 47 12.58 -33.00 28.46
N ASP K 48 13.00 -34.24 28.24
CA ASP K 48 14.20 -34.76 28.86
C ASP K 48 15.45 -34.58 28.00
N GLY K 49 15.40 -33.74 26.96
CA GLY K 49 16.54 -33.52 26.10
C GLY K 49 16.68 -34.50 24.94
N THR K 50 15.81 -35.51 24.87
CA THR K 50 15.73 -36.43 23.74
C THR K 50 14.51 -36.08 22.93
N ALA K 51 14.53 -36.50 21.66
CA ALA K 51 13.39 -36.31 20.78
C ALA K 51 13.16 -37.55 19.92
N ASP K 52 11.93 -37.69 19.45
CA ASP K 52 11.54 -38.73 18.51
C ASP K 52 11.12 -38.06 17.21
N VAL K 53 11.73 -38.45 16.12
CA VAL K 53 11.49 -37.84 14.81
C VAL K 53 10.85 -38.94 13.96
N ILE K 54 9.57 -38.77 13.62
CA ILE K 54 8.78 -39.82 13.00
C ILE K 54 8.49 -39.44 11.55
N GLN K 55 9.04 -40.19 10.60
CA GLN K 55 8.77 -39.94 9.18
C GLN K 55 7.42 -40.50 8.79
N ILE K 56 6.57 -39.66 8.18
CA ILE K 56 5.25 -40.06 7.73
C ILE K 56 5.30 -40.30 6.22
N ALA K 57 4.80 -41.45 5.78
CA ALA K 57 4.79 -41.81 4.38
C ALA K 57 3.70 -41.05 3.61
N LYS K 58 3.93 -40.86 2.32
CA LYS K 58 2.88 -40.36 1.47
C LYS K 58 1.71 -41.34 1.51
N GLY K 59 0.50 -40.81 1.70
CA GLY K 59 -0.68 -41.64 1.76
C GLY K 59 -0.95 -42.30 3.10
N GLN K 60 -0.07 -42.11 4.09
CA GLN K 60 -0.27 -42.71 5.41
C GLN K 60 -1.46 -42.06 6.08
N LYS K 61 -2.38 -42.87 6.60
CA LYS K 61 -3.59 -42.38 7.25
CA LYS K 61 -3.57 -42.33 7.26
C LYS K 61 -3.68 -42.70 8.72
N SER K 62 -2.82 -43.58 9.26
CA SER K 62 -2.89 -44.01 10.64
C SER K 62 -1.50 -44.02 11.28
N ALA K 63 -1.49 -43.81 12.58
CA ALA K 63 -0.29 -44.01 13.41
C ALA K 63 -0.77 -44.19 14.84
N PRO K 64 -1.22 -45.40 15.21
CA PRO K 64 -2.00 -45.53 16.46
C PRO K 64 -1.29 -45.07 17.72
N ASN K 65 0.02 -45.24 17.84
CA ASN K 65 0.67 -44.84 19.09
C ASN K 65 0.79 -43.32 19.19
N LEU K 66 1.21 -42.66 18.11
CA LEU K 66 1.22 -41.20 18.09
C LEU K 66 -0.17 -40.64 18.33
N VAL K 67 -1.20 -41.25 17.71
CA VAL K 67 -2.53 -40.68 17.78
C VAL K 67 -3.12 -40.85 19.18
N ARG K 68 -2.82 -41.98 19.83
CA ARG K 68 -3.20 -42.14 21.23
C ARG K 68 -2.71 -40.98 22.08
N LEU K 69 -1.43 -40.62 21.95
CA LEU K 69 -0.92 -39.44 22.65
C LEU K 69 -1.72 -38.21 22.29
N LEU K 70 -1.93 -37.97 21.00
CA LEU K 70 -2.67 -36.79 20.56
C LEU K 70 -4.10 -36.80 21.09
N SER K 71 -4.67 -37.98 21.30
CA SER K 71 -6.06 -38.12 21.78
C SER K 71 -6.17 -38.12 23.28
N ASP K 72 -5.08 -38.37 24.00
CA ASP K 72 -5.15 -38.63 25.43
C ASP K 72 -5.35 -37.30 26.15
N ARG K 73 -6.53 -37.11 26.75
CA ARG K 73 -6.86 -35.84 27.39
CA ARG K 73 -6.83 -35.83 27.37
C ARG K 73 -6.07 -35.60 28.68
N ASP K 74 -5.38 -36.61 29.17
CA ASP K 74 -4.54 -36.44 30.35
C ASP K 74 -3.14 -35.94 30.01
N ILE K 75 -2.85 -35.75 28.72
CA ILE K 75 -1.55 -35.28 28.29
C ILE K 75 -1.74 -33.98 27.53
N THR K 76 -1.16 -32.90 28.04
CA THR K 76 -1.20 -31.62 27.35
C THR K 76 -0.23 -31.64 26.17
N LYS K 77 -0.72 -31.31 24.98
CA LYS K 77 0.15 -31.21 23.82
C LYS K 77 0.67 -29.78 23.72
N ILE K 78 1.99 -29.63 23.80
CA ILE K 78 2.66 -28.33 23.72
C ILE K 78 3.10 -28.12 22.28
N PHE K 79 2.71 -26.99 21.69
CA PHE K 79 3.13 -26.61 20.35
C PHE K 79 3.72 -25.20 20.38
N HIS K 80 4.52 -24.89 19.35
CA HIS K 80 4.76 -23.49 18.96
C HIS K 80 3.96 -23.23 17.69
N PHE K 81 2.97 -22.35 17.78
CA PHE K 81 1.98 -22.14 16.72
C PHE K 81 1.26 -23.46 16.41
N GLY K 82 0.55 -23.95 17.42
CA GLY K 82 -0.26 -25.15 17.25
C GLY K 82 -1.34 -25.01 16.20
N ARG K 83 -1.72 -23.78 15.87
CA ARG K 83 -2.73 -23.59 14.83
C ARG K 83 -2.38 -24.39 13.58
N PHE K 84 -1.11 -24.38 13.17
CA PHE K 84 -0.72 -25.14 11.99
C PHE K 84 -0.68 -26.63 12.28
N ASP K 85 0.08 -27.05 13.30
CA ASP K 85 0.24 -28.48 13.56
C ASP K 85 -1.09 -29.16 13.80
N LEU K 86 -1.99 -28.51 14.55
CA LEU K 86 -3.30 -29.09 14.81
C LEU K 86 -4.04 -29.38 13.51
N ALA K 87 -3.91 -28.47 12.54
CA ALA K 87 -4.61 -28.65 11.27
C ALA K 87 -4.04 -29.81 10.47
N ILE K 88 -2.71 -29.88 10.31
CA ILE K 88 -2.19 -30.94 9.44
C ILE K 88 -2.33 -32.29 10.12
N LEU K 89 -2.26 -32.34 11.46
CA LEU K 89 -2.44 -33.60 12.18
C LEU K 89 -3.88 -34.08 12.08
N ALA K 90 -4.84 -33.18 12.32
CA ALA K 90 -6.24 -33.54 12.15
C ALA K 90 -6.52 -33.93 10.71
N HIS K 91 -5.96 -33.20 9.75
CA HIS K 91 -6.23 -33.50 8.36
C HIS K 91 -5.69 -34.87 7.98
N THR K 92 -4.54 -35.25 8.53
CA THR K 92 -3.87 -36.47 8.10
C THR K 92 -4.44 -37.70 8.81
N PHE K 93 -4.61 -37.63 10.13
CA PHE K 93 -5.00 -38.77 10.92
C PHE K 93 -6.44 -38.74 11.38
N GLY K 94 -7.17 -37.66 11.10
CA GLY K 94 -8.58 -37.58 11.44
C GLY K 94 -8.90 -37.30 12.89
N VAL K 95 -7.92 -36.94 13.70
CA VAL K 95 -8.14 -36.67 15.13
C VAL K 95 -7.62 -35.28 15.45
N MET K 96 -8.41 -34.50 16.17
CA MET K 96 -8.00 -33.15 16.57
C MET K 96 -7.71 -33.14 18.06
N PRO K 97 -6.48 -32.93 18.50
CA PRO K 97 -6.20 -32.80 19.93
C PRO K 97 -7.00 -31.64 20.53
N ASP K 98 -7.40 -31.80 21.81
CA ASP K 98 -8.19 -30.76 22.46
C ASP K 98 -7.63 -30.35 23.83
N VAL K 99 -6.44 -30.80 24.20
CA VAL K 99 -5.77 -30.30 25.40
C VAL K 99 -4.41 -29.79 24.97
N VAL K 100 -4.28 -28.46 24.81
CA VAL K 100 -3.13 -27.89 24.13
C VAL K 100 -2.58 -26.68 24.87
N PHE K 101 -1.29 -26.42 24.66
CA PHE K 101 -0.60 -25.19 25.04
C PHE K 101 0.23 -24.73 23.85
N CYS K 102 0.17 -23.43 23.55
CA CYS K 102 0.84 -22.85 22.39
C CYS K 102 1.77 -21.73 22.84
N THR K 103 3.06 -21.87 22.51
CA THR K 103 4.03 -20.90 22.98
C THR K 103 3.97 -19.62 22.17
N LYS K 104 3.39 -19.65 20.96
CA LYS K 104 3.28 -18.40 20.23
C LYS K 104 2.18 -17.53 20.81
N ILE K 105 1.01 -18.12 21.07
CA ILE K 105 -0.05 -17.39 21.74
C ILE K 105 0.43 -16.90 23.09
N ALA K 106 1.12 -17.77 23.85
CA ALA K 106 1.68 -17.36 25.13
C ALA K 106 2.60 -16.16 24.98
N SER K 107 3.50 -16.19 23.98
CA SER K 107 4.39 -15.06 23.73
C SER K 107 3.60 -13.80 23.45
N LYS K 108 2.60 -13.86 22.55
CA LYS K 108 1.82 -12.68 22.25
C LYS K 108 1.10 -12.12 23.47
N LEU K 109 0.80 -12.96 24.46
CA LEU K 109 0.13 -12.52 25.66
C LEU K 109 1.08 -12.07 26.76
N THR K 110 2.38 -12.25 26.58
CA THR K 110 3.32 -11.90 27.64
C THR K 110 4.50 -11.07 27.15
N ARG K 111 5.02 -11.35 25.96
CA ARG K 111 6.12 -10.54 25.42
C ARG K 111 5.51 -9.35 24.69
N THR K 112 4.94 -8.46 25.49
CA THR K 112 4.18 -7.31 24.99
C THR K 112 5.08 -6.19 24.48
N TYR K 113 6.40 -6.35 24.59
CA TYR K 113 7.38 -5.35 24.21
C TYR K 113 8.00 -5.62 22.83
N THR K 114 7.37 -6.47 22.03
CA THR K 114 7.95 -6.86 20.75
C THR K 114 6.84 -7.38 19.84
N ASP K 115 7.11 -7.34 18.53
CA ASP K 115 6.24 -8.01 17.58
C ASP K 115 6.89 -9.24 16.97
N ARG K 116 8.02 -9.68 17.51
CA ARG K 116 8.72 -10.86 17.02
C ARG K 116 8.40 -12.01 17.97
N HIS K 117 7.57 -12.95 17.50
CA HIS K 117 7.11 -14.08 18.33
C HIS K 117 7.45 -15.42 17.72
N GLY K 118 8.45 -15.48 16.84
CA GLY K 118 8.84 -16.76 16.26
C GLY K 118 9.66 -17.59 17.23
N LEU K 119 9.78 -18.88 16.92
CA LEU K 119 10.45 -19.80 17.84
C LEU K 119 11.90 -19.42 18.05
N LYS K 120 12.59 -19.02 16.98
CA LYS K 120 13.99 -18.62 17.09
C LYS K 120 14.14 -17.43 18.03
N GLU K 121 13.33 -16.38 17.84
CA GLU K 121 13.44 -15.21 18.71
C GLU K 121 13.13 -15.58 20.15
N ILE K 122 12.14 -16.45 20.37
CA ILE K 122 11.73 -16.79 21.72
C ILE K 122 12.79 -17.64 22.42
N CYS K 123 13.33 -18.64 21.72
CA CYS K 123 14.37 -19.47 22.33
C CYS K 123 15.60 -18.63 22.65
N GLY K 124 15.95 -17.69 21.78
CA GLY K 124 17.12 -16.86 22.05
C GLY K 124 16.92 -15.98 23.26
N GLU K 125 15.75 -15.34 23.36
CA GLU K 125 15.54 -14.39 24.44
C GLU K 125 15.35 -15.09 25.78
N LEU K 126 14.54 -16.16 25.82
CA LEU K 126 14.13 -16.76 27.08
C LEU K 126 15.15 -17.77 27.61
N LEU K 127 15.84 -18.48 26.71
CA LEU K 127 16.72 -19.58 27.09
C LEU K 127 18.15 -19.41 26.63
N ASN K 128 18.46 -18.35 25.88
CA ASN K 128 19.79 -18.19 25.26
CA ASN K 128 19.78 -18.19 25.25
C ASN K 128 20.14 -19.43 24.45
N VAL K 129 19.18 -19.93 23.69
CA VAL K 129 19.32 -21.10 22.83
C VAL K 129 19.18 -20.63 21.40
N ASN K 130 20.09 -21.09 20.54
CA ASN K 130 20.15 -20.68 19.14
C ASN K 130 19.45 -21.73 18.29
N ILE K 131 18.36 -21.33 17.63
CA ILE K 131 17.68 -22.16 16.64
C ILE K 131 18.17 -21.74 15.26
N SER K 132 18.66 -22.70 14.47
CA SER K 132 19.10 -22.45 13.11
C SER K 132 18.00 -22.87 12.14
N LYS K 133 17.47 -21.91 11.38
CA LYS K 133 16.31 -22.15 10.52
C LYS K 133 16.68 -22.58 9.10
N GLN K 134 17.96 -22.90 8.84
CA GLN K 134 18.39 -23.13 7.46
C GLN K 134 17.66 -24.29 6.79
N GLN K 135 17.27 -25.31 7.54
CA GLN K 135 16.62 -26.46 6.92
C GLN K 135 15.09 -26.34 6.87
N GLN K 136 14.50 -25.25 7.39
CA GLN K 136 13.06 -25.08 7.31
C GLN K 136 12.57 -25.19 5.86
N SER K 137 13.29 -24.56 4.94
CA SER K 137 13.03 -24.67 3.50
C SER K 137 13.88 -25.78 2.94
N SER K 138 13.37 -27.01 3.04
CA SER K 138 14.07 -28.18 2.54
C SER K 138 13.02 -29.21 2.13
N ASP K 139 13.44 -30.24 1.40
CA ASP K 139 12.54 -31.30 0.96
C ASP K 139 12.28 -32.24 2.13
N TRP K 140 11.25 -31.91 2.91
CA TRP K 140 10.91 -32.72 4.07
C TRP K 140 10.32 -34.07 3.70
N ALA K 141 10.03 -34.33 2.43
CA ALA K 141 9.49 -35.60 2.00
C ALA K 141 10.56 -36.59 1.54
N ALA K 142 11.84 -36.22 1.60
CA ALA K 142 12.91 -37.13 1.22
C ALA K 142 12.83 -38.44 1.99
N GLU K 143 13.08 -39.54 1.29
CA GLU K 143 13.08 -40.86 1.93
C GLU K 143 14.05 -40.89 3.10
N THR K 144 15.26 -40.37 2.92
CA THR K 144 16.25 -40.26 3.98
C THR K 144 16.50 -38.79 4.28
N LEU K 145 16.16 -38.36 5.50
CA LEU K 145 16.45 -37.00 5.92
C LEU K 145 17.93 -36.84 6.21
N SER K 146 18.46 -35.67 5.89
CA SER K 146 19.86 -35.40 6.24
C SER K 146 20.01 -35.26 7.76
N ARG K 147 21.24 -35.41 8.24
CA ARG K 147 21.47 -35.16 9.66
C ARG K 147 21.10 -33.73 10.03
N ALA K 148 21.31 -32.78 9.11
CA ALA K 148 20.94 -31.39 9.38
C ALA K 148 19.44 -31.25 9.54
N GLN K 149 18.66 -31.93 8.70
CA GLN K 149 17.20 -31.87 8.83
C GLN K 149 16.75 -32.49 10.15
N ILE K 150 17.36 -33.63 10.52
CA ILE K 150 16.96 -34.36 11.72
C ILE K 150 17.22 -33.52 12.97
N GLU K 151 18.40 -32.90 13.05
CA GLU K 151 18.74 -32.14 14.25
C GLU K 151 17.90 -30.87 14.35
N TYR K 152 17.59 -30.25 13.20
CA TYR K 152 16.70 -29.09 13.20
C TYR K 152 15.29 -29.47 13.60
N ALA K 153 14.79 -30.58 13.07
CA ALA K 153 13.47 -31.05 13.46
C ALA K 153 13.41 -31.34 14.95
N ALA K 154 14.44 -31.97 15.49
CA ALA K 154 14.46 -32.21 16.94
C ALA K 154 14.47 -30.91 17.71
N SER K 155 15.19 -29.89 17.22
CA SER K 155 15.30 -28.65 17.96
C SER K 155 13.97 -27.92 18.08
N ASP K 156 13.00 -28.22 17.21
CA ASP K 156 11.69 -27.62 17.32
C ASP K 156 10.95 -28.05 18.58
N VAL K 157 11.27 -29.21 19.15
CA VAL K 157 10.54 -29.73 20.30
C VAL K 157 11.40 -29.86 21.56
N LEU K 158 12.72 -29.66 21.48
CA LEU K 158 13.55 -29.89 22.66
C LEU K 158 13.33 -28.86 23.77
N TYR K 159 12.83 -27.67 23.45
CA TYR K 159 12.77 -26.58 24.42
C TYR K 159 11.36 -26.13 24.77
N LEU K 160 10.31 -26.78 24.24
CA LEU K 160 8.96 -26.28 24.45
C LEU K 160 8.49 -26.46 25.89
N HIS K 161 8.93 -27.53 26.58
CA HIS K 161 8.62 -27.63 28.01
C HIS K 161 9.21 -26.47 28.80
N ARG K 162 10.45 -26.09 28.50
CA ARG K 162 11.09 -25.00 29.22
C ARG K 162 10.43 -23.66 28.91
N LEU K 163 10.09 -23.43 27.63
CA LEU K 163 9.35 -22.22 27.27
C LEU K 163 8.00 -22.16 27.98
N LYS K 164 7.28 -23.29 28.00
CA LYS K 164 5.95 -23.32 28.62
C LYS K 164 6.03 -22.98 30.10
N ASP K 165 7.06 -23.49 30.79
CA ASP K 165 7.25 -23.16 32.20
C ASP K 165 7.42 -21.65 32.40
N ILE K 166 8.25 -21.02 31.58
CA ILE K 166 8.50 -19.59 31.75
C ILE K 166 7.25 -18.80 31.41
N PHE K 167 6.57 -19.17 30.32
CA PHE K 167 5.35 -18.44 29.94
C PHE K 167 4.25 -18.61 30.99
N GLU K 168 4.15 -19.79 31.60
CA GLU K 168 3.16 -19.96 32.66
C GLU K 168 3.47 -19.02 33.83
N GLU K 169 4.75 -18.87 34.18
CA GLU K 169 5.16 -17.90 35.19
C GLU K 169 4.74 -16.48 34.79
N ARG K 170 4.99 -16.10 33.54
CA ARG K 170 4.65 -14.74 33.12
C ARG K 170 3.14 -14.54 33.06
N LEU K 171 2.40 -15.55 32.59
CA LEU K 171 0.95 -15.44 32.56
C LEU K 171 0.40 -15.26 33.96
N LYS K 172 0.97 -15.99 34.94
CA LYS K 172 0.55 -15.78 36.32
C LYS K 172 0.93 -14.38 36.81
N ARG K 173 2.12 -13.90 36.47
CA ARG K 173 2.59 -12.61 36.96
C ARG K 173 1.69 -11.48 36.47
N GLU K 174 1.31 -11.52 35.19
CA GLU K 174 0.48 -10.47 34.62
C GLU K 174 -1.01 -10.78 34.69
N GLU K 175 -1.38 -11.88 35.37
CA GLU K 175 -2.78 -12.21 35.66
C GLU K 175 -3.58 -12.44 34.39
N ARG K 176 -3.01 -13.23 33.48
CA ARG K 176 -3.65 -13.53 32.20
C ARG K 176 -3.87 -15.02 31.99
N GLU K 177 -3.89 -15.80 33.08
CA GLU K 177 -4.02 -17.24 32.94
C GLU K 177 -5.34 -17.63 32.29
N SER K 178 -6.44 -16.99 32.69
CA SER K 178 -7.73 -17.40 32.17
C SER K 178 -7.89 -16.97 30.72
N VAL K 179 -7.31 -15.82 30.35
CA VAL K 179 -7.27 -15.42 28.95
C VAL K 179 -6.54 -16.46 28.11
N ALA K 180 -5.37 -16.88 28.55
CA ALA K 180 -4.59 -17.86 27.80
C ALA K 180 -5.36 -19.17 27.67
N LYS K 181 -6.00 -19.61 28.75
CA LYS K 181 -6.76 -20.86 28.72
C LYS K 181 -7.90 -20.80 27.70
N ALA K 182 -8.60 -19.67 27.62
CA ALA K 182 -9.66 -19.54 26.63
C ALA K 182 -9.11 -19.59 25.21
N CYS K 183 -7.93 -18.99 24.99
CA CYS K 183 -7.34 -19.03 23.66
C CYS K 183 -6.94 -20.45 23.28
N PHE K 184 -6.32 -21.17 24.20
CA PHE K 184 -5.94 -22.56 23.92
C PHE K 184 -7.18 -23.41 23.66
N GLN K 185 -8.26 -23.17 24.42
CA GLN K 185 -9.50 -23.93 24.23
CA GLN K 185 -9.48 -23.95 24.21
C GLN K 185 -10.06 -23.74 22.82
N PHE K 186 -9.93 -22.53 22.27
CA PHE K 186 -10.47 -22.29 20.93
C PHE K 186 -9.52 -22.71 19.83
N LEU K 187 -8.23 -22.86 20.13
CA LEU K 187 -7.23 -23.13 19.10
C LEU K 187 -7.61 -24.30 18.18
N PRO K 188 -8.10 -25.46 18.68
CA PRO K 188 -8.46 -26.54 17.73
C PRO K 188 -9.57 -26.15 16.77
N MET K 189 -10.54 -25.38 17.24
CA MET K 189 -11.58 -24.90 16.34
C MET K 189 -11.02 -23.90 15.34
N ARG K 190 -10.04 -23.08 15.76
CA ARG K 190 -9.36 -22.19 14.82
C ARG K 190 -8.63 -23.01 13.75
N ALA K 191 -7.99 -24.11 14.15
CA ALA K 191 -7.37 -25.00 13.16
C ALA K 191 -8.42 -25.59 12.23
N ASN K 192 -9.54 -26.05 12.78
CA ASN K 192 -10.62 -26.59 11.97
C ASN K 192 -11.14 -25.56 10.96
N LEU K 193 -11.37 -24.33 11.42
CA LEU K 193 -11.78 -23.25 10.52
C LEU K 193 -10.83 -23.13 9.34
N ASP K 194 -9.53 -23.30 9.60
CA ASP K 194 -8.55 -23.28 8.52
C ASP K 194 -8.80 -24.39 7.52
N LEU K 195 -8.95 -25.63 8.01
CA LEU K 195 -9.16 -26.75 7.10
C LEU K 195 -10.47 -26.61 6.34
N LEU K 196 -11.48 -26.00 6.95
CA LEU K 196 -12.79 -25.87 6.31
C LEU K 196 -12.85 -24.77 5.28
N GLY K 197 -11.88 -23.86 5.23
CA GLY K 197 -11.89 -22.84 4.20
C GLY K 197 -11.80 -21.41 4.69
N TRP K 198 -11.60 -21.20 5.99
CA TRP K 198 -11.51 -19.85 6.54
C TRP K 198 -10.08 -19.48 6.95
N SER K 199 -9.07 -20.11 6.34
CA SER K 199 -7.70 -19.89 6.78
C SER K 199 -7.22 -18.46 6.54
N GLU K 200 -7.84 -17.70 5.65
CA GLU K 200 -7.45 -16.31 5.43
C GLU K 200 -8.35 -15.32 6.17
N ILE K 201 -9.25 -15.79 7.01
CA ILE K 201 -10.28 -14.95 7.61
C ILE K 201 -10.07 -14.89 9.11
N ASP K 202 -9.95 -13.69 9.66
CA ASP K 202 -10.07 -13.53 11.11
C ASP K 202 -11.55 -13.54 11.42
N ILE K 203 -12.04 -14.67 11.96
CA ILE K 203 -13.48 -14.84 12.14
C ILE K 203 -14.07 -13.81 13.12
N PHE K 204 -13.23 -13.16 13.93
CA PHE K 204 -13.73 -12.23 14.95
C PHE K 204 -13.64 -10.77 14.51
N ALA K 205 -13.09 -10.48 13.34
CA ALA K 205 -12.87 -9.11 12.95
C ALA K 205 -14.16 -8.47 12.46
N HIS K 206 -14.26 -7.16 12.66
CA HIS K 206 -15.41 -6.42 12.12
C HIS K 206 -15.46 -6.53 10.60
N SER K 207 -14.31 -6.45 9.94
CA SER K 207 -14.22 -6.74 8.51
C SER K 207 -12.87 -7.36 8.13
N MET M 2 34.77 1.20 34.13
CA MET M 2 33.39 0.97 33.73
C MET M 2 32.46 2.01 34.35
N THR M 3 31.32 2.24 33.70
CA THR M 3 30.35 3.20 34.19
C THR M 3 29.88 2.81 35.59
N GLU M 4 29.90 3.78 36.51
CA GLU M 4 29.22 3.59 37.78
C GLU M 4 27.72 3.66 37.55
N ILE M 5 27.03 2.56 37.83
CA ILE M 5 25.58 2.50 37.76
C ILE M 5 25.07 2.08 39.13
N ARG M 6 24.24 2.91 39.73
CA ARG M 6 23.61 2.64 41.02
C ARG M 6 22.21 2.09 40.76
N VAL M 7 21.96 0.89 41.26
CA VAL M 7 20.67 0.22 41.07
C VAL M 7 19.88 0.38 42.35
N HIS M 8 18.65 0.88 42.24
CA HIS M 8 17.79 1.14 43.39
C HIS M 8 16.47 0.38 43.28
N GLN M 9 15.87 0.08 44.43
CA GLN M 9 14.54 -0.51 44.48
C GLN M 9 13.54 0.57 44.86
N GLY M 10 12.61 0.87 43.97
CA GLY M 10 11.48 1.75 44.26
C GLY M 10 11.69 3.23 44.07
N ASP M 11 12.70 3.81 44.72
CA ASP M 11 12.95 5.23 44.63
C ASP M 11 14.45 5.48 44.73
N LEU M 12 14.87 6.69 44.36
CA LEU M 12 16.17 7.15 44.79
C LEU M 12 16.22 7.21 46.32
N PRO M 13 17.35 6.90 46.94
CA PRO M 13 17.42 7.06 48.40
C PRO M 13 17.40 8.52 48.83
N ASN M 14 17.96 9.43 48.02
CA ASN M 14 17.91 10.86 48.27
C ASN M 14 18.20 11.57 46.95
N LEU M 15 18.25 12.89 46.99
CA LEU M 15 18.53 13.70 45.81
C LEU M 15 19.92 14.35 45.85
N ASP M 16 20.85 13.76 46.62
CA ASP M 16 22.16 14.38 46.78
C ASP M 16 22.91 14.48 45.46
N ASN M 17 22.66 13.58 44.52
CA ASN M 17 23.29 13.62 43.22
C ASN M 17 22.54 14.49 42.22
N TYR M 18 21.44 15.13 42.62
CA TYR M 18 20.56 15.78 41.65
C TYR M 18 20.23 17.22 42.05
N ARG M 19 21.16 17.91 42.73
CA ARG M 19 21.04 19.35 42.95
C ARG M 19 21.63 20.07 41.74
N ILE M 20 20.90 20.00 40.63
CA ILE M 20 21.42 20.34 39.30
C ILE M 20 20.34 21.02 38.48
N ASP M 21 20.77 21.62 37.36
CA ASP M 21 19.86 22.39 36.51
C ASP M 21 19.04 21.53 35.55
N ALA M 22 19.55 20.35 35.19
CA ALA M 22 18.84 19.50 34.24
C ALA M 22 19.21 18.06 34.50
N VAL M 23 18.23 17.18 34.36
CA VAL M 23 18.42 15.75 34.62
C VAL M 23 17.94 14.96 33.41
N ALA M 24 18.72 13.95 33.03
CA ALA M 24 18.38 13.04 31.95
C ALA M 24 17.54 11.89 32.48
N VAL M 25 16.47 11.54 31.77
CA VAL M 25 15.47 10.60 32.25
C VAL M 25 15.08 9.66 31.11
N ASP M 26 14.89 8.38 31.45
CA ASP M 26 14.33 7.39 30.55
C ASP M 26 13.55 6.40 31.40
N THR M 27 12.70 5.61 30.74
CA THR M 27 11.95 4.54 31.40
C THR M 27 12.10 3.24 30.60
N GLU M 28 11.85 2.13 31.29
CA GLU M 28 11.62 0.84 30.65
C GLU M 28 10.31 0.30 31.17
N THR M 29 9.57 -0.37 30.29
CA THR M 29 8.23 -0.88 30.57
C THR M 29 8.09 -2.27 29.98
N LEU M 30 6.92 -2.88 30.18
CA LEU M 30 6.58 -4.12 29.50
C LEU M 30 6.06 -3.90 28.08
N GLY M 31 6.12 -2.68 27.55
CA GLY M 31 5.69 -2.44 26.18
C GLY M 31 5.21 -1.02 26.00
N LEU M 32 4.68 -0.77 24.80
CA LEU M 32 4.36 0.59 24.38
C LEU M 32 2.98 1.06 24.82
N GLN M 33 2.19 0.24 25.51
CA GLN M 33 0.83 0.66 25.85
C GLN M 33 0.71 0.92 27.33
N PRO M 34 0.68 2.19 27.77
CA PRO M 34 0.75 2.48 29.21
C PRO M 34 -0.41 1.94 30.03
N HIS M 35 -1.59 1.73 29.43
CA HIS M 35 -2.70 1.17 30.20
C HIS M 35 -2.61 -0.34 30.37
N ARG M 36 -1.80 -1.02 29.55
CA ARG M 36 -1.57 -2.45 29.67
C ARG M 36 -0.21 -2.80 30.23
N ASP M 37 0.82 -2.03 29.86
CA ASP M 37 2.23 -2.39 30.07
C ASP M 37 2.84 -1.52 31.15
N ARG M 38 3.17 -2.12 32.29
CA ARG M 38 3.51 -1.34 33.48
C ARG M 38 4.91 -0.75 33.40
N LEU M 39 5.09 0.36 34.12
CA LEU M 39 6.41 0.95 34.34
C LEU M 39 7.28 -0.03 35.13
N CYS M 40 8.47 -0.33 34.59
CA CYS M 40 9.38 -1.27 35.21
C CYS M 40 10.66 -0.65 35.74
N VAL M 41 11.21 0.33 35.03
CA VAL M 41 12.49 0.94 35.39
C VAL M 41 12.38 2.43 35.10
N VAL M 42 13.00 3.24 35.95
CA VAL M 42 13.25 4.65 35.66
C VAL M 42 14.76 4.86 35.75
N GLN M 43 15.33 5.46 34.71
CA GLN M 43 16.76 5.75 34.68
C GLN M 43 16.99 7.24 34.75
N LEU M 44 18.05 7.63 35.47
CA LEU M 44 18.40 9.02 35.67
C LEU M 44 19.90 9.20 35.50
N SER M 45 20.29 10.37 35.00
CA SER M 45 21.70 10.74 35.01
C SER M 45 21.84 12.24 35.23
N SER M 46 22.78 12.62 36.09
CA SER M 46 23.13 14.02 36.26
C SER M 46 24.02 14.55 35.14
N GLY M 47 24.47 13.67 34.25
CA GLY M 47 25.36 14.06 33.18
C GLY M 47 26.83 13.90 33.49
N ASP M 48 27.19 13.25 34.59
CA ASP M 48 28.59 13.09 34.98
C ASP M 48 29.16 11.72 34.60
N GLY M 49 28.50 11.01 33.68
CA GLY M 49 28.98 9.69 33.31
C GLY M 49 28.56 8.57 34.23
N THR M 50 27.75 8.86 35.24
CA THR M 50 27.17 7.83 36.09
C THR M 50 25.66 7.85 35.88
N ALA M 51 25.01 6.75 36.24
CA ALA M 51 23.56 6.68 36.12
C ALA M 51 22.97 5.97 37.33
N ASP M 52 21.69 6.26 37.56
CA ASP M 52 20.87 5.57 38.54
C ASP M 52 19.80 4.78 37.81
N VAL M 53 19.66 3.50 38.18
CA VAL M 53 18.69 2.58 37.58
C VAL M 53 17.74 2.18 38.70
N ILE M 54 16.48 2.61 38.60
CA ILE M 54 15.50 2.40 39.66
C ILE M 54 14.48 1.38 39.19
N GLN M 55 14.42 0.25 39.88
CA GLN M 55 13.40 -0.75 39.55
C GLN M 55 12.10 -0.38 40.25
N ILE M 56 11.00 -0.41 39.48
CA ILE M 56 9.67 -0.04 39.95
C ILE M 56 8.84 -1.32 40.08
N ALA M 57 8.24 -1.51 41.24
CA ALA M 57 7.47 -2.73 41.48
C ALA M 57 6.11 -2.67 40.80
N LYS M 58 5.58 -3.86 40.49
CA LYS M 58 4.21 -3.95 40.03
C LYS M 58 3.28 -3.32 41.06
N GLY M 59 2.36 -2.47 40.60
CA GLY M 59 1.45 -1.82 41.52
C GLY M 59 2.04 -0.70 42.33
N GLN M 60 3.26 -0.26 42.05
CA GLN M 60 3.86 0.81 42.85
C GLN M 60 3.21 2.15 42.50
N LYS M 61 2.75 2.87 43.52
CA LYS M 61 1.96 4.07 43.32
C LYS M 61 2.72 5.36 43.57
N SER M 62 3.88 5.32 44.22
CA SER M 62 4.61 6.55 44.47
C SER M 62 6.11 6.30 44.47
N ALA M 63 6.84 7.39 44.21
CA ALA M 63 8.30 7.39 44.21
C ALA M 63 8.74 8.77 44.63
N PRO M 64 8.61 9.09 45.94
CA PRO M 64 8.71 10.50 46.36
C PRO M 64 9.93 11.26 45.86
N ASN M 65 11.14 10.70 45.94
CA ASN M 65 12.32 11.44 45.50
C ASN M 65 12.29 11.64 43.98
N LEU M 66 12.08 10.56 43.23
CA LEU M 66 11.91 10.68 41.78
C LEU M 66 10.85 11.72 41.42
N VAL M 67 9.68 11.66 42.06
CA VAL M 67 8.61 12.58 41.73
C VAL M 67 8.98 14.03 42.09
N ARG M 68 9.81 14.21 43.11
CA ARG M 68 10.29 15.57 43.43
C ARG M 68 11.01 16.20 42.25
N LEU M 69 11.97 15.48 41.66
CA LEU M 69 12.66 15.98 40.47
C LEU M 69 11.66 16.29 39.36
N LEU M 70 10.76 15.34 39.10
CA LEU M 70 9.80 15.46 38.01
C LEU M 70 8.95 16.71 38.15
N SER M 71 8.65 17.13 39.38
CA SER M 71 7.80 18.29 39.63
CA SER M 71 7.79 18.29 39.60
C SER M 71 8.58 19.58 39.82
N ASP M 72 9.91 19.50 39.85
CA ASP M 72 10.74 20.68 40.13
C ASP M 72 10.83 21.55 38.88
N ARG M 73 10.15 22.70 38.91
CA ARG M 73 10.15 23.60 37.76
C ARG M 73 11.51 24.23 37.50
N ASP M 74 12.44 24.16 38.46
CA ASP M 74 13.78 24.67 38.25
C ASP M 74 14.72 23.64 37.65
N ILE M 75 14.24 22.44 37.34
CA ILE M 75 15.06 21.38 36.77
C ILE M 75 14.42 20.95 35.46
N THR M 76 15.16 21.12 34.36
CA THR M 76 14.70 20.64 33.06
C THR M 76 14.89 19.14 32.95
N LYS M 77 13.83 18.44 32.61
CA LYS M 77 13.92 17.00 32.39
C LYS M 77 14.28 16.77 30.92
N ILE M 78 15.42 16.15 30.68
CA ILE M 78 15.85 15.81 29.32
C ILE M 78 15.42 14.38 29.02
N PHE M 79 14.65 14.21 27.94
CA PHE M 79 14.26 12.91 27.41
C PHE M 79 14.72 12.76 25.97
N HIS M 80 14.84 11.52 25.52
CA HIS M 80 14.80 11.22 24.09
C HIS M 80 13.45 10.57 23.79
N PHE M 81 12.66 11.21 22.94
CA PHE M 81 11.24 10.88 22.73
C PHE M 81 10.49 10.95 24.06
N GLY M 82 10.47 12.14 24.65
CA GLY M 82 9.80 12.33 25.92
C GLY M 82 8.31 12.07 25.88
N ARG M 83 7.71 12.08 24.68
CA ARG M 83 6.31 11.75 24.52
C ARG M 83 5.94 10.46 25.25
N PHE M 84 6.81 9.44 25.17
CA PHE M 84 6.49 8.16 25.80
C PHE M 84 6.74 8.20 27.31
N ASP M 85 7.95 8.59 27.73
CA ASP M 85 8.29 8.64 29.16
C ASP M 85 7.31 9.51 29.92
N LEU M 86 6.92 10.65 29.34
CA LEU M 86 5.96 11.53 30.01
C LEU M 86 4.64 10.82 30.26
N ALA M 87 4.17 10.04 29.28
CA ALA M 87 2.88 9.38 29.46
C ALA M 87 2.96 8.36 30.58
N ILE M 88 3.96 7.49 30.55
CA ILE M 88 4.00 6.40 31.53
C ILE M 88 4.28 6.95 32.92
N LEU M 89 5.14 7.97 33.02
CA LEU M 89 5.46 8.54 34.33
C LEU M 89 4.25 9.19 34.96
N ALA M 90 3.53 10.01 34.20
CA ALA M 90 2.32 10.61 34.73
C ALA M 90 1.26 9.55 35.02
N HIS M 91 1.16 8.53 34.16
CA HIS M 91 0.17 7.49 34.40
C HIS M 91 0.47 6.72 35.69
N THR M 92 1.75 6.50 35.98
CA THR M 92 2.10 5.69 37.15
C THR M 92 2.11 6.51 38.43
N PHE M 93 2.68 7.70 38.41
CA PHE M 93 2.83 8.43 39.67
C PHE M 93 1.95 9.66 39.78
N GLY M 94 1.20 10.03 38.75
CA GLY M 94 0.22 11.09 38.86
C GLY M 94 0.75 12.49 38.65
N VAL M 95 2.00 12.67 38.24
CA VAL M 95 2.58 13.99 38.08
C VAL M 95 3.17 14.11 36.67
N MET M 96 2.75 15.14 35.95
CA MET M 96 3.21 15.38 34.59
C MET M 96 4.27 16.46 34.61
N PRO M 97 5.53 16.18 34.27
CA PRO M 97 6.52 17.26 34.21
C PRO M 97 6.11 18.31 33.21
N ASP M 98 6.46 19.57 33.50
CA ASP M 98 6.13 20.68 32.61
C ASP M 98 7.34 21.50 32.18
N VAL M 99 8.55 21.00 32.39
CA VAL M 99 9.77 21.66 31.95
C VAL M 99 10.65 20.58 31.34
N VAL M 100 10.70 20.50 30.01
CA VAL M 100 11.29 19.36 29.34
C VAL M 100 12.11 19.79 28.12
N PHE M 101 12.99 18.89 27.71
CA PHE M 101 13.73 18.97 26.46
C PHE M 101 13.74 17.57 25.85
N CYS M 102 13.42 17.46 24.56
CA CYS M 102 13.39 16.17 23.90
C CYS M 102 14.38 16.15 22.76
N THR M 103 15.38 15.25 22.84
CA THR M 103 16.37 15.17 21.79
C THR M 103 15.81 14.61 20.48
N LYS M 104 14.67 13.89 20.53
CA LYS M 104 14.06 13.44 19.28
C LYS M 104 13.43 14.60 18.51
N ILE M 105 12.59 15.39 19.18
CA ILE M 105 12.06 16.61 18.56
C ILE M 105 13.21 17.52 18.13
N ALA M 106 14.24 17.66 18.99
CA ALA M 106 15.36 18.53 18.64
C ALA M 106 16.03 18.05 17.36
N SER M 107 16.20 16.73 17.22
CA SER M 107 16.80 16.17 16.01
C SER M 107 15.97 16.46 14.77
N LYS M 108 14.65 16.31 14.88
CA LYS M 108 13.78 16.57 13.74
C LYS M 108 13.84 18.03 13.32
N LEU M 109 14.15 18.92 14.25
CA LEU M 109 14.26 20.35 13.97
C LEU M 109 15.64 20.75 13.47
N THR M 110 16.62 19.86 13.53
CA THR M 110 17.99 20.29 13.20
C THR M 110 18.70 19.34 12.26
N ARG M 111 18.51 18.03 12.42
CA ARG M 111 19.12 17.06 11.51
C ARG M 111 18.17 16.85 10.33
N THR M 112 18.10 17.88 9.51
CA THR M 112 17.18 17.96 8.38
C THR M 112 17.66 17.20 7.16
N TYR M 113 18.83 16.58 7.25
CA TYR M 113 19.45 15.84 6.16
C TYR M 113 19.25 14.33 6.28
N THR M 114 18.35 13.89 7.14
CA THR M 114 18.12 12.47 7.36
C THR M 114 16.71 12.27 7.89
N ASP M 115 16.22 11.05 7.77
CA ASP M 115 14.96 10.65 8.39
C ASP M 115 15.18 9.70 9.57
N ARG M 116 16.42 9.48 9.98
CA ARG M 116 16.76 8.56 11.06
C ARG M 116 16.99 9.39 12.33
N HIS M 117 16.03 9.34 13.26
CA HIS M 117 16.06 10.17 14.47
C HIS M 117 16.05 9.34 15.75
N GLY M 118 16.40 8.05 15.68
CA GLY M 118 16.50 7.24 16.88
C GLY M 118 17.75 7.55 17.70
N LEU M 119 17.71 7.13 18.97
CA LEU M 119 18.79 7.44 19.91
C LEU M 119 20.13 6.87 19.44
N LYS M 120 20.13 5.62 18.98
CA LYS M 120 21.36 5.00 18.50
C LYS M 120 21.96 5.79 17.34
N GLU M 121 21.13 6.14 16.38
CA GLU M 121 21.63 6.89 15.23
C GLU M 121 22.21 8.24 15.66
N ILE M 122 21.55 8.90 16.60
CA ILE M 122 21.98 10.23 17.02
C ILE M 122 23.28 10.15 17.81
N CYS M 123 23.37 9.18 18.73
CA CYS M 123 24.60 9.05 19.53
C CYS M 123 25.79 8.72 18.63
N GLY M 124 25.57 7.86 17.64
CA GLY M 124 26.64 7.53 16.71
C GLY M 124 27.10 8.74 15.93
N GLU M 125 26.14 9.50 15.37
CA GLU M 125 26.51 10.63 14.53
C GLU M 125 27.09 11.77 15.35
N LEU M 126 26.47 12.12 16.47
CA LEU M 126 26.88 13.32 17.18
C LEU M 126 28.03 13.05 18.16
N LEU M 127 28.16 11.83 18.69
CA LEU M 127 29.13 11.56 19.73
C LEU M 127 30.08 10.42 19.42
N ASN M 128 29.89 9.71 18.32
CA ASN M 128 30.60 8.46 18.06
CA ASN M 128 30.58 8.45 18.05
C ASN M 128 30.46 7.51 19.25
N VAL M 129 29.26 7.42 19.80
CA VAL M 129 28.93 6.50 20.88
C VAL M 129 28.03 5.42 20.31
N ASN M 130 28.32 4.18 20.66
CA ASN M 130 27.58 3.02 20.16
C ASN M 130 26.56 2.59 21.20
N ILE M 131 25.27 2.74 20.87
CA ILE M 131 24.18 2.20 21.68
C ILE M 131 23.86 0.83 21.12
N SER M 132 23.79 -0.18 21.97
CA SER M 132 23.36 -1.52 21.59
CA SER M 132 23.35 -1.51 21.57
C SER M 132 21.91 -1.71 22.05
N LYS M 133 21.02 -2.01 21.11
CA LYS M 133 19.59 -2.13 21.40
C LYS M 133 19.15 -3.57 21.71
N GLN M 134 20.10 -4.51 21.82
CA GLN M 134 19.73 -5.92 21.95
C GLN M 134 18.78 -6.15 23.12
N GLN M 135 19.02 -5.50 24.26
CA GLN M 135 18.17 -5.68 25.43
C GLN M 135 16.88 -4.85 25.39
N GLN M 136 16.66 -4.04 24.35
CA GLN M 136 15.41 -3.28 24.31
C GLN M 136 14.22 -4.21 24.41
N SER M 137 14.28 -5.36 23.73
CA SER M 137 13.26 -6.40 23.83
C SER M 137 13.74 -7.42 24.85
N SER M 138 13.33 -7.21 26.12
CA SER M 138 13.68 -8.12 27.20
C SER M 138 12.64 -7.97 28.29
N ASP M 139 12.67 -8.88 29.26
CA ASP M 139 11.66 -8.84 30.33
C ASP M 139 12.07 -7.81 31.37
N TRP M 140 11.61 -6.58 31.17
CA TRP M 140 11.96 -5.47 32.06
C TRP M 140 11.28 -5.59 33.43
N ALA M 141 10.28 -6.47 33.56
CA ALA M 141 9.63 -6.71 34.84
C ALA M 141 10.38 -7.69 35.72
N ALA M 142 11.48 -8.26 35.23
CA ALA M 142 12.19 -9.28 35.99
C ALA M 142 12.63 -8.76 37.35
N GLU M 143 12.59 -9.63 38.35
CA GLU M 143 12.93 -9.19 39.70
C GLU M 143 14.39 -8.78 39.80
N THR M 144 15.28 -9.51 39.13
CA THR M 144 16.69 -9.16 39.04
C THR M 144 17.02 -8.86 37.59
N LEU M 145 17.42 -7.62 37.30
CA LEU M 145 17.83 -7.27 35.96
C LEU M 145 19.22 -7.83 35.69
N SER M 146 19.44 -8.31 34.47
CA SER M 146 20.76 -8.77 34.07
C SER M 146 21.69 -7.58 33.91
N ARG M 147 22.99 -7.86 33.95
CA ARG M 147 23.98 -6.80 33.77
C ARG M 147 23.81 -6.15 32.40
N ALA M 148 23.47 -6.95 31.39
CA ALA M 148 23.25 -6.38 30.06
C ALA M 148 22.04 -5.44 30.04
N GLN M 149 20.95 -5.82 30.70
CA GLN M 149 19.81 -4.91 30.84
C GLN M 149 20.21 -3.63 31.55
N ILE M 150 20.94 -3.76 32.66
CA ILE M 150 21.30 -2.60 33.47
C ILE M 150 22.17 -1.64 32.67
N GLU M 151 23.21 -2.17 32.01
CA GLU M 151 24.10 -1.30 31.24
C GLU M 151 23.35 -0.65 30.08
N TYR M 152 22.43 -1.40 29.43
CA TYR M 152 21.66 -0.80 28.34
C TYR M 152 20.71 0.28 28.87
N ALA M 153 20.01 -0.01 29.97
CA ALA M 153 19.14 1.01 30.55
C ALA M 153 19.93 2.26 30.91
N ALA M 154 21.14 2.10 31.47
CA ALA M 154 21.94 3.27 31.81
C ALA M 154 22.36 4.03 30.56
N SER M 155 22.69 3.31 29.47
CA SER M 155 23.15 3.96 28.25
C SER M 155 22.13 4.94 27.70
N ASP M 156 20.83 4.71 27.98
CA ASP M 156 19.79 5.61 27.48
C ASP M 156 19.85 6.98 28.13
N VAL M 157 20.47 7.14 29.29
CA VAL M 157 20.52 8.44 29.95
C VAL M 157 21.92 9.02 30.06
N LEU M 158 22.98 8.26 29.74
CA LEU M 158 24.33 8.74 30.00
C LEU M 158 24.80 9.82 29.03
N TYR M 159 24.11 10.04 27.91
CA TYR M 159 24.59 10.97 26.89
C TYR M 159 23.61 12.10 26.60
N LEU M 160 22.47 12.15 27.28
CA LEU M 160 21.45 13.11 26.88
C LEU M 160 21.89 14.54 27.15
N HIS M 161 22.68 14.78 28.21
CA HIS M 161 23.18 16.14 28.44
C HIS M 161 24.07 16.57 27.27
N ARG M 162 24.95 15.69 26.82
CA ARG M 162 25.85 16.03 25.71
C ARG M 162 25.07 16.25 24.43
N LEU M 163 24.08 15.39 24.15
CA LEU M 163 23.22 15.60 22.98
C LEU M 163 22.50 16.94 23.06
N LYS M 164 21.95 17.26 24.24
CA LYS M 164 21.19 18.50 24.39
C LYS M 164 22.07 19.73 24.16
N ASP M 165 23.33 19.67 24.60
CA ASP M 165 24.26 20.78 24.34
CA ASP M 165 24.23 20.78 24.35
C ASP M 165 24.43 21.02 22.85
N ILE M 166 24.66 19.95 22.09
CA ILE M 166 24.86 20.09 20.65
C ILE M 166 23.58 20.55 19.95
N PHE M 167 22.43 20.00 20.34
CA PHE M 167 21.18 20.39 19.69
C PHE M 167 20.86 21.86 19.98
N GLU M 168 21.17 22.33 21.19
CA GLU M 168 20.97 23.74 21.50
C GLU M 168 21.84 24.62 20.59
N GLU M 169 23.10 24.21 20.35
CA GLU M 169 23.94 24.94 19.41
C GLU M 169 23.31 25.00 18.01
N ARG M 170 22.78 23.88 17.53
CA ARG M 170 22.16 23.85 16.21
C ARG M 170 20.85 24.64 16.18
N LEU M 171 20.02 24.48 17.20
CA LEU M 171 18.81 25.29 17.25
C LEU M 171 19.15 26.77 17.18
N LYS M 172 20.18 27.20 17.89
CA LYS M 172 20.56 28.61 17.87
C LYS M 172 21.11 28.99 16.50
N ARG M 173 21.99 28.14 15.93
CA ARG M 173 22.59 28.44 14.63
C ARG M 173 21.52 28.61 13.56
N GLU M 174 20.47 27.78 13.59
CA GLU M 174 19.45 27.80 12.56
C GLU M 174 18.23 28.64 12.95
N GLU M 175 18.27 29.28 14.12
CA GLU M 175 17.26 30.24 14.55
C GLU M 175 15.92 29.56 14.77
N ARG M 176 15.95 28.43 15.49
CA ARG M 176 14.76 27.62 15.72
C ARG M 176 14.46 27.43 17.20
N GLU M 177 15.08 28.24 18.07
CA GLU M 177 14.89 28.05 19.51
C GLU M 177 13.44 28.26 19.91
N SER M 178 12.77 29.24 19.30
CA SER M 178 11.38 29.48 19.70
C SER M 178 10.47 28.37 19.22
N VAL M 179 10.73 27.83 18.01
CA VAL M 179 9.99 26.67 17.54
C VAL M 179 10.15 25.50 18.50
N ALA M 180 11.40 25.19 18.87
CA ALA M 180 11.65 24.07 19.77
C ALA M 180 10.98 24.28 21.13
N LYS M 181 11.10 25.48 21.70
CA LYS M 181 10.46 25.77 22.97
C LYS M 181 8.96 25.53 22.90
N ALA M 182 8.32 25.99 21.81
CA ALA M 182 6.90 25.75 21.67
C ALA M 182 6.58 24.25 21.62
N CYS M 183 7.43 23.47 20.94
CA CYS M 183 7.16 22.04 20.84
C CYS M 183 7.29 21.39 22.20
N PHE M 184 8.32 21.77 22.96
CA PHE M 184 8.50 21.23 24.29
C PHE M 184 7.36 21.61 25.20
N GLN M 185 6.83 22.84 25.03
CA GLN M 185 5.69 23.27 25.83
C GLN M 185 4.45 22.43 25.57
N PHE M 186 4.26 21.95 24.33
CA PHE M 186 3.09 21.12 24.05
C PHE M 186 3.30 19.66 24.43
N LEU M 187 4.54 19.19 24.51
CA LEU M 187 4.81 17.77 24.67
C LEU M 187 4.07 17.11 25.83
N PRO M 188 3.98 17.69 27.03
CA PRO M 188 3.18 17.03 28.08
C PRO M 188 1.72 16.85 27.69
N MET M 189 1.13 17.81 26.98
CA MET M 189 -0.25 17.63 26.55
C MET M 189 -0.37 16.63 25.42
N ARG M 190 0.67 16.52 24.58
CA ARG M 190 0.67 15.43 23.60
C ARG M 190 0.70 14.09 24.31
N ALA M 191 1.45 14.01 25.42
CA ALA M 191 1.47 12.78 26.20
C ALA M 191 0.10 12.50 26.83
N ASN M 192 -0.54 13.54 27.39
CA ASN M 192 -1.86 13.33 27.97
CA ASN M 192 -1.86 13.33 27.97
C ASN M 192 -2.87 12.91 26.90
N LEU M 193 -2.79 13.50 25.71
CA LEU M 193 -3.64 13.08 24.61
C LEU M 193 -3.51 11.60 24.36
N ASP M 194 -2.28 11.07 24.46
CA ASP M 194 -2.06 9.64 24.29
C ASP M 194 -2.79 8.85 25.35
N LEU M 195 -2.66 9.27 26.62
CA LEU M 195 -3.27 8.50 27.70
C LEU M 195 -4.78 8.56 27.59
N LEU M 196 -5.32 9.65 27.05
CA LEU M 196 -6.77 9.83 26.99
C LEU M 196 -7.39 9.10 25.82
N GLY M 197 -6.60 8.61 24.85
CA GLY M 197 -7.16 7.82 23.78
C GLY M 197 -6.88 8.27 22.37
N TRP M 198 -5.98 9.25 22.20
CA TRP M 198 -5.65 9.78 20.89
C TRP M 198 -4.25 9.38 20.43
N SER M 199 -3.70 8.28 20.96
CA SER M 199 -2.32 7.93 20.65
C SER M 199 -2.09 7.69 19.16
N GLU M 200 -3.13 7.31 18.41
CA GLU M 200 -2.99 7.03 16.98
C GLU M 200 -3.42 8.20 16.10
N ILE M 201 -3.69 9.37 16.69
CA ILE M 201 -4.22 10.52 15.95
C ILE M 201 -3.22 11.66 16.00
N ASP M 202 -2.80 12.14 14.83
CA ASP M 202 -2.11 13.43 14.74
C ASP M 202 -3.20 14.50 14.87
N ILE M 203 -3.28 15.12 16.05
CA ILE M 203 -4.40 16.01 16.34
C ILE M 203 -4.39 17.26 15.46
N PHE M 204 -3.27 17.60 14.84
CA PHE M 204 -3.18 18.80 14.01
C PHE M 204 -3.36 18.52 12.51
N ALA M 205 -3.56 17.26 12.12
CA ALA M 205 -3.65 16.93 10.71
C ALA M 205 -5.02 17.28 10.13
N HIS M 206 -5.05 17.58 8.84
CA HIS M 206 -6.33 17.80 8.16
C HIS M 206 -7.19 16.55 8.21
N SER M 207 -6.59 15.38 7.96
CA SER M 207 -7.35 14.13 8.05
C SER M 207 -6.52 13.03 8.70
N GLU O 4 35.23 -25.49 -18.56
CA GLU O 4 35.68 -24.82 -19.77
C GLU O 4 34.52 -24.09 -20.46
N ILE O 5 34.80 -22.89 -20.93
CA ILE O 5 33.81 -22.05 -21.59
C ILE O 5 34.35 -21.68 -22.96
N ARG O 6 33.53 -21.90 -23.98
CA ARG O 6 33.90 -21.58 -25.35
C ARG O 6 33.16 -20.31 -25.74
N VAL O 7 33.90 -19.28 -26.09
CA VAL O 7 33.31 -17.99 -26.42
C VAL O 7 33.30 -17.83 -27.93
N HIS O 8 32.13 -17.53 -28.48
CA HIS O 8 31.91 -17.43 -29.92
C HIS O 8 31.38 -16.06 -30.28
N GLN O 9 31.65 -15.62 -31.51
CA GLN O 9 31.04 -14.43 -32.07
C GLN O 9 29.93 -14.82 -33.03
N GLY O 10 28.71 -14.35 -32.77
CA GLY O 10 27.62 -14.53 -33.71
C GLY O 10 26.83 -15.83 -33.64
N ASP O 11 27.52 -16.97 -33.68
CA ASP O 11 26.84 -18.25 -33.75
C ASP O 11 27.80 -19.35 -33.29
N LEU O 12 27.23 -20.51 -32.96
CA LEU O 12 28.05 -21.71 -32.83
C LEU O 12 28.74 -22.02 -34.16
N PRO O 13 29.99 -22.47 -34.13
CA PRO O 13 30.63 -22.88 -35.39
C PRO O 13 29.99 -24.11 -35.99
N ASN O 14 29.49 -25.01 -35.16
CA ASN O 14 28.83 -26.23 -35.62
C ASN O 14 28.04 -26.77 -34.44
N LEU O 15 27.30 -27.86 -34.67
CA LEU O 15 26.50 -28.49 -33.64
C LEU O 15 27.14 -29.78 -33.12
N ASP O 16 28.46 -29.92 -33.26
CA ASP O 16 29.11 -31.18 -32.89
C ASP O 16 28.94 -31.50 -31.40
N ASN O 17 28.81 -30.48 -30.56
CA ASN O 17 28.63 -30.72 -29.14
C ASN O 17 27.16 -30.88 -28.75
N TYR O 18 26.23 -30.80 -29.71
CA TYR O 18 24.82 -30.71 -29.37
C TYR O 18 23.97 -31.77 -30.09
N ARG O 19 24.55 -32.93 -30.39
CA ARG O 19 23.76 -34.08 -30.82
C ARG O 19 23.26 -34.77 -29.56
N ILE O 20 22.24 -34.16 -28.94
CA ILE O 20 21.80 -34.52 -27.60
C ILE O 20 20.29 -34.36 -27.51
N ASP O 21 19.71 -34.93 -26.44
CA ASP O 21 18.26 -34.94 -26.23
C ASP O 21 17.74 -33.63 -25.64
N ALA O 22 18.56 -32.85 -24.95
CA ALA O 22 18.09 -31.62 -24.34
C ALA O 22 19.27 -30.67 -24.14
N VAL O 23 19.03 -29.37 -24.35
CA VAL O 23 20.10 -28.38 -24.26
C VAL O 23 19.67 -27.28 -23.30
N ALA O 24 20.58 -26.90 -22.40
CA ALA O 24 20.36 -25.79 -21.48
C ALA O 24 20.66 -24.47 -22.18
N VAL O 25 19.74 -23.49 -22.04
CA VAL O 25 19.84 -22.23 -22.76
C VAL O 25 19.55 -21.09 -21.80
N ASP O 26 20.30 -20.00 -21.94
CA ASP O 26 19.99 -18.74 -21.28
C ASP O 26 20.44 -17.61 -22.20
N THR O 27 20.03 -16.38 -21.87
CA THR O 27 20.41 -15.21 -22.65
C THR O 27 20.87 -14.09 -21.73
N GLU O 28 21.64 -13.16 -22.30
CA GLU O 28 21.88 -11.86 -21.69
C GLU O 28 21.51 -10.77 -22.68
N THR O 29 20.98 -9.67 -22.13
CA THR O 29 20.44 -8.55 -22.88
C THR O 29 20.84 -7.25 -22.20
N LEU O 30 20.44 -6.13 -22.82
CA LEU O 30 20.58 -4.82 -22.18
C LEU O 30 19.43 -4.52 -21.19
N GLY O 31 18.53 -5.46 -20.93
CA GLY O 31 17.46 -5.23 -19.98
C GLY O 31 16.25 -6.10 -20.27
N LEU O 32 15.21 -5.87 -19.47
CA LEU O 32 14.04 -6.74 -19.48
C LEU O 32 13.04 -6.41 -20.57
N GLN O 33 13.27 -5.39 -21.40
CA GLN O 33 12.27 -5.00 -22.38
C GLN O 33 12.73 -5.37 -23.80
N PRO O 34 12.19 -6.44 -24.38
CA PRO O 34 12.71 -6.95 -25.67
C PRO O 34 12.65 -5.96 -26.82
N HIS O 35 11.66 -5.07 -26.85
CA HIS O 35 11.58 -4.12 -27.95
C HIS O 35 12.57 -2.96 -27.81
N ARG O 36 13.16 -2.78 -26.63
CA ARG O 36 14.16 -1.76 -26.38
C ARG O 36 15.56 -2.31 -26.20
N ASP O 37 15.67 -3.46 -25.52
CA ASP O 37 16.92 -3.96 -24.99
C ASP O 37 17.35 -5.17 -25.80
N ARG O 38 18.37 -4.99 -26.64
CA ARG O 38 18.75 -6.02 -27.59
C ARG O 38 19.34 -7.27 -26.91
N LEU O 39 19.20 -8.39 -27.62
CA LEU O 39 19.88 -9.62 -27.27
C LEU O 39 21.39 -9.46 -27.42
N CYS O 40 22.13 -9.75 -26.36
CA CYS O 40 23.57 -9.55 -26.33
C CYS O 40 24.35 -10.84 -26.30
N VAL O 41 23.91 -11.82 -25.51
CA VAL O 41 24.62 -13.08 -25.33
C VAL O 41 23.59 -14.21 -25.36
N VAL O 42 24.00 -15.35 -25.91
CA VAL O 42 23.23 -16.59 -25.80
C VAL O 42 24.17 -17.65 -25.24
N GLN O 43 23.72 -18.35 -24.20
CA GLN O 43 24.54 -19.37 -23.55
C GLN O 43 23.92 -20.74 -23.72
N LEU O 44 24.77 -21.75 -23.95
CA LEU O 44 24.36 -23.12 -24.18
C LEU O 44 25.20 -24.06 -23.35
N SER O 45 24.58 -25.14 -22.86
CA SER O 45 25.34 -26.23 -22.28
C SER O 45 24.68 -27.55 -22.65
N SER O 46 25.51 -28.53 -23.02
CA SER O 46 25.04 -29.89 -23.25
C SER O 46 24.82 -30.67 -21.97
N GLY O 47 25.22 -30.13 -20.83
CA GLY O 47 25.14 -30.82 -19.56
C GLY O 47 26.43 -31.45 -19.07
N ASP O 48 27.49 -31.39 -19.87
CA ASP O 48 28.75 -32.06 -19.54
C ASP O 48 29.70 -31.20 -18.73
N GLY O 49 29.21 -30.12 -18.12
CA GLY O 49 30.06 -29.26 -17.34
C GLY O 49 30.83 -28.21 -18.11
N THR O 50 30.63 -28.11 -19.42
CA THR O 50 31.18 -27.03 -20.23
C THR O 50 30.04 -26.19 -20.80
N ALA O 51 30.40 -25.01 -21.30
CA ALA O 51 29.40 -24.07 -21.81
C ALA O 51 29.95 -23.35 -23.04
N ASP O 52 29.04 -22.90 -23.89
CA ASP O 52 29.34 -22.04 -25.01
C ASP O 52 28.67 -20.68 -24.75
N VAL O 53 29.43 -19.61 -24.93
CA VAL O 53 28.98 -18.24 -24.69
C VAL O 53 29.10 -17.49 -26.01
N ILE O 54 27.96 -17.12 -26.60
CA ILE O 54 27.87 -16.58 -27.95
C ILE O 54 27.51 -15.11 -27.86
N GLN O 55 28.42 -14.22 -28.26
CA GLN O 55 28.10 -12.80 -28.30
C GLN O 55 27.26 -12.48 -29.55
N ILE O 56 26.12 -11.84 -29.36
CA ILE O 56 25.20 -11.48 -30.43
C ILE O 56 25.37 -10.00 -30.73
N ALA O 57 25.60 -9.65 -31.98
CA ALA O 57 25.89 -8.28 -32.31
C ALA O 57 24.62 -7.45 -32.45
N LYS O 58 24.78 -6.14 -32.33
CA LYS O 58 23.68 -5.22 -32.59
C LYS O 58 23.19 -5.39 -34.02
N GLY O 59 21.88 -5.50 -34.18
CA GLY O 59 21.30 -5.69 -35.50
C GLY O 59 21.48 -7.08 -36.11
N GLN O 60 22.05 -8.03 -35.38
CA GLN O 60 22.25 -9.37 -35.91
C GLN O 60 20.89 -10.05 -36.11
N LYS O 61 20.63 -10.52 -37.32
CA LYS O 61 19.32 -11.03 -37.70
C LYS O 61 19.26 -12.55 -37.73
N SER O 62 20.40 -13.23 -37.84
CA SER O 62 20.40 -14.68 -37.94
C SER O 62 21.53 -15.27 -37.12
N ALA O 63 21.33 -16.53 -36.73
CA ALA O 63 22.33 -17.34 -36.06
C ALA O 63 21.99 -18.78 -36.38
N PRO O 64 22.32 -19.24 -37.60
CA PRO O 64 21.66 -20.44 -38.14
C PRO O 64 21.88 -21.72 -37.32
N ASN O 65 23.09 -21.94 -36.78
CA ASN O 65 23.31 -23.15 -35.99
C ASN O 65 22.49 -23.11 -34.70
N LEU O 66 22.52 -21.98 -33.98
CA LEU O 66 21.69 -21.85 -32.78
C LEU O 66 20.23 -22.05 -33.12
N VAL O 67 19.75 -21.43 -34.21
CA VAL O 67 18.34 -21.53 -34.53
C VAL O 67 17.95 -22.96 -34.87
N ARG O 68 18.89 -23.75 -35.40
CA ARG O 68 18.61 -25.16 -35.66
CA ARG O 68 18.62 -25.16 -35.67
C ARG O 68 18.27 -25.91 -34.38
N LEU O 69 19.08 -25.71 -33.33
CA LEU O 69 18.77 -26.31 -32.04
C LEU O 69 17.40 -25.87 -31.57
N LEU O 70 17.11 -24.56 -31.66
CA LEU O 70 15.86 -24.02 -31.14
C LEU O 70 14.65 -24.56 -31.88
N SER O 71 14.80 -24.84 -33.18
CA SER O 71 13.73 -25.40 -34.01
C SER O 71 13.64 -26.91 -33.94
N ASP O 72 14.66 -27.60 -33.40
CA ASP O 72 14.72 -29.06 -33.44
C ASP O 72 13.73 -29.65 -32.46
N ARG O 73 12.63 -30.19 -33.00
CA ARG O 73 11.57 -30.79 -32.19
C ARG O 73 12.04 -32.01 -31.40
N ASP O 74 13.21 -32.57 -31.72
CA ASP O 74 13.73 -33.71 -30.97
C ASP O 74 14.60 -33.30 -29.79
N ILE O 75 14.86 -32.00 -29.62
CA ILE O 75 15.73 -31.52 -28.55
C ILE O 75 14.91 -30.62 -27.64
N THR O 76 14.76 -31.04 -26.37
CA THR O 76 14.12 -30.20 -25.36
C THR O 76 15.03 -29.05 -24.96
N LYS O 77 14.51 -27.84 -25.00
CA LYS O 77 15.27 -26.68 -24.55
C LYS O 77 14.96 -26.43 -23.08
N ILE O 78 15.98 -26.49 -22.23
CA ILE O 78 15.84 -26.26 -20.78
C ILE O 78 16.21 -24.83 -20.48
N PHE O 79 15.31 -24.11 -19.80
CA PHE O 79 15.52 -22.75 -19.35
C PHE O 79 15.24 -22.64 -17.87
N HIS O 80 15.81 -21.63 -17.24
CA HIS O 80 15.30 -21.10 -15.98
C HIS O 80 14.56 -19.81 -16.29
N PHE O 81 13.25 -19.81 -16.08
CA PHE O 81 12.37 -18.71 -16.52
C PHE O 81 12.46 -18.54 -18.04
N GLY O 82 12.06 -19.62 -18.73
CA GLY O 82 12.07 -19.59 -20.18
C GLY O 82 11.19 -18.50 -20.75
N ARG O 83 10.17 -18.05 -20.00
CA ARG O 83 9.29 -16.98 -20.46
C ARG O 83 10.08 -15.81 -21.02
N PHE O 84 11.18 -15.42 -20.37
CA PHE O 84 11.97 -14.32 -20.89
C PHE O 84 12.82 -14.73 -22.09
N ASP O 85 13.58 -15.84 -21.96
CA ASP O 85 14.47 -16.27 -23.05
C ASP O 85 13.70 -16.52 -24.33
N LEU O 86 12.55 -17.21 -24.24
CA LEU O 86 11.74 -17.48 -25.43
C LEU O 86 11.32 -16.19 -26.12
N ALA O 87 10.95 -15.16 -25.34
CA ALA O 87 10.52 -13.90 -25.94
C ALA O 87 11.66 -13.27 -26.73
N ILE O 88 12.82 -13.12 -26.10
CA ILE O 88 13.88 -12.37 -26.75
C ILE O 88 14.46 -13.16 -27.92
N LEU O 89 14.60 -14.48 -27.77
CA LEU O 89 15.07 -15.29 -28.90
C LEU O 89 14.14 -15.15 -30.09
N ALA O 90 12.84 -15.39 -29.87
CA ALA O 90 11.88 -15.32 -30.97
C ALA O 90 11.85 -13.93 -31.61
N HIS O 91 11.94 -12.89 -30.78
CA HIS O 91 11.94 -11.55 -31.32
C HIS O 91 13.20 -11.27 -32.14
N THR O 92 14.33 -11.86 -31.77
CA THR O 92 15.57 -11.54 -32.45
C THR O 92 15.78 -12.37 -33.71
N PHE O 93 15.54 -13.67 -33.65
CA PHE O 93 15.82 -14.56 -34.78
C PHE O 93 14.56 -15.10 -35.46
N GLY O 94 13.37 -14.78 -34.95
CA GLY O 94 12.15 -15.15 -35.65
C GLY O 94 11.65 -16.56 -35.43
N VAL O 95 12.19 -17.30 -34.47
CA VAL O 95 11.79 -18.69 -34.25
C VAL O 95 11.44 -18.88 -32.79
N MET O 96 10.28 -19.50 -32.54
CA MET O 96 9.82 -19.73 -31.18
C MET O 96 9.93 -21.22 -30.87
N PRO O 97 10.83 -21.63 -29.98
CA PRO O 97 10.90 -23.04 -29.60
C PRO O 97 9.56 -23.53 -29.07
N ASP O 98 9.28 -24.82 -29.30
CA ASP O 98 8.01 -25.39 -28.87
C ASP O 98 8.18 -26.66 -28.04
N VAL O 99 9.40 -27.01 -27.65
CA VAL O 99 9.68 -28.15 -26.78
C VAL O 99 10.57 -27.62 -25.66
N VAL O 100 9.99 -27.30 -24.50
CA VAL O 100 10.76 -26.62 -23.47
C VAL O 100 10.53 -27.25 -22.10
N PHE O 101 11.48 -27.01 -21.20
CA PHE O 101 11.37 -27.30 -19.78
C PHE O 101 11.86 -26.09 -19.03
N CYS O 102 11.09 -25.63 -18.03
CA CYS O 102 11.45 -24.43 -17.29
C CYS O 102 11.61 -24.79 -15.83
N THR O 103 12.82 -24.57 -15.29
CA THR O 103 13.07 -24.89 -13.89
C THR O 103 12.36 -23.95 -12.93
N LYS O 104 11.97 -22.74 -13.37
CA LYS O 104 11.26 -21.84 -12.45
C LYS O 104 9.82 -22.31 -12.26
N ILE O 105 9.15 -22.67 -13.37
CA ILE O 105 7.82 -23.26 -13.26
C ILE O 105 7.89 -24.57 -12.47
N ALA O 106 8.92 -25.38 -12.74
CA ALA O 106 9.05 -26.64 -12.03
C ALA O 106 9.23 -26.42 -10.53
N SER O 107 10.02 -25.41 -10.16
CA SER O 107 10.18 -25.06 -8.74
C SER O 107 8.86 -24.62 -8.12
N LYS O 108 8.06 -23.83 -8.84
CA LYS O 108 6.80 -23.38 -8.28
C LYS O 108 5.84 -24.54 -8.08
N LEU O 109 5.99 -25.60 -8.88
CA LEU O 109 5.14 -26.79 -8.80
C LEU O 109 5.65 -27.84 -7.80
N THR O 110 6.86 -27.71 -7.30
CA THR O 110 7.43 -28.74 -6.42
C THR O 110 7.98 -28.18 -5.12
N ARG O 111 8.65 -27.02 -5.16
CA ARG O 111 9.20 -26.44 -3.94
C ARG O 111 8.13 -25.58 -3.28
N THR O 112 7.13 -26.28 -2.73
CA THR O 112 5.93 -25.65 -2.20
C THR O 112 6.12 -25.10 -0.80
N TYR O 113 7.31 -25.23 -0.22
CA TYR O 113 7.61 -24.78 1.13
C TYR O 113 8.31 -23.43 1.16
N THR O 114 8.39 -22.76 0.01
CA THR O 114 9.10 -21.50 -0.09
C THR O 114 8.46 -20.65 -1.17
N ASP O 115 8.74 -19.35 -1.11
CA ASP O 115 8.38 -18.41 -2.16
C ASP O 115 9.60 -17.93 -2.93
N ARG O 116 10.78 -18.51 -2.67
CA ARG O 116 12.03 -18.09 -3.30
C ARG O 116 12.34 -19.10 -4.40
N HIS O 117 12.12 -18.71 -5.66
CA HIS O 117 12.28 -19.60 -6.79
C HIS O 117 13.32 -19.12 -7.79
N GLY O 118 14.21 -18.23 -7.38
CA GLY O 118 15.28 -17.78 -8.26
C GLY O 118 16.32 -18.86 -8.49
N LEU O 119 17.11 -18.67 -9.57
CA LEU O 119 18.11 -19.66 -9.93
C LEU O 119 19.16 -19.83 -8.84
N LYS O 120 19.61 -18.71 -8.24
CA LYS O 120 20.59 -18.79 -7.17
C LYS O 120 20.06 -19.59 -5.99
N GLU O 121 18.82 -19.32 -5.57
CA GLU O 121 18.24 -20.08 -4.46
C GLU O 121 18.13 -21.55 -4.80
N ILE O 122 17.71 -21.87 -6.03
CA ILE O 122 17.47 -23.27 -6.40
C ILE O 122 18.78 -24.03 -6.48
N CYS O 123 19.80 -23.43 -7.10
CA CYS O 123 21.09 -24.10 -7.19
C CYS O 123 21.69 -24.33 -5.79
N GLY O 124 21.49 -23.38 -4.89
CA GLY O 124 22.01 -23.55 -3.54
C GLY O 124 21.32 -24.68 -2.80
N GLU O 125 19.99 -24.73 -2.89
CA GLU O 125 19.24 -25.73 -2.16
C GLU O 125 19.38 -27.13 -2.76
N LEU O 126 19.31 -27.25 -4.08
CA LEU O 126 19.29 -28.57 -4.71
C LEU O 126 20.70 -29.12 -4.96
N LEU O 127 21.68 -28.26 -5.22
CA LEU O 127 23.00 -28.73 -5.64
C LEU O 127 24.13 -28.27 -4.75
N ASN O 128 23.87 -27.41 -3.76
CA ASN O 128 24.93 -26.74 -3.03
C ASN O 128 25.92 -26.11 -4.01
N VAL O 129 25.38 -25.47 -5.04
CA VAL O 129 26.16 -24.69 -5.99
C VAL O 129 25.84 -23.23 -5.73
N ASN O 130 26.89 -22.40 -5.67
CA ASN O 130 26.73 -20.98 -5.38
C ASN O 130 26.76 -20.18 -6.68
N ILE O 131 25.63 -19.60 -7.04
CA ILE O 131 25.56 -18.64 -8.14
C ILE O 131 25.83 -17.25 -7.58
N SER O 132 26.76 -16.54 -8.20
CA SER O 132 27.06 -15.16 -7.86
C SER O 132 26.42 -14.26 -8.91
N LYS O 133 25.53 -13.34 -8.48
CA LYS O 133 24.75 -12.51 -9.40
C LYS O 133 25.38 -11.14 -9.64
N GLN O 134 26.61 -10.91 -9.16
CA GLN O 134 27.21 -9.59 -9.25
C GLN O 134 27.19 -9.05 -10.68
N GLN O 135 27.45 -9.89 -11.67
CA GLN O 135 27.55 -9.43 -13.06
C GLN O 135 26.21 -9.40 -13.79
N GLN O 136 25.11 -9.77 -13.12
CA GLN O 136 23.80 -9.66 -13.77
C GLN O 136 23.52 -8.23 -14.22
N SER O 137 23.84 -7.24 -13.37
CA SER O 137 23.83 -5.83 -13.77
C SER O 137 25.22 -5.44 -14.28
N SER O 138 25.40 -5.50 -15.60
CA SER O 138 26.64 -5.11 -16.25
C SER O 138 26.32 -4.89 -17.71
N ASP O 139 27.29 -4.31 -18.43
CA ASP O 139 27.07 -3.93 -19.83
C ASP O 139 27.23 -5.15 -20.71
N TRP O 140 26.14 -5.89 -20.91
CA TRP O 140 26.21 -7.11 -21.69
C TRP O 140 26.44 -6.87 -23.18
N ALA O 141 26.36 -5.61 -23.63
CA ALA O 141 26.65 -5.28 -25.03
C ALA O 141 28.12 -5.01 -25.26
N ALA O 142 28.95 -5.14 -24.23
CA ALA O 142 30.37 -4.87 -24.35
C ALA O 142 30.98 -5.70 -25.48
N GLU O 143 31.87 -5.08 -26.25
CA GLU O 143 32.50 -5.81 -27.34
C GLU O 143 33.33 -6.98 -26.82
N THR O 144 34.07 -6.76 -25.73
CA THR O 144 34.77 -7.83 -25.04
C THR O 144 34.18 -7.96 -23.65
N LEU O 145 33.48 -9.05 -23.40
CA LEU O 145 33.01 -9.32 -22.06
C LEU O 145 34.18 -9.61 -21.13
N SER O 146 34.04 -9.20 -19.87
CA SER O 146 35.06 -9.53 -18.89
C SER O 146 35.01 -11.01 -18.56
N ARG O 147 36.08 -11.50 -17.91
CA ARG O 147 36.06 -12.88 -17.46
C ARG O 147 34.92 -13.12 -16.48
N ALA O 148 34.68 -12.18 -15.58
CA ALA O 148 33.61 -12.34 -14.60
C ALA O 148 32.25 -12.44 -15.28
N GLN O 149 31.99 -11.56 -16.26
CA GLN O 149 30.78 -11.67 -17.08
C GLN O 149 30.67 -13.04 -17.72
N ILE O 150 31.76 -13.51 -18.34
CA ILE O 150 31.74 -14.78 -19.07
C ILE O 150 31.46 -15.94 -18.11
N GLU O 151 32.19 -16.00 -16.99
CA GLU O 151 31.96 -17.06 -16.02
C GLU O 151 30.53 -17.01 -15.48
N TYR O 152 29.99 -15.80 -15.28
CA TYR O 152 28.63 -15.70 -14.77
C TYR O 152 27.62 -16.21 -15.78
N ALA O 153 27.74 -15.77 -17.03
CA ALA O 153 26.81 -16.21 -18.07
C ALA O 153 26.83 -17.73 -18.24
N ALA O 154 28.02 -18.33 -18.16
CA ALA O 154 28.12 -19.79 -18.23
C ALA O 154 27.44 -20.45 -17.03
N SER O 155 27.50 -19.82 -15.86
CA SER O 155 26.91 -20.47 -14.69
C SER O 155 25.41 -20.60 -14.83
N ASP O 156 24.79 -19.78 -15.66
CA ASP O 156 23.35 -19.86 -15.84
C ASP O 156 22.91 -21.12 -16.57
N VAL O 157 23.81 -21.79 -17.31
CA VAL O 157 23.43 -22.98 -18.07
C VAL O 157 24.14 -24.23 -17.62
N LEU O 158 25.18 -24.12 -16.79
CA LEU O 158 25.98 -25.28 -16.43
C LEU O 158 25.24 -26.30 -15.55
N TYR O 159 24.15 -25.89 -14.90
CA TYR O 159 23.49 -26.75 -13.92
C TYR O 159 22.03 -27.05 -14.24
N LEU O 160 21.50 -26.55 -15.36
CA LEU O 160 20.08 -26.77 -15.64
C LEU O 160 19.74 -28.24 -15.89
N HIS O 161 20.65 -29.02 -16.50
CA HIS O 161 20.38 -30.44 -16.65
C HIS O 161 20.21 -31.11 -15.28
N ARG O 162 21.11 -30.81 -14.35
CA ARG O 162 21.05 -31.45 -13.03
C ARG O 162 19.81 -31.01 -12.27
N LEU O 163 19.41 -29.74 -12.42
CA LEU O 163 18.19 -29.28 -11.78
C LEU O 163 16.97 -29.97 -12.38
N LYS O 164 16.91 -30.04 -13.72
CA LYS O 164 15.76 -30.65 -14.39
C LYS O 164 15.58 -32.10 -13.96
N ASP O 165 16.69 -32.80 -13.74
CA ASP O 165 16.62 -34.19 -13.31
C ASP O 165 15.96 -34.30 -11.93
N ILE O 166 16.38 -33.45 -10.99
CA ILE O 166 15.76 -33.45 -9.66
C ILE O 166 14.29 -33.07 -9.76
N PHE O 167 14.00 -32.01 -10.54
CA PHE O 167 12.62 -31.54 -10.62
C PHE O 167 11.73 -32.61 -11.24
N GLU O 168 12.22 -33.31 -12.26
CA GLU O 168 11.48 -34.43 -12.82
C GLU O 168 11.17 -35.48 -11.77
N GLU O 169 12.14 -35.78 -10.89
CA GLU O 169 11.88 -36.73 -9.81
C GLU O 169 10.79 -36.21 -8.87
N ARG O 170 10.85 -34.93 -8.51
CA ARG O 170 9.81 -34.37 -7.65
C ARG O 170 8.45 -34.33 -8.33
N LEU O 171 8.41 -33.95 -9.61
CA LEU O 171 7.13 -33.88 -10.30
C LEU O 171 6.45 -35.25 -10.32
N LYS O 172 7.25 -36.30 -10.54
CA LYS O 172 6.69 -37.65 -10.54
C LYS O 172 6.21 -38.04 -9.15
N ARG O 173 7.02 -37.74 -8.14
CA ARG O 173 6.69 -38.11 -6.76
C ARG O 173 5.37 -37.49 -6.31
N GLU O 174 5.13 -36.23 -6.68
CA GLU O 174 3.92 -35.51 -6.30
C GLU O 174 2.83 -35.60 -7.35
N GLU O 175 3.08 -36.31 -8.45
CA GLU O 175 2.07 -36.62 -9.47
C GLU O 175 1.57 -35.36 -10.15
N ARG O 176 2.51 -34.53 -10.58
CA ARG O 176 2.21 -33.25 -11.21
C ARG O 176 2.81 -33.15 -12.60
N GLU O 177 3.19 -34.28 -13.19
CA GLU O 177 3.82 -34.30 -14.51
C GLU O 177 2.90 -33.71 -15.58
N SER O 178 1.63 -34.13 -15.60
CA SER O 178 0.76 -33.59 -16.64
C SER O 178 0.49 -32.11 -16.42
N VAL O 179 0.45 -31.67 -15.16
CA VAL O 179 0.33 -30.23 -14.88
C VAL O 179 1.53 -29.48 -15.47
N ALA O 180 2.73 -29.91 -15.11
CA ALA O 180 3.93 -29.25 -15.62
C ALA O 180 3.95 -29.25 -17.15
N LYS O 181 3.64 -30.39 -17.76
CA LYS O 181 3.66 -30.47 -19.23
C LYS O 181 2.73 -29.44 -19.85
N ALA O 182 1.55 -29.25 -19.28
CA ALA O 182 0.63 -28.26 -19.82
C ALA O 182 1.19 -26.85 -19.66
N CYS O 183 1.89 -26.59 -18.56
CA CYS O 183 2.48 -25.26 -18.37
C CYS O 183 3.59 -25.01 -19.39
N PHE O 184 4.45 -26.00 -19.61
CA PHE O 184 5.50 -25.86 -20.62
C PHE O 184 4.89 -25.70 -22.00
N GLN O 185 3.76 -26.36 -22.25
CA GLN O 185 3.10 -26.26 -23.55
CA GLN O 185 3.08 -26.26 -23.54
C GLN O 185 2.63 -24.84 -23.82
N PHE O 186 2.12 -24.14 -22.80
CA PHE O 186 1.63 -22.78 -22.98
C PHE O 186 2.76 -21.76 -22.97
N LEU O 187 3.93 -22.08 -22.40
CA LEU O 187 4.95 -21.07 -22.17
C LEU O 187 5.34 -20.29 -23.42
N PRO O 188 5.50 -20.88 -24.61
CA PRO O 188 5.83 -20.05 -25.78
C PRO O 188 4.76 -19.02 -26.10
N MET O 189 3.49 -19.35 -25.88
CA MET O 189 2.44 -18.37 -26.11
C MET O 189 2.40 -17.31 -25.02
N ARG O 190 2.76 -17.66 -23.78
CA ARG O 190 2.93 -16.63 -22.76
C ARG O 190 4.03 -15.66 -23.16
N ALA O 191 5.11 -16.19 -23.73
CA ALA O 191 6.17 -15.32 -24.24
C ALA O 191 5.67 -14.48 -25.42
N ASN O 192 4.93 -15.10 -26.34
CA ASN O 192 4.35 -14.32 -27.44
C ASN O 192 3.44 -13.22 -26.91
N LEU O 193 2.59 -13.54 -25.93
CA LEU O 193 1.73 -12.53 -25.33
C LEU O 193 2.55 -11.36 -24.79
N ASP O 194 3.71 -11.64 -24.22
CA ASP O 194 4.57 -10.56 -23.73
C ASP O 194 5.01 -9.67 -24.89
N LEU O 195 5.49 -10.28 -25.98
CA LEU O 195 5.98 -9.50 -27.12
C LEU O 195 4.87 -8.68 -27.74
N LEU O 196 3.64 -9.21 -27.74
CA LEU O 196 2.50 -8.57 -28.39
C LEU O 196 1.90 -7.43 -27.56
N GLY O 197 2.23 -7.33 -26.28
CA GLY O 197 1.79 -6.19 -25.49
C GLY O 197 1.06 -6.50 -24.19
N TRP O 198 1.09 -7.77 -23.74
CA TRP O 198 0.42 -8.17 -22.51
C TRP O 198 1.41 -8.58 -21.42
N SER O 199 2.64 -8.05 -21.46
CA SER O 199 3.64 -8.50 -20.49
C SER O 199 3.26 -8.18 -19.04
N GLU O 200 2.38 -7.22 -18.82
CA GLU O 200 1.98 -6.84 -17.47
C GLU O 200 0.64 -7.43 -17.05
N ILE O 201 0.07 -8.33 -17.87
CA ILE O 201 -1.28 -8.83 -17.68
C ILE O 201 -1.20 -10.33 -17.44
N ASP O 202 -1.73 -10.77 -16.31
CA ASP O 202 -2.01 -12.20 -16.11
C ASP O 202 -3.28 -12.49 -16.89
N ILE O 203 -3.14 -13.15 -18.05
CA ILE O 203 -4.27 -13.30 -18.96
C ILE O 203 -5.38 -14.18 -18.36
N PHE O 204 -5.07 -14.96 -17.33
CA PHE O 204 -6.07 -15.84 -16.73
C PHE O 204 -6.71 -15.25 -15.46
N ALA O 205 -6.30 -14.06 -15.04
CA ALA O 205 -6.84 -13.49 -13.81
C ALA O 205 -8.26 -13.00 -14.02
N HIS O 206 -9.06 -13.04 -12.96
CA HIS O 206 -10.40 -12.49 -13.03
C HIS O 206 -10.35 -10.98 -13.22
N SER O 207 -9.41 -10.31 -12.55
CA SER O 207 -9.25 -8.87 -12.71
C SER O 207 -7.79 -8.47 -12.71
#